data_5QXR
# 
_entry.id   5QXR 
# 
_audit_conform.dict_name       mmcif_pdbx.dic 
_audit_conform.dict_version    5.387 
_audit_conform.dict_location   http://mmcif.pdb.org/dictionaries/ascii/mmcif_pdbx.dic 
# 
loop_
_database_2.database_id 
_database_2.database_code 
_database_2.pdbx_database_accession 
_database_2.pdbx_DOI 
PDB   5QXR         pdb_00005qxr 10.2210/pdb5qxr/pdb 
WWPDB D_1001402452 ?            ?                   
# 
loop_
_pdbx_audit_revision_history.ordinal 
_pdbx_audit_revision_history.data_content_type 
_pdbx_audit_revision_history.major_revision 
_pdbx_audit_revision_history.minor_revision 
_pdbx_audit_revision_history.revision_date 
1 'Structure model' 1 0 2020-04-08 
2 'Structure model' 1 1 2024-03-06 
# 
_pdbx_audit_revision_details.ordinal             1 
_pdbx_audit_revision_details.revision_ordinal    1 
_pdbx_audit_revision_details.data_content_type   'Structure model' 
_pdbx_audit_revision_details.provider            repository 
_pdbx_audit_revision_details.type                'Initial release' 
_pdbx_audit_revision_details.description         ? 
_pdbx_audit_revision_details.details             ? 
# 
loop_
_pdbx_audit_revision_group.ordinal 
_pdbx_audit_revision_group.revision_ordinal 
_pdbx_audit_revision_group.data_content_type 
_pdbx_audit_revision_group.group 
1 2 'Structure model' 'Data collection'     
2 2 'Structure model' 'Database references' 
# 
loop_
_pdbx_audit_revision_category.ordinal 
_pdbx_audit_revision_category.revision_ordinal 
_pdbx_audit_revision_category.data_content_type 
_pdbx_audit_revision_category.category 
1 2 'Structure model' chem_comp_atom 
2 2 'Structure model' chem_comp_bond 
3 2 'Structure model' database_2     
# 
loop_
_pdbx_audit_revision_item.ordinal 
_pdbx_audit_revision_item.revision_ordinal 
_pdbx_audit_revision_item.data_content_type 
_pdbx_audit_revision_item.item 
1 2 'Structure model' '_database_2.pdbx_DOI'                
2 2 'Structure model' '_database_2.pdbx_database_accession' 
# 
_pdbx_database_status.entry_id                        5QXR 
_pdbx_database_status.status_code                     REL 
_pdbx_database_status.status_code_sf                  REL 
_pdbx_database_status.status_code_mr                  ? 
_pdbx_database_status.status_code_cs                  ? 
_pdbx_database_status.recvd_initial_deposition_date   2020-02-11 
_pdbx_database_status.deposit_site                    RCSB 
_pdbx_database_status.process_site                    RCSB 
_pdbx_database_status.SG_entry                        ? 
_pdbx_database_status.pdb_format_compatible           Y 
_pdbx_database_status.methods_development_category    ? 
_pdbx_database_status.status_code_nmr_data            ? 
# 
loop_
_audit_author.name 
_audit_author.pdbx_ordinal 
'Snee, M.'         1 
'Talon, R.'        2 
'Fowley, D.'       3 
'Collins, P.'      4 
'Nelson, A.'       5 
'Arrowsmith, C.H.' 6 
'Bountra, C.'      7 
'Edwards, A.'      8 
'Von-Delft, F.'    9 
# 
_citation.id                        primary 
_citation.title                     'PanDDA analysis group deposition - Bromodomain of human ATAD2 fragment screening' 
_citation.journal_abbrev            'To Be Published' 
_citation.journal_volume            ? 
_citation.page_first                ? 
_citation.page_last                 ? 
_citation.year                      ? 
_citation.journal_id_ASTM           ? 
_citation.country                   ? 
_citation.journal_id_ISSN           ? 
_citation.journal_id_CSD            0353 
_citation.book_publisher            ? 
_citation.pdbx_database_id_PubMed   ? 
_citation.pdbx_database_id_DOI      ? 
# 
loop_
_citation_author.citation_id 
_citation_author.name 
_citation_author.identifier_ORCID 
_citation_author.ordinal 
primary 'Snee, M.'         ? 1 
primary 'Talon, R.'        ? 2 
primary 'Fowley, D.'       ? 3 
primary 'Collins, P.'      ? 4 
primary 'Nelson, A.'       ? 5 
primary 'Arrowsmith, C.H.' ? 6 
primary 'Bountra, C.'      ? 7 
primary 'Edwards, A.'      ? 8 
primary 'Von-Delft, F.'    ? 9 
# 
loop_
_entity.id 
_entity.type 
_entity.src_method 
_entity.pdbx_description 
_entity.formula_weight 
_entity.pdbx_number_of_molecules 
_entity.pdbx_ec 
_entity.pdbx_mutation 
_entity.pdbx_fragment 
_entity.details 
1 polymer     man 'ATPase family AAA domain-containing protein 2' 15512.562 1   3.6.1.3 ? ? ? 
2 non-polymer syn 
"1-[(4aS,7aS,9S)-3,4,7,7a,8,9-hexahydro-4a,9-epoxypyrrolo[3',4':4,5]cyclohepta[1,2-d]imidazol-6(5H)-yl]ethan-1-one" 233.266   1   
?       ? ? ? 
3 non-polymer syn 'SULFATE ION' 96.063    2   ?       ? ? ? 
4 non-polymer syn 1,2-ETHANEDIOL 62.068    3   ?       ? ? ? 
5 water       nat water 18.015    224 ?       ? ? ? 
# 
_entity_name_com.entity_id   1 
_entity_name_com.name        'AAA nuclear coregulator cancer-associated protein,ANCCA' 
# 
_entity_poly.entity_id                      1 
_entity_poly.type                           'polypeptide(L)' 
_entity_poly.nstd_linkage                   no 
_entity_poly.nstd_monomer                   no 
_entity_poly.pdbx_seq_one_letter_code       
;SMQEEDTFRELRIFLRNVTHRLAIDKRFRVFTKPVDPDEVPDYRTVIKEPMDLSSVISKIDLHKYLTVKDYLRDIDLICS
NALEYNPDRDPGDRLIRHRACALRDTAYAIIKEELDEDFEQLCEEIQESR
;
_entity_poly.pdbx_seq_one_letter_code_can   
;SMQEEDTFRELRIFLRNVTHRLAIDKRFRVFTKPVDPDEVPDYRTVIKEPMDLSSVISKIDLHKYLTVKDYLRDIDLICS
NALEYNPDRDPGDRLIRHRACALRDTAYAIIKEELDEDFEQLCEEIQESR
;
_entity_poly.pdbx_strand_id                 A 
_entity_poly.pdbx_target_identifier         ? 
# 
loop_
_pdbx_entity_nonpoly.entity_id 
_pdbx_entity_nonpoly.name 
_pdbx_entity_nonpoly.comp_id 
2 "1-[(4aS,7aS,9S)-3,4,7,7a,8,9-hexahydro-4a,9-epoxypyrrolo[3',4':4,5]cyclohepta[1,2-d]imidazol-6(5H)-yl]ethan-1-one" RHY 
3 'SULFATE ION'                                                                                                       SO4 
4 1,2-ETHANEDIOL                                                                                                      EDO 
5 water                                                                                                               HOH 
# 
loop_
_entity_poly_seq.entity_id 
_entity_poly_seq.num 
_entity_poly_seq.mon_id 
_entity_poly_seq.hetero 
1 1   SER n 
1 2   MET n 
1 3   GLN n 
1 4   GLU n 
1 5   GLU n 
1 6   ASP n 
1 7   THR n 
1 8   PHE n 
1 9   ARG n 
1 10  GLU n 
1 11  LEU n 
1 12  ARG n 
1 13  ILE n 
1 14  PHE n 
1 15  LEU n 
1 16  ARG n 
1 17  ASN n 
1 18  VAL n 
1 19  THR n 
1 20  HIS n 
1 21  ARG n 
1 22  LEU n 
1 23  ALA n 
1 24  ILE n 
1 25  ASP n 
1 26  LYS n 
1 27  ARG n 
1 28  PHE n 
1 29  ARG n 
1 30  VAL n 
1 31  PHE n 
1 32  THR n 
1 33  LYS n 
1 34  PRO n 
1 35  VAL n 
1 36  ASP n 
1 37  PRO n 
1 38  ASP n 
1 39  GLU n 
1 40  VAL n 
1 41  PRO n 
1 42  ASP n 
1 43  TYR n 
1 44  ARG n 
1 45  THR n 
1 46  VAL n 
1 47  ILE n 
1 48  LYS n 
1 49  GLU n 
1 50  PRO n 
1 51  MET n 
1 52  ASP n 
1 53  LEU n 
1 54  SER n 
1 55  SER n 
1 56  VAL n 
1 57  ILE n 
1 58  SER n 
1 59  LYS n 
1 60  ILE n 
1 61  ASP n 
1 62  LEU n 
1 63  HIS n 
1 64  LYS n 
1 65  TYR n 
1 66  LEU n 
1 67  THR n 
1 68  VAL n 
1 69  LYS n 
1 70  ASP n 
1 71  TYR n 
1 72  LEU n 
1 73  ARG n 
1 74  ASP n 
1 75  ILE n 
1 76  ASP n 
1 77  LEU n 
1 78  ILE n 
1 79  CYS n 
1 80  SER n 
1 81  ASN n 
1 82  ALA n 
1 83  LEU n 
1 84  GLU n 
1 85  TYR n 
1 86  ASN n 
1 87  PRO n 
1 88  ASP n 
1 89  ARG n 
1 90  ASP n 
1 91  PRO n 
1 92  GLY n 
1 93  ASP n 
1 94  ARG n 
1 95  LEU n 
1 96  ILE n 
1 97  ARG n 
1 98  HIS n 
1 99  ARG n 
1 100 ALA n 
1 101 CYS n 
1 102 ALA n 
1 103 LEU n 
1 104 ARG n 
1 105 ASP n 
1 106 THR n 
1 107 ALA n 
1 108 TYR n 
1 109 ALA n 
1 110 ILE n 
1 111 ILE n 
1 112 LYS n 
1 113 GLU n 
1 114 GLU n 
1 115 LEU n 
1 116 ASP n 
1 117 GLU n 
1 118 ASP n 
1 119 PHE n 
1 120 GLU n 
1 121 GLN n 
1 122 LEU n 
1 123 CYS n 
1 124 GLU n 
1 125 GLU n 
1 126 ILE n 
1 127 GLN n 
1 128 GLU n 
1 129 SER n 
1 130 ARG n 
# 
_entity_src_gen.entity_id                          1 
_entity_src_gen.pdbx_src_id                        1 
_entity_src_gen.pdbx_alt_source_flag               sample 
_entity_src_gen.pdbx_seq_type                      'Biological sequence' 
_entity_src_gen.pdbx_beg_seq_num                   1 
_entity_src_gen.pdbx_end_seq_num                   130 
_entity_src_gen.gene_src_common_name               Human 
_entity_src_gen.gene_src_genus                     ? 
_entity_src_gen.pdbx_gene_src_gene                 'ATAD2, L16, PRO2000' 
_entity_src_gen.gene_src_species                   ? 
_entity_src_gen.gene_src_strain                    ? 
_entity_src_gen.gene_src_tissue                    ? 
_entity_src_gen.gene_src_tissue_fraction           ? 
_entity_src_gen.gene_src_details                   ? 
_entity_src_gen.pdbx_gene_src_fragment             ? 
_entity_src_gen.pdbx_gene_src_scientific_name      'Homo sapiens' 
_entity_src_gen.pdbx_gene_src_ncbi_taxonomy_id     9606 
_entity_src_gen.pdbx_gene_src_variant              ? 
_entity_src_gen.pdbx_gene_src_cell_line            ? 
_entity_src_gen.pdbx_gene_src_atcc                 ? 
_entity_src_gen.pdbx_gene_src_organ                ? 
_entity_src_gen.pdbx_gene_src_organelle            ? 
_entity_src_gen.pdbx_gene_src_cell                 ? 
_entity_src_gen.pdbx_gene_src_cellular_location    ? 
_entity_src_gen.host_org_common_name               ? 
_entity_src_gen.pdbx_host_org_scientific_name      'Escherichia coli' 
_entity_src_gen.pdbx_host_org_ncbi_taxonomy_id     562 
_entity_src_gen.host_org_genus                     ? 
_entity_src_gen.pdbx_host_org_gene                 ? 
_entity_src_gen.pdbx_host_org_organ                ? 
_entity_src_gen.host_org_species                   ? 
_entity_src_gen.pdbx_host_org_tissue               ? 
_entity_src_gen.pdbx_host_org_tissue_fraction      ? 
_entity_src_gen.pdbx_host_org_strain               ? 
_entity_src_gen.pdbx_host_org_variant              ? 
_entity_src_gen.pdbx_host_org_cell_line            ? 
_entity_src_gen.pdbx_host_org_atcc                 ? 
_entity_src_gen.pdbx_host_org_culture_collection   ? 
_entity_src_gen.pdbx_host_org_cell                 ? 
_entity_src_gen.pdbx_host_org_organelle            ? 
_entity_src_gen.pdbx_host_org_cellular_location    ? 
_entity_src_gen.pdbx_host_org_vector_type          ? 
_entity_src_gen.pdbx_host_org_vector               ? 
_entity_src_gen.host_org_details                   ? 
_entity_src_gen.expression_system_id               ? 
_entity_src_gen.plasmid_name                       ? 
_entity_src_gen.plasmid_details                    ? 
_entity_src_gen.pdbx_description                   ? 
# 
loop_
_chem_comp.id 
_chem_comp.type 
_chem_comp.mon_nstd_flag 
_chem_comp.name 
_chem_comp.pdbx_synonyms 
_chem_comp.formula 
_chem_comp.formula_weight 
ALA 'L-peptide linking' y ALANINE ?                 'C3 H7 N O2'     89.093  
ARG 'L-peptide linking' y ARGININE ?                 'C6 H15 N4 O2 1' 175.209 
ASN 'L-peptide linking' y ASPARAGINE ?                 'C4 H8 N2 O3'    132.118 
ASP 'L-peptide linking' y 'ASPARTIC ACID' ?                 'C4 H7 N O4'     133.103 
CYS 'L-peptide linking' y CYSTEINE ?                 'C3 H7 N O2 S'   121.158 
EDO non-polymer         . 1,2-ETHANEDIOL 'ETHYLENE GLYCOL' 'C2 H6 O2'       62.068  
GLN 'L-peptide linking' y GLUTAMINE ?                 'C5 H10 N2 O3'   146.144 
GLU 'L-peptide linking' y 'GLUTAMIC ACID' ?                 'C5 H9 N O4'     147.129 
GLY 'peptide linking'   y GLYCINE ?                 'C2 H5 N O2'     75.067  
HIS 'L-peptide linking' y HISTIDINE ?                 'C6 H10 N3 O2 1' 156.162 
HOH non-polymer         . WATER ?                 'H2 O'           18.015  
ILE 'L-peptide linking' y ISOLEUCINE ?                 'C6 H13 N O2'    131.173 
LEU 'L-peptide linking' y LEUCINE ?                 'C6 H13 N O2'    131.173 
LYS 'L-peptide linking' y LYSINE ?                 'C6 H15 N2 O2 1' 147.195 
MET 'L-peptide linking' y METHIONINE ?                 'C5 H11 N O2 S'  149.211 
PHE 'L-peptide linking' y PHENYLALANINE ?                 'C9 H11 N O2'    165.189 
PRO 'L-peptide linking' y PROLINE ?                 'C5 H9 N O2'     115.130 
RHY non-polymer         . 
"1-[(4aS,7aS,9S)-3,4,7,7a,8,9-hexahydro-4a,9-epoxypyrrolo[3',4':4,5]cyclohepta[1,2-d]imidazol-6(5H)-yl]ethan-1-one" ? 
'C12 H15 N3 O2'  233.266 
SER 'L-peptide linking' y SERINE ?                 'C3 H7 N O3'     105.093 
SO4 non-polymer         . 'SULFATE ION' ?                 'O4 S -2'        96.063  
THR 'L-peptide linking' y THREONINE ?                 'C4 H9 N O3'     119.119 
TYR 'L-peptide linking' y TYROSINE ?                 'C9 H11 N O3'    181.189 
VAL 'L-peptide linking' y VALINE ?                 'C5 H11 N O2'    117.146 
# 
loop_
_pdbx_poly_seq_scheme.asym_id 
_pdbx_poly_seq_scheme.entity_id 
_pdbx_poly_seq_scheme.seq_id 
_pdbx_poly_seq_scheme.mon_id 
_pdbx_poly_seq_scheme.ndb_seq_num 
_pdbx_poly_seq_scheme.pdb_seq_num 
_pdbx_poly_seq_scheme.auth_seq_num 
_pdbx_poly_seq_scheme.pdb_mon_id 
_pdbx_poly_seq_scheme.auth_mon_id 
_pdbx_poly_seq_scheme.pdb_strand_id 
_pdbx_poly_seq_scheme.pdb_ins_code 
_pdbx_poly_seq_scheme.hetero 
A 1 1   SER 1   979  979  SER SER A . n 
A 1 2   MET 2   980  980  MET MET A . n 
A 1 3   GLN 3   981  981  GLN GLN A . n 
A 1 4   GLU 4   982  982  GLU GLU A . n 
A 1 5   GLU 5   983  983  GLU GLU A . n 
A 1 6   ASP 6   984  984  ASP ASP A . n 
A 1 7   THR 7   985  985  THR THR A . n 
A 1 8   PHE 8   986  986  PHE PHE A . n 
A 1 9   ARG 9   987  987  ARG ARG A . n 
A 1 10  GLU 10  988  988  GLU GLU A . n 
A 1 11  LEU 11  989  989  LEU LEU A . n 
A 1 12  ARG 12  990  990  ARG ARG A . n 
A 1 13  ILE 13  991  991  ILE ILE A . n 
A 1 14  PHE 14  992  992  PHE PHE A . n 
A 1 15  LEU 15  993  993  LEU LEU A . n 
A 1 16  ARG 16  994  994  ARG ARG A . n 
A 1 17  ASN 17  995  995  ASN ASN A . n 
A 1 18  VAL 18  996  996  VAL VAL A . n 
A 1 19  THR 19  997  997  THR THR A . n 
A 1 20  HIS 20  998  998  HIS HIS A . n 
A 1 21  ARG 21  999  999  ARG ARG A . n 
A 1 22  LEU 22  1000 1000 LEU LEU A . n 
A 1 23  ALA 23  1001 1001 ALA ALA A . n 
A 1 24  ILE 24  1002 1002 ILE ILE A . n 
A 1 25  ASP 25  1003 1003 ASP ASP A . n 
A 1 26  LYS 26  1004 1004 LYS LYS A . n 
A 1 27  ARG 27  1005 1005 ARG ARG A . n 
A 1 28  PHE 28  1006 1006 PHE PHE A . n 
A 1 29  ARG 29  1007 1007 ARG ARG A . n 
A 1 30  VAL 30  1008 1008 VAL VAL A . n 
A 1 31  PHE 31  1009 1009 PHE PHE A . n 
A 1 32  THR 32  1010 1010 THR THR A . n 
A 1 33  LYS 33  1011 1011 LYS LYS A . n 
A 1 34  PRO 34  1012 1012 PRO PRO A . n 
A 1 35  VAL 35  1013 1013 VAL VAL A . n 
A 1 36  ASP 36  1014 1014 ASP ASP A . n 
A 1 37  PRO 37  1015 1015 PRO PRO A . n 
A 1 38  ASP 38  1016 1016 ASP ASP A . n 
A 1 39  GLU 39  1017 1017 GLU GLU A . n 
A 1 40  VAL 40  1018 1018 VAL VAL A . n 
A 1 41  PRO 41  1019 1019 PRO PRO A . n 
A 1 42  ASP 42  1020 1020 ASP ASP A . n 
A 1 43  TYR 43  1021 1021 TYR TYR A . n 
A 1 44  ARG 44  1022 1022 ARG ARG A . n 
A 1 45  THR 45  1023 1023 THR THR A . n 
A 1 46  VAL 46  1024 1024 VAL VAL A . n 
A 1 47  ILE 47  1025 1025 ILE ILE A . n 
A 1 48  LYS 48  1026 1026 LYS LYS A . n 
A 1 49  GLU 49  1027 1027 GLU GLU A . n 
A 1 50  PRO 50  1028 1028 PRO PRO A . n 
A 1 51  MET 51  1029 1029 MET MET A . n 
A 1 52  ASP 52  1030 1030 ASP ASP A . n 
A 1 53  LEU 53  1031 1031 LEU LEU A . n 
A 1 54  SER 54  1032 1032 SER SER A . n 
A 1 55  SER 55  1033 1033 SER SER A . n 
A 1 56  VAL 56  1034 1034 VAL VAL A . n 
A 1 57  ILE 57  1035 1035 ILE ILE A . n 
A 1 58  SER 58  1036 1036 SER SER A . n 
A 1 59  LYS 59  1037 1037 LYS LYS A . n 
A 1 60  ILE 60  1038 1038 ILE ILE A . n 
A 1 61  ASP 61  1039 1039 ASP ASP A . n 
A 1 62  LEU 62  1040 1040 LEU LEU A . n 
A 1 63  HIS 63  1041 1041 HIS HIS A . n 
A 1 64  LYS 64  1042 1042 LYS LYS A . n 
A 1 65  TYR 65  1043 1043 TYR TYR A . n 
A 1 66  LEU 66  1044 1044 LEU LEU A . n 
A 1 67  THR 67  1045 1045 THR THR A . n 
A 1 68  VAL 68  1046 1046 VAL VAL A . n 
A 1 69  LYS 69  1047 1047 LYS LYS A . n 
A 1 70  ASP 70  1048 1048 ASP ASP A . n 
A 1 71  TYR 71  1049 1049 TYR TYR A . n 
A 1 72  LEU 72  1050 1050 LEU LEU A . n 
A 1 73  ARG 73  1051 1051 ARG ARG A . n 
A 1 74  ASP 74  1052 1052 ASP ASP A . n 
A 1 75  ILE 75  1053 1053 ILE ILE A . n 
A 1 76  ASP 76  1054 1054 ASP ASP A . n 
A 1 77  LEU 77  1055 1055 LEU LEU A . n 
A 1 78  ILE 78  1056 1056 ILE ILE A . n 
A 1 79  CYS 79  1057 1057 CYS CYS A . n 
A 1 80  SER 80  1058 1058 SER SER A . n 
A 1 81  ASN 81  1059 1059 ASN ASN A . n 
A 1 82  ALA 82  1060 1060 ALA ALA A . n 
A 1 83  LEU 83  1061 1061 LEU LEU A . n 
A 1 84  GLU 84  1062 1062 GLU GLU A . n 
A 1 85  TYR 85  1063 1063 TYR TYR A . n 
A 1 86  ASN 86  1064 1064 ASN ASN A . n 
A 1 87  PRO 87  1065 1065 PRO PRO A . n 
A 1 88  ASP 88  1066 1066 ASP ASP A . n 
A 1 89  ARG 89  1067 1067 ARG ARG A . n 
A 1 90  ASP 90  1068 1068 ASP ASP A . n 
A 1 91  PRO 91  1069 1069 PRO PRO A . n 
A 1 92  GLY 92  1070 1070 GLY GLY A . n 
A 1 93  ASP 93  1071 1071 ASP ASP A . n 
A 1 94  ARG 94  1072 1072 ARG ARG A . n 
A 1 95  LEU 95  1073 1073 LEU LEU A . n 
A 1 96  ILE 96  1074 1074 ILE ILE A . n 
A 1 97  ARG 97  1075 1075 ARG ARG A . n 
A 1 98  HIS 98  1076 1076 HIS HIS A . n 
A 1 99  ARG 99  1077 1077 ARG ARG A . n 
A 1 100 ALA 100 1078 1078 ALA ALA A . n 
A 1 101 CYS 101 1079 1079 CYS CYS A . n 
A 1 102 ALA 102 1080 1080 ALA ALA A . n 
A 1 103 LEU 103 1081 1081 LEU LEU A . n 
A 1 104 ARG 104 1082 1082 ARG ARG A . n 
A 1 105 ASP 105 1083 1083 ASP ASP A . n 
A 1 106 THR 106 1084 1084 THR THR A . n 
A 1 107 ALA 107 1085 1085 ALA ALA A . n 
A 1 108 TYR 108 1086 1086 TYR TYR A . n 
A 1 109 ALA 109 1087 1087 ALA ALA A . n 
A 1 110 ILE 110 1088 1088 ILE ILE A . n 
A 1 111 ILE 111 1089 1089 ILE ILE A . n 
A 1 112 LYS 112 1090 1090 LYS LYS A . n 
A 1 113 GLU 113 1091 1091 GLU GLU A . n 
A 1 114 GLU 114 1092 1092 GLU GLU A . n 
A 1 115 LEU 115 1093 1093 LEU LEU A . n 
A 1 116 ASP 116 1094 1094 ASP ASP A . n 
A 1 117 GLU 117 1095 1095 GLU GLU A . n 
A 1 118 ASP 118 1096 1096 ASP ASP A . n 
A 1 119 PHE 119 1097 1097 PHE PHE A . n 
A 1 120 GLU 120 1098 1098 GLU GLU A . n 
A 1 121 GLN 121 1099 1099 GLN GLN A . n 
A 1 122 LEU 122 1100 1100 LEU LEU A . n 
A 1 123 CYS 123 1101 1101 CYS CYS A . n 
A 1 124 GLU 124 1102 1102 GLU GLU A . n 
A 1 125 GLU 125 1103 1103 GLU GLU A . n 
A 1 126 ILE 126 1104 1104 ILE ILE A . n 
A 1 127 GLN 127 1105 1105 GLN GLN A . n 
A 1 128 GLU 128 1106 1106 GLU GLU A . n 
A 1 129 SER 129 1107 1107 SER SER A . n 
A 1 130 ARG 130 1108 1108 ARG ARG A . n 
# 
loop_
_pdbx_nonpoly_scheme.asym_id 
_pdbx_nonpoly_scheme.entity_id 
_pdbx_nonpoly_scheme.mon_id 
_pdbx_nonpoly_scheme.ndb_seq_num 
_pdbx_nonpoly_scheme.pdb_seq_num 
_pdbx_nonpoly_scheme.auth_seq_num 
_pdbx_nonpoly_scheme.pdb_mon_id 
_pdbx_nonpoly_scheme.auth_mon_id 
_pdbx_nonpoly_scheme.pdb_strand_id 
_pdbx_nonpoly_scheme.pdb_ins_code 
B 2 RHY 1   1201 1201 RHY LIG A . 
C 3 SO4 1   1202 1    SO4 SO4 A . 
D 3 SO4 1   1203 2    SO4 SO4 A . 
E 4 EDO 1   1204 3    EDO EDO A . 
F 4 EDO 1   1205 5    EDO EDO A . 
G 4 EDO 1   1206 6    EDO EDO A . 
H 5 HOH 1   1301 158  HOH HOH A . 
H 5 HOH 2   1302 256  HOH HOH A . 
H 5 HOH 3   1303 118  HOH HOH A . 
H 5 HOH 4   1304 128  HOH HOH A . 
H 5 HOH 5   1305 134  HOH HOH A . 
H 5 HOH 6   1306 79   HOH HOH A . 
H 5 HOH 7   1307 111  HOH HOH A . 
H 5 HOH 8   1308 171  HOH HOH A . 
H 5 HOH 9   1309 221  HOH HOH A . 
H 5 HOH 10  1310 161  HOH HOH A . 
H 5 HOH 11  1311 98   HOH HOH A . 
H 5 HOH 12  1312 129  HOH HOH A . 
H 5 HOH 13  1313 59   HOH HOH A . 
H 5 HOH 14  1314 261  HOH HOH A . 
H 5 HOH 15  1315 106  HOH HOH A . 
H 5 HOH 16  1316 144  HOH HOH A . 
H 5 HOH 17  1317 32   HOH HOH A . 
H 5 HOH 18  1318 258  HOH HOH A . 
H 5 HOH 19  1319 259  HOH HOH A . 
H 5 HOH 20  1320 68   HOH HOH A . 
H 5 HOH 21  1321 27   HOH HOH A . 
H 5 HOH 22  1322 87   HOH HOH A . 
H 5 HOH 23  1323 184  HOH HOH A . 
H 5 HOH 24  1324 100  HOH HOH A . 
H 5 HOH 25  1325 162  HOH HOH A . 
H 5 HOH 26  1326 200  HOH HOH A . 
H 5 HOH 27  1327 201  HOH HOH A . 
H 5 HOH 28  1328 109  HOH HOH A . 
H 5 HOH 29  1329 23   HOH HOH A . 
H 5 HOH 30  1330 5    HOH HOH A . 
H 5 HOH 31  1331 191  HOH HOH A . 
H 5 HOH 32  1332 54   HOH HOH A . 
H 5 HOH 33  1333 9    HOH HOH A . 
H 5 HOH 34  1334 50   HOH HOH A . 
H 5 HOH 35  1335 17   HOH HOH A . 
H 5 HOH 36  1336 47   HOH HOH A . 
H 5 HOH 37  1337 34   HOH HOH A . 
H 5 HOH 38  1338 43   HOH HOH A . 
H 5 HOH 39  1339 88   HOH HOH A . 
H 5 HOH 40  1340 19   HOH HOH A . 
H 5 HOH 41  1341 165  HOH HOH A . 
H 5 HOH 42  1342 13   HOH HOH A . 
H 5 HOH 43  1343 61   HOH HOH A . 
H 5 HOH 44  1344 203  HOH HOH A . 
H 5 HOH 45  1345 25   HOH HOH A . 
H 5 HOH 46  1346 236  HOH HOH A . 
H 5 HOH 47  1347 141  HOH HOH A . 
H 5 HOH 48  1348 56   HOH HOH A . 
H 5 HOH 49  1349 194  HOH HOH A . 
H 5 HOH 50  1350 113  HOH HOH A . 
H 5 HOH 51  1351 189  HOH HOH A . 
H 5 HOH 52  1352 192  HOH HOH A . 
H 5 HOH 53  1353 75   HOH HOH A . 
H 5 HOH 54  1354 7    HOH HOH A . 
H 5 HOH 55  1355 33   HOH HOH A . 
H 5 HOH 56  1356 28   HOH HOH A . 
H 5 HOH 57  1357 55   HOH HOH A . 
H 5 HOH 58  1358 142  HOH HOH A . 
H 5 HOH 59  1359 16   HOH HOH A . 
H 5 HOH 60  1360 77   HOH HOH A . 
H 5 HOH 61  1361 104  HOH HOH A . 
H 5 HOH 62  1362 197  HOH HOH A . 
H 5 HOH 63  1363 177  HOH HOH A . 
H 5 HOH 64  1364 42   HOH HOH A . 
H 5 HOH 65  1365 20   HOH HOH A . 
H 5 HOH 66  1366 172  HOH HOH A . 
H 5 HOH 67  1367 131  HOH HOH A . 
H 5 HOH 68  1368 1    HOH HOH A . 
H 5 HOH 69  1369 29   HOH HOH A . 
H 5 HOH 70  1370 80   HOH HOH A . 
H 5 HOH 71  1371 163  HOH HOH A . 
H 5 HOH 72  1372 22   HOH HOH A . 
H 5 HOH 73  1373 2    HOH HOH A . 
H 5 HOH 74  1374 24   HOH HOH A . 
H 5 HOH 75  1375 21   HOH HOH A . 
H 5 HOH 76  1376 99   HOH HOH A . 
H 5 HOH 77  1377 206  HOH HOH A . 
H 5 HOH 78  1378 216  HOH HOH A . 
H 5 HOH 79  1379 70   HOH HOH A . 
H 5 HOH 80  1380 92   HOH HOH A . 
H 5 HOH 81  1381 58   HOH HOH A . 
H 5 HOH 82  1382 160  HOH HOH A . 
H 5 HOH 83  1383 31   HOH HOH A . 
H 5 HOH 84  1384 46   HOH HOH A . 
H 5 HOH 85  1385 67   HOH HOH A . 
H 5 HOH 86  1386 48   HOH HOH A . 
H 5 HOH 87  1387 139  HOH HOH A . 
H 5 HOH 88  1388 187  HOH HOH A . 
H 5 HOH 89  1389 76   HOH HOH A . 
H 5 HOH 90  1390 85   HOH HOH A . 
H 5 HOH 91  1391 15   HOH HOH A . 
H 5 HOH 92  1392 14   HOH HOH A . 
H 5 HOH 93  1393 30   HOH HOH A . 
H 5 HOH 94  1394 82   HOH HOH A . 
H 5 HOH 95  1395 107  HOH HOH A . 
H 5 HOH 96  1396 95   HOH HOH A . 
H 5 HOH 97  1397 73   HOH HOH A . 
H 5 HOH 98  1398 94   HOH HOH A . 
H 5 HOH 99  1399 64   HOH HOH A . 
H 5 HOH 100 1400 190  HOH HOH A . 
H 5 HOH 101 1401 86   HOH HOH A . 
H 5 HOH 102 1402 49   HOH HOH A . 
H 5 HOH 103 1403 45   HOH HOH A . 
H 5 HOH 104 1404 132  HOH HOH A . 
H 5 HOH 105 1405 83   HOH HOH A . 
H 5 HOH 106 1406 40   HOH HOH A . 
H 5 HOH 107 1407 120  HOH HOH A . 
H 5 HOH 108 1408 6    HOH HOH A . 
H 5 HOH 109 1409 102  HOH HOH A . 
H 5 HOH 110 1410 3    HOH HOH A . 
H 5 HOH 111 1411 257  HOH HOH A . 
H 5 HOH 112 1412 155  HOH HOH A . 
H 5 HOH 113 1413 154  HOH HOH A . 
H 5 HOH 114 1414 36   HOH HOH A . 
H 5 HOH 115 1415 12   HOH HOH A . 
H 5 HOH 116 1416 4    HOH HOH A . 
H 5 HOH 117 1417 90   HOH HOH A . 
H 5 HOH 118 1418 89   HOH HOH A . 
H 5 HOH 119 1419 105  HOH HOH A . 
H 5 HOH 120 1420 18   HOH HOH A . 
H 5 HOH 121 1421 72   HOH HOH A . 
H 5 HOH 122 1422 130  HOH HOH A . 
H 5 HOH 123 1423 176  HOH HOH A . 
H 5 HOH 124 1424 97   HOH HOH A . 
H 5 HOH 125 1425 101  HOH HOH A . 
H 5 HOH 126 1426 196  HOH HOH A . 
H 5 HOH 127 1427 209  HOH HOH A . 
H 5 HOH 128 1428 234  HOH HOH A . 
H 5 HOH 129 1429 116  HOH HOH A . 
H 5 HOH 130 1430 247  HOH HOH A . 
H 5 HOH 131 1431 147  HOH HOH A . 
H 5 HOH 132 1432 124  HOH HOH A . 
H 5 HOH 133 1433 62   HOH HOH A . 
H 5 HOH 134 1434 11   HOH HOH A . 
H 5 HOH 135 1435 10   HOH HOH A . 
H 5 HOH 136 1436 237  HOH HOH A . 
H 5 HOH 137 1437 260  HOH HOH A . 
H 5 HOH 138 1438 53   HOH HOH A . 
H 5 HOH 139 1439 78   HOH HOH A . 
H 5 HOH 140 1440 123  HOH HOH A . 
H 5 HOH 141 1441 39   HOH HOH A . 
H 5 HOH 142 1442 246  HOH HOH A . 
H 5 HOH 143 1443 26   HOH HOH A . 
H 5 HOH 144 1444 145  HOH HOH A . 
H 5 HOH 145 1445 207  HOH HOH A . 
H 5 HOH 146 1446 115  HOH HOH A . 
H 5 HOH 147 1447 230  HOH HOH A . 
H 5 HOH 148 1448 254  HOH HOH A . 
H 5 HOH 149 1449 243  HOH HOH A . 
H 5 HOH 150 1450 96   HOH HOH A . 
H 5 HOH 151 1451 57   HOH HOH A . 
H 5 HOH 152 1452 175  HOH HOH A . 
H 5 HOH 153 1453 122  HOH HOH A . 
H 5 HOH 154 1454 180  HOH HOH A . 
H 5 HOH 155 1455 38   HOH HOH A . 
H 5 HOH 156 1456 93   HOH HOH A . 
H 5 HOH 157 1457 178  HOH HOH A . 
H 5 HOH 158 1458 188  HOH HOH A . 
H 5 HOH 159 1459 215  HOH HOH A . 
H 5 HOH 160 1460 114  HOH HOH A . 
H 5 HOH 161 1461 240  HOH HOH A . 
H 5 HOH 162 1462 181  HOH HOH A . 
H 5 HOH 163 1463 179  HOH HOH A . 
H 5 HOH 164 1464 164  HOH HOH A . 
H 5 HOH 165 1465 41   HOH HOH A . 
H 5 HOH 166 1466 199  HOH HOH A . 
H 5 HOH 167 1467 69   HOH HOH A . 
H 5 HOH 168 1468 152  HOH HOH A . 
H 5 HOH 169 1469 81   HOH HOH A . 
H 5 HOH 170 1470 186  HOH HOH A . 
H 5 HOH 171 1471 167  HOH HOH A . 
H 5 HOH 172 1472 91   HOH HOH A . 
H 5 HOH 173 1473 135  HOH HOH A . 
H 5 HOH 174 1474 224  HOH HOH A . 
H 5 HOH 175 1475 60   HOH HOH A . 
H 5 HOH 176 1476 110  HOH HOH A . 
H 5 HOH 177 1477 217  HOH HOH A . 
H 5 HOH 178 1478 150  HOH HOH A . 
H 5 HOH 179 1479 225  HOH HOH A . 
H 5 HOH 180 1480 220  HOH HOH A . 
H 5 HOH 181 1481 159  HOH HOH A . 
H 5 HOH 182 1482 37   HOH HOH A . 
H 5 HOH 183 1483 205  HOH HOH A . 
H 5 HOH 184 1484 151  HOH HOH A . 
H 5 HOH 185 1485 244  HOH HOH A . 
H 5 HOH 186 1486 84   HOH HOH A . 
H 5 HOH 187 1487 103  HOH HOH A . 
H 5 HOH 188 1488 157  HOH HOH A . 
H 5 HOH 189 1489 112  HOH HOH A . 
H 5 HOH 190 1490 210  HOH HOH A . 
H 5 HOH 191 1491 250  HOH HOH A . 
H 5 HOH 192 1492 8    HOH HOH A . 
H 5 HOH 193 1493 66   HOH HOH A . 
H 5 HOH 194 1494 146  HOH HOH A . 
H 5 HOH 195 1495 174  HOH HOH A . 
H 5 HOH 196 1496 233  HOH HOH A . 
H 5 HOH 197 1497 119  HOH HOH A . 
H 5 HOH 198 1498 143  HOH HOH A . 
H 5 HOH 199 1499 44   HOH HOH A . 
H 5 HOH 200 1500 125  HOH HOH A . 
H 5 HOH 201 1501 74   HOH HOH A . 
H 5 HOH 202 1502 71   HOH HOH A . 
H 5 HOH 203 1503 127  HOH HOH A . 
H 5 HOH 204 1504 148  HOH HOH A . 
H 5 HOH 205 1505 245  HOH HOH A . 
H 5 HOH 206 1506 117  HOH HOH A . 
H 5 HOH 207 1507 251  HOH HOH A . 
H 5 HOH 208 1508 149  HOH HOH A . 
H 5 HOH 209 1509 137  HOH HOH A . 
H 5 HOH 210 1510 35   HOH HOH A . 
H 5 HOH 211 1511 211  HOH HOH A . 
H 5 HOH 212 1512 185  HOH HOH A . 
H 5 HOH 213 1513 63   HOH HOH A . 
H 5 HOH 214 1514 168  HOH HOH A . 
H 5 HOH 215 1515 183  HOH HOH A . 
H 5 HOH 216 1516 255  HOH HOH A . 
H 5 HOH 217 1517 202  HOH HOH A . 
H 5 HOH 218 1518 249  HOH HOH A . 
H 5 HOH 219 1519 219  HOH HOH A . 
H 5 HOH 220 1520 213  HOH HOH A . 
H 5 HOH 221 1521 121  HOH HOH A . 
H 5 HOH 222 1522 136  HOH HOH A . 
H 5 HOH 223 1523 214  HOH HOH A . 
H 5 HOH 224 1524 204  HOH HOH A . 
# 
loop_
_pdbx_unobs_or_zero_occ_atoms.id 
_pdbx_unobs_or_zero_occ_atoms.PDB_model_num 
_pdbx_unobs_or_zero_occ_atoms.polymer_flag 
_pdbx_unobs_or_zero_occ_atoms.occupancy_flag 
_pdbx_unobs_or_zero_occ_atoms.auth_asym_id 
_pdbx_unobs_or_zero_occ_atoms.auth_comp_id 
_pdbx_unobs_or_zero_occ_atoms.auth_seq_id 
_pdbx_unobs_or_zero_occ_atoms.PDB_ins_code 
_pdbx_unobs_or_zero_occ_atoms.auth_atom_id 
_pdbx_unobs_or_zero_occ_atoms.label_alt_id 
_pdbx_unobs_or_zero_occ_atoms.label_asym_id 
_pdbx_unobs_or_zero_occ_atoms.label_comp_id 
_pdbx_unobs_or_zero_occ_atoms.label_seq_id 
_pdbx_unobs_or_zero_occ_atoms.label_atom_id 
1 1 Y 1 A LYS 1004 ? CG ? A LYS 26 CG 
2 1 Y 1 A LYS 1004 ? CD ? A LYS 26 CD 
3 1 Y 1 A LYS 1004 ? CE ? A LYS 26 CE 
4 1 Y 1 A LYS 1004 ? NZ ? A LYS 26 NZ 
# 
loop_
_software.pdbx_ordinal 
_software.name 
_software.version 
_software.date 
_software.type 
_software.contact_author 
_software.contact_author_email 
_software.classification 
_software.location 
_software.language 
_software.citation_id 
1 REFMAC      5.8.0238 ?               program 'Garib N. Murshudov' garib@ysbl.york.ac.uk    refinement        
http://www.ccp4.ac.uk/dist/html/refmac5.html        Fortran_77 ? 
2 Aimless     0.5.23   02/02/16        program 'Phil Evans'         ?                        'data scaling'    
http://www.mrc-lmb.cam.ac.uk/harry/pre/aimless.html ?          ? 
3 PDB_EXTRACT 3.23     'SEP. 23, 2016' package PDB                  deposit@deposit.rcsb.org 'data extraction' 
http://sw-tools.pdb.org/apps/PDB_EXTRACT/           C++        ? 
4 XDS         .        ?               program ?                    ?                        'data reduction'  ? ?          ? 
5 REFMAC      .        ?               program ?                    ?                        phasing           ? ?          ? 
# 
_cell.entry_id           5QXR 
_cell.length_a           80.810 
_cell.length_b           80.810 
_cell.length_c           140.090 
_cell.angle_alpha        90.000 
_cell.angle_beta         90.000 
_cell.angle_gamma        120.000 
_cell.Z_PDB              12 
_cell.pdbx_unique_axis   ? 
# 
_symmetry.entry_id                         5QXR 
_symmetry.Int_Tables_number                179 
_symmetry.space_group_name_H-M             'P 65 2 2' 
_symmetry.pdbx_full_space_group_name_H-M   ? 
_symmetry.cell_setting                     ? 
# 
_exptl.crystals_number   1 
_exptl.entry_id          5QXR 
_exptl.method            'X-RAY DIFFRACTION' 
# 
_exptl_crystal.id                    1 
_exptl_crystal.pdbx_mosaicity        0.000 
_exptl_crystal.pdbx_mosaicity_esd    ? 
_exptl_crystal.density_Matthews      4.2 
_exptl_crystal.density_diffrn        ? 
_exptl_crystal.density_meas          ? 
_exptl_crystal.density_meas_temp     ? 
_exptl_crystal.density_percent_sol   70.7 
_exptl_crystal.size_max              ? 
_exptl_crystal.size_mid              ? 
_exptl_crystal.size_min              ? 
_exptl_crystal.size_rad              ? 
_exptl_crystal.description           ? 
# 
_exptl_crystal_grow.crystal_id      1 
_exptl_crystal_grow.method          'VAPOR DIFFUSION, SITTING DROP' 
_exptl_crystal_grow.pH              5.5 
_exptl_crystal_grow.temp            277 
_exptl_crystal_grow.pdbx_details    '1.6M Ammonium Sulfate, 0.1M bis-tris pH 5.5' 
_exptl_crystal_grow.temp_details    ? 
_exptl_crystal_grow.pdbx_pH_range   ? 
# 
_diffrn.id                     1 
_diffrn.ambient_temp           100 
_diffrn.crystal_id             1 
_diffrn.ambient_temp_details   ? 
# 
_diffrn_detector.detector               PIXEL 
_diffrn_detector.type                   'DECTRIS PILATUS 6M' 
_diffrn_detector.pdbx_collection_date   2016-04-23 
_diffrn_detector.diffrn_id              1 
_diffrn_detector.details                ? 
# 
_diffrn_radiation.diffrn_id                        1 
_diffrn_radiation.wavelength_id                    1 
_diffrn_radiation.pdbx_diffrn_protocol             'SINGLE WAVELENGTH' 
_diffrn_radiation.pdbx_monochromatic_or_laue_m_l   ? 
_diffrn_radiation.monochromator                    ? 
_diffrn_radiation.pdbx_scattering_type             x-ray 
# 
_diffrn_radiation_wavelength.id           1 
_diffrn_radiation_wavelength.wavelength   0.92819 
_diffrn_radiation_wavelength.wt           1.0 
# 
_diffrn_source.diffrn_id                   1 
_diffrn_source.source                      SYNCHROTRON 
_diffrn_source.type                        'DIAMOND BEAMLINE I04-1' 
_diffrn_source.pdbx_wavelength_list        0.92819 
_diffrn_source.pdbx_synchrotron_site       Diamond 
_diffrn_source.pdbx_synchrotron_beamline   I04-1 
_diffrn_source.pdbx_wavelength             ? 
# 
_reflns.entry_id                     5QXR 
_reflns.pdbx_diffrn_id               1 
_reflns.pdbx_ordinal                 1 
_reflns.observed_criterion_sigma_I   ? 
_reflns.observed_criterion_sigma_F   ? 
_reflns.d_resolution_low             49.510 
_reflns.d_resolution_high            1.660 
_reflns.number_obs                   32740 
_reflns.number_all                   ? 
_reflns.percent_possible_obs         100.000 
_reflns.pdbx_Rmerge_I_obs            0.133 
_reflns.pdbx_Rsym_value              ? 
_reflns.pdbx_netI_over_sigmaI        18.600 
_reflns.B_iso_Wilson_estimate        ? 
_reflns.pdbx_redundancy              18.600 
_reflns.pdbx_Rrim_I_all              0.137 
_reflns.pdbx_Rpim_I_all              0.031 
_reflns.pdbx_CC_half                 1.000 
_reflns.pdbx_netI_over_av_sigmaI     ? 
_reflns.pdbx_number_measured_all     609926 
_reflns.pdbx_scaling_rejects         0 
_reflns.pdbx_chi_squared             ? 
_reflns.Rmerge_F_all                 ? 
_reflns.Rmerge_F_obs                 ? 
_reflns.observed_criterion_F_max     ? 
_reflns.observed_criterion_F_min     ? 
_reflns.observed_criterion_I_max     ? 
_reflns.observed_criterion_I_min     ? 
_reflns.pdbx_d_res_high_opt          ? 
_reflns.pdbx_d_res_low_opt           ? 
_reflns.details                      ? 
# 
loop_
_reflns_shell.pdbx_diffrn_id 
_reflns_shell.pdbx_ordinal 
_reflns_shell.d_res_high 
_reflns_shell.d_res_low 
_reflns_shell.number_measured_obs 
_reflns_shell.number_measured_all 
_reflns_shell.number_unique_obs 
_reflns_shell.pdbx_rejects 
_reflns_shell.Rmerge_I_obs 
_reflns_shell.meanI_over_sigI_obs 
_reflns_shell.pdbx_Rsym_value 
_reflns_shell.pdbx_chi_squared 
_reflns_shell.pdbx_redundancy 
_reflns_shell.percent_possible_obs 
_reflns_shell.pdbx_netI_over_sigmaI_obs 
_reflns_shell.number_possible 
_reflns_shell.number_unique_all 
_reflns_shell.Rmerge_F_all 
_reflns_shell.Rmerge_F_obs 
_reflns_shell.Rmerge_I_all 
_reflns_shell.meanI_over_sigI_all 
_reflns_shell.percent_possible_all 
_reflns_shell.pdbx_Rrim_I_all 
_reflns_shell.pdbx_Rpim_I_all 
_reflns_shell.pdbx_CC_half 
1 1 1.660 1.700  ? 40651 ? ? 2.320 ? ? ? 17.200 ? 1.400  ? 2362 ? ? ? ? 100.000 2.391 0.573 0.512 
1 2 7.420 49.510 ? 7810  ? ? 0.021 ? ? ? 16.800 ? 89.100 ? 466  ? ? ? ? 99.700  0.021 0.005 1.000 
# 
_refine.entry_id                                 5QXR 
_refine.pdbx_refine_id                           'X-RAY DIFFRACTION' 
_refine.ls_d_res_high                            1.6600 
_refine.ls_d_res_low                             49.5600 
_refine.pdbx_ls_sigma_F                          0.000 
_refine.pdbx_data_cutoff_high_absF               ? 
_refine.pdbx_data_cutoff_low_absF                ? 
_refine.ls_percent_reflns_obs                    99.9400 
_refine.ls_number_reflns_obs                     31048 
_refine.ls_number_reflns_all                     ? 
_refine.pdbx_ls_cross_valid_method               THROUGHOUT 
_refine.ls_matrix_type                           ? 
_refine.pdbx_R_Free_selection_details            RANDOM 
_refine.details                                  
'HYDROGENS HAVE BEEN ADDED IN THE RIDING POSITIONS U VALUES      : REFINED INDIVIDUALLY' 
_refine.ls_R_factor_all                          ? 
_refine.ls_R_factor_obs                          0.1704 
_refine.ls_R_factor_R_work                       0.1693 
_refine.ls_wR_factor_R_work                      ? 
_refine.ls_R_factor_R_free                       0.1916 
_refine.ls_wR_factor_R_free                      ? 
_refine.ls_percent_reflns_R_free                 5.0000 
_refine.ls_number_reflns_R_free                  1630 
_refine.ls_number_reflns_R_work                  ? 
_refine.ls_R_factor_R_free_error                 ? 
_refine.B_iso_mean                               29.3150 
_refine.solvent_model_param_bsol                 ? 
_refine.solvent_model_param_ksol                 ? 
_refine.pdbx_isotropic_thermal_model             ? 
_refine.aniso_B[1][1]                            0.1500 
_refine.aniso_B[2][2]                            0.1500 
_refine.aniso_B[3][3]                            -0.4800 
_refine.aniso_B[1][2]                            0.0700 
_refine.aniso_B[1][3]                            -0.0000 
_refine.aniso_B[2][3]                            0.0000 
_refine.correlation_coeff_Fo_to_Fc               0.9680 
_refine.correlation_coeff_Fo_to_Fc_free          0.9630 
_refine.overall_SU_R_Cruickshank_DPI             ? 
_refine.pdbx_overall_SU_R_free_Cruickshank_DPI   ? 
_refine.pdbx_overall_SU_R_Blow_DPI               ? 
_refine.pdbx_overall_SU_R_free_Blow_DPI          ? 
_refine.overall_SU_R_free                        ? 
_refine.pdbx_overall_ESU_R                       0.0810 
_refine.pdbx_overall_ESU_R_Free                  0.0800 
_refine.overall_SU_ML                            0.0600 
_refine.overall_SU_B                             1.9000 
_refine.solvent_model_details                    MASK 
_refine.pdbx_solvent_vdw_probe_radii             1.2000 
_refine.pdbx_solvent_ion_probe_radii             0.8000 
_refine.pdbx_solvent_shrinkage_radii             0.8000 
_refine.ls_number_parameters                     ? 
_refine.ls_number_restraints                     ? 
_refine.pdbx_starting_model                      3DAI 
_refine.pdbx_method_to_determine_struct          'FOURIER SYNTHESIS' 
_refine.pdbx_stereochemistry_target_values       'MAXIMUM LIKELIHOOD' 
_refine.pdbx_stereochem_target_val_spec_case     ? 
_refine.overall_FOM_work_R_set                   ? 
_refine.B_iso_max                                107.510 
_refine.B_iso_min                                14.870 
_refine.pdbx_overall_phase_error                 ? 
_refine.occupancy_max                            ? 
_refine.occupancy_min                            ? 
_refine.pdbx_diffrn_id                           1 
_refine.pdbx_TLS_residual_ADP_flag               ? 
_refine.pdbx_ls_sigma_I                          ? 
_refine.pdbx_data_cutoff_high_rms_absF           ? 
_refine.ls_R_factor_R_free_error_details         ? 
# 
_refine_hist.cycle_id                         final 
_refine_hist.pdbx_refine_id                   'X-RAY DIFFRACTION' 
_refine_hist.d_res_high                       1.6600 
_refine_hist.d_res_low                        49.5600 
_refine_hist.pdbx_number_atoms_ligand         39 
_refine_hist.number_atoms_solvent             224 
_refine_hist.number_atoms_total               1347 
_refine_hist.pdbx_number_residues_total       130 
_refine_hist.pdbx_B_iso_mean_ligand           38.35 
_refine_hist.pdbx_B_iso_mean_solvent          40.38 
_refine_hist.pdbx_number_atoms_protein        1084 
_refine_hist.pdbx_number_atoms_nucleic_acid   0 
# 
loop_
_refine_ls_restr.pdbx_refine_id 
_refine_ls_restr.type 
_refine_ls_restr.number 
_refine_ls_restr.dev_ideal 
_refine_ls_restr.dev_ideal_target 
_refine_ls_restr.weight 
_refine_ls_restr.pdbx_restraint_function 
'X-RAY DIFFRACTION' r_bond_refined_d       2343 0.012  0.015  ? ? 
'X-RAY DIFFRACTION' r_bond_other_d         1482 0.001  0.017  ? ? 
'X-RAY DIFFRACTION' r_angle_refined_deg    2353 1.705  1.706  ? ? 
'X-RAY DIFFRACTION' r_angle_other_deg      3493 1.438  1.631  ? ? 
'X-RAY DIFFRACTION' r_dihedral_angle_1_deg 229  4.592  5.000  ? ? 
'X-RAY DIFFRACTION' r_dihedral_angle_2_deg 111  28.370 21.982 ? ? 
'X-RAY DIFFRACTION' r_dihedral_angle_3_deg 301  14.656 15.000 ? ? 
'X-RAY DIFFRACTION' r_dihedral_angle_4_deg 19   15.738 15.000 ? ? 
'X-RAY DIFFRACTION' r_chiral_restr         215  0.096  0.200  ? ? 
'X-RAY DIFFRACTION' r_gen_planes_refined   2103 0.009  0.020  ? ? 
'X-RAY DIFFRACTION' r_gen_planes_other     375  0.002  0.020  ? ? 
'X-RAY DIFFRACTION' r_mcbond_it            1083 1.857  2.541  ? ? 
'X-RAY DIFFRACTION' r_mcbond_other         1012 1.900  2.510  ? ? 
'X-RAY DIFFRACTION' r_mcangle_it           1047 3.112  3.690  ? ? 
# 
_refine_ls_shell.d_res_high                       1.6600 
_refine_ls_shell.d_res_low                        1.7030 
_refine_ls_shell.pdbx_total_number_of_bins_used   20 
_refine_ls_shell.percent_reflns_obs               99.7900 
_refine_ls_shell.number_reflns_R_work             2234 
_refine_ls_shell.R_factor_all                     ? 
_refine_ls_shell.R_factor_R_work                  0.2950 
_refine_ls_shell.R_factor_R_free                  0.2890 
_refine_ls_shell.percent_reflns_R_free            ? 
_refine_ls_shell.number_reflns_R_free             123 
_refine_ls_shell.R_factor_R_free_error            ? 
_refine_ls_shell.number_reflns_all                2357 
_refine_ls_shell.number_reflns_obs                ? 
_refine_ls_shell.pdbx_refine_id                   'X-RAY DIFFRACTION' 
# 
_struct.entry_id                  5QXR 
_struct.title                     'PanDDA analysis group deposition -- Crystal Structure of ATAD2 in complex with DF849' 
_struct.pdbx_model_details        ? 
_struct.pdbx_CASP_flag            ? 
_struct.pdbx_model_type_details   ? 
# 
_struct_keywords.entry_id        5QXR 
_struct_keywords.text            
'SGC - Diamond I04-1 fragment screening, PanDDA, XChemExplorer, HYDROLASE-HYDROLASE INHIBITOR complex' 
_struct_keywords.pdbx_keywords   'HYDROLASE/HYDROLASE INHIBITOR' 
# 
loop_
_struct_asym.id 
_struct_asym.pdbx_blank_PDB_chainid_flag 
_struct_asym.pdbx_modified 
_struct_asym.entity_id 
_struct_asym.details 
A N N 1 ? 
B N N 2 ? 
C N N 3 ? 
D N N 3 ? 
E N N 4 ? 
F N N 4 ? 
G N N 4 ? 
H N N 5 ? 
# 
_struct_ref.id                         1 
_struct_ref.db_name                    UNP 
_struct_ref.db_code                    ATAD2_HUMAN 
_struct_ref.pdbx_db_accession          Q6PL18 
_struct_ref.pdbx_db_isoform            ? 
_struct_ref.entity_id                  1 
_struct_ref.pdbx_seq_one_letter_code   
;QEEDTFRELRIFLRNVTHRLAIDKRFRVFTKPVDPDEVPDYVTVIKQPMDLSSVISKIDLHKYLTVKDYLRDIDLICSNA
LEYNPDRDPGDRLIRHRACALRDTAYAIIKEELDEDFEQLCEEIQESR
;
_struct_ref.pdbx_align_begin           981 
# 
_struct_ref_seq.align_id                      1 
_struct_ref_seq.ref_id                        1 
_struct_ref_seq.pdbx_PDB_id_code              5QXR 
_struct_ref_seq.pdbx_strand_id                A 
_struct_ref_seq.seq_align_beg                 3 
_struct_ref_seq.pdbx_seq_align_beg_ins_code   ? 
_struct_ref_seq.seq_align_end                 130 
_struct_ref_seq.pdbx_seq_align_end_ins_code   ? 
_struct_ref_seq.pdbx_db_accession             Q6PL18 
_struct_ref_seq.db_align_beg                  981 
_struct_ref_seq.pdbx_db_align_beg_ins_code    ? 
_struct_ref_seq.db_align_end                  1108 
_struct_ref_seq.pdbx_db_align_end_ins_code    ? 
_struct_ref_seq.pdbx_auth_seq_align_beg       981 
_struct_ref_seq.pdbx_auth_seq_align_end       1108 
# 
loop_
_struct_ref_seq_dif.align_id 
_struct_ref_seq_dif.pdbx_pdb_id_code 
_struct_ref_seq_dif.mon_id 
_struct_ref_seq_dif.pdbx_pdb_strand_id 
_struct_ref_seq_dif.seq_num 
_struct_ref_seq_dif.pdbx_pdb_ins_code 
_struct_ref_seq_dif.pdbx_seq_db_name 
_struct_ref_seq_dif.pdbx_seq_db_accession_code 
_struct_ref_seq_dif.db_mon_id 
_struct_ref_seq_dif.pdbx_seq_db_seq_num 
_struct_ref_seq_dif.details 
_struct_ref_seq_dif.pdbx_auth_seq_num 
_struct_ref_seq_dif.pdbx_ordinal 
1 5QXR SER A 1  ? UNP Q6PL18 ?   ?    'expression tag' 979  1 
1 5QXR MET A 2  ? UNP Q6PL18 ?   ?    'expression tag' 980  2 
1 5QXR ARG A 44 ? UNP Q6PL18 VAL 1022 conflict         1022 3 
1 5QXR GLU A 49 ? UNP Q6PL18 GLN 1027 conflict         1027 4 
# 
_pdbx_struct_assembly.id                   1 
_pdbx_struct_assembly.details              author_and_software_defined_assembly 
_pdbx_struct_assembly.method_details       PISA 
_pdbx_struct_assembly.oligomeric_details   monomeric 
_pdbx_struct_assembly.oligomeric_count     1 
# 
_pdbx_struct_assembly_gen.assembly_id       1 
_pdbx_struct_assembly_gen.oper_expression   1 
_pdbx_struct_assembly_gen.asym_id_list      A,B,C,D,E,F,G,H 
# 
_pdbx_struct_oper_list.id                   1 
_pdbx_struct_oper_list.type                 'identity operation' 
_pdbx_struct_oper_list.name                 1_555 
_pdbx_struct_oper_list.symmetry_operation   x,y,z 
_pdbx_struct_oper_list.matrix[1][1]         1.0000000000 
_pdbx_struct_oper_list.matrix[1][2]         0.0000000000 
_pdbx_struct_oper_list.matrix[1][3]         0.0000000000 
_pdbx_struct_oper_list.vector[1]            0.0000000000 
_pdbx_struct_oper_list.matrix[2][1]         0.0000000000 
_pdbx_struct_oper_list.matrix[2][2]         1.0000000000 
_pdbx_struct_oper_list.matrix[2][3]         0.0000000000 
_pdbx_struct_oper_list.vector[2]            0.0000000000 
_pdbx_struct_oper_list.matrix[3][1]         0.0000000000 
_pdbx_struct_oper_list.matrix[3][2]         0.0000000000 
_pdbx_struct_oper_list.matrix[3][3]         1.0000000000 
_pdbx_struct_oper_list.vector[3]            0.0000000000 
# 
loop_
_struct_conf.conf_type_id 
_struct_conf.id 
_struct_conf.pdbx_PDB_helix_id 
_struct_conf.beg_label_comp_id 
_struct_conf.beg_label_asym_id 
_struct_conf.beg_label_seq_id 
_struct_conf.pdbx_beg_PDB_ins_code 
_struct_conf.end_label_comp_id 
_struct_conf.end_label_asym_id 
_struct_conf.end_label_seq_id 
_struct_conf.pdbx_end_PDB_ins_code 
_struct_conf.beg_auth_comp_id 
_struct_conf.beg_auth_asym_id 
_struct_conf.beg_auth_seq_id 
_struct_conf.end_auth_comp_id 
_struct_conf.end_auth_asym_id 
_struct_conf.end_auth_seq_id 
_struct_conf.pdbx_PDB_helix_class 
_struct_conf.details 
_struct_conf.pdbx_PDB_helix_length 
HELX_P HELX_P1 AA1 SER A 1   ? ILE A 24  ? SER A 979  ILE A 1002 1 ? 24 
HELX_P HELX_P2 AA2 ASP A 25  ? THR A 32  ? ASP A 1003 THR A 1010 5 ? 8  
HELX_P HELX_P3 AA3 ASP A 42  ? ILE A 47  ? ASP A 1020 ILE A 1025 1 ? 6  
HELX_P HELX_P4 AA4 ASP A 52  ? LEU A 62  ? ASP A 1030 LEU A 1040 1 ? 11 
HELX_P HELX_P5 AA5 THR A 67  ? ASN A 86  ? THR A 1045 ASN A 1064 1 ? 20 
HELX_P HELX_P6 AA6 ASP A 90  ? LEU A 115 ? ASP A 1068 LEU A 1093 1 ? 26 
HELX_P HELX_P7 AA7 ASP A 116 ? SER A 129 ? ASP A 1094 SER A 1107 1 ? 14 
# 
_struct_conf_type.id          HELX_P 
_struct_conf_type.criteria    ? 
_struct_conf_type.reference   ? 
# 
loop_
_struct_site.id 
_struct_site.pdbx_evidence_code 
_struct_site.pdbx_auth_asym_id 
_struct_site.pdbx_auth_comp_id 
_struct_site.pdbx_auth_seq_id 
_struct_site.pdbx_auth_ins_code 
_struct_site.pdbx_num_residues 
_struct_site.details 
AC1 Software A RHY 1201 ? 6 'binding site for residue RHY A 1201' 
AC2 Software A SO4 1202 ? 9 'binding site for residue SO4 A 1202' 
AC3 Software A SO4 1203 ? 8 'binding site for residue SO4 A 1203' 
AC4 Software A EDO 1204 ? 5 'binding site for residue EDO A 1204' 
AC5 Software A EDO 1205 ? 3 'binding site for residue EDO A 1205' 
AC6 Software A EDO 1206 ? 5 'binding site for residue EDO A 1206' 
# 
loop_
_struct_site_gen.id 
_struct_site_gen.site_id 
_struct_site_gen.pdbx_num_res 
_struct_site_gen.label_comp_id 
_struct_site_gen.label_asym_id 
_struct_site_gen.label_seq_id 
_struct_site_gen.pdbx_auth_ins_code 
_struct_site_gen.auth_comp_id 
_struct_site_gen.auth_asym_id 
_struct_site_gen.auth_seq_id 
_struct_site_gen.label_atom_id 
_struct_site_gen.label_alt_id 
_struct_site_gen.symmetry 
_struct_site_gen.details 
1  AC1 6 GLU A 39  ? GLU A 1017 . ? 1_555  ? 
2  AC1 6 VAL A 40  ? VAL A 1018 . ? 1_555  ? 
3  AC1 6 ASN A 86  ? ASN A 1064 . ? 1_555  ? 
4  AC1 6 ILE A 96  ? ILE A 1074 . ? 1_555  ? 
5  AC1 6 HOH H .   ? HOH A 1318 . ? 1_555  ? 
6  AC1 6 HOH H .   ? HOH A 1330 . ? 1_555  ? 
7  AC2 9 ARG A 9   ? ARG A 987  . ? 6_654  ? 
8  AC2 9 ARG A 12  ? ARG A 990  . ? 6_654  ? 
9  AC2 9 ARG A 16  ? ARG A 994  . ? 6_654  ? 
10 AC2 9 ARG A 89  ? ARG A 1067 . ? 1_555  ? 
11 AC2 9 ARG A 94  ? ARG A 1072 . ? 1_555  ? 
12 AC2 9 HOH H .   ? HOH A 1302 . ? 1_555  ? 
13 AC2 9 HOH H .   ? HOH A 1377 . ? 1_555  ? 
14 AC2 9 HOH H .   ? HOH A 1422 . ? 1_555  ? 
15 AC2 9 HOH H .   ? HOH A 1440 . ? 1_555  ? 
16 AC3 8 LYS A 64  ? LYS A 1042 . ? 12_564 ? 
17 AC3 8 LYS A 64  ? LYS A 1042 . ? 1_555  ? 
18 AC3 8 HOH H .   ? HOH A 1337 . ? 1_555  ? 
19 AC3 8 HOH H .   ? HOH A 1337 . ? 12_564 ? 
20 AC3 8 HOH H .   ? HOH A 1358 . ? 12_564 ? 
21 AC3 8 HOH H .   ? HOH A 1358 . ? 1_555  ? 
22 AC3 8 HOH H .   ? HOH A 1404 . ? 12_564 ? 
23 AC3 8 HOH H .   ? HOH A 1404 . ? 1_555  ? 
24 AC4 5 GLU A 10  ? GLU A 988  . ? 1_555  ? 
25 AC4 5 LEU A 115 ? LEU A 1093 . ? 1_555  ? 
26 AC4 5 ASP A 116 ? ASP A 1094 . ? 1_555  ? 
27 AC4 5 HOH H .   ? HOH A 1373 . ? 1_555  ? 
28 AC4 5 HOH H .   ? HOH A 1430 . ? 1_555  ? 
29 AC5 3 GLU A 113 ? GLU A 1091 . ? 1_555  ? 
30 AC5 3 GLU A 114 ? GLU A 1092 . ? 1_555  ? 
31 AC5 3 ASP A 116 ? ASP A 1094 . ? 1_555  ? 
32 AC6 5 PRO A 50  ? PRO A 1028 . ? 12_564 ? 
33 AC6 5 SER A 58  ? SER A 1036 . ? 1_555  ? 
34 AC6 5 HOH H .   ? HOH A 1329 . ? 1_555  ? 
35 AC6 5 HOH H .   ? HOH A 1389 . ? 1_555  ? 
36 AC6 5 HOH H .   ? HOH A 1444 . ? 1_555  ? 
# 
_pdbx_validate_close_contact.id               1 
_pdbx_validate_close_contact.PDB_model_num    1 
_pdbx_validate_close_contact.auth_atom_id_1   O 
_pdbx_validate_close_contact.auth_asym_id_1   A 
_pdbx_validate_close_contact.auth_comp_id_1   HOH 
_pdbx_validate_close_contact.auth_seq_id_1    1431 
_pdbx_validate_close_contact.PDB_ins_code_1   ? 
_pdbx_validate_close_contact.label_alt_id_1   ? 
_pdbx_validate_close_contact.auth_atom_id_2   O 
_pdbx_validate_close_contact.auth_asym_id_2   A 
_pdbx_validate_close_contact.auth_comp_id_2   HOH 
_pdbx_validate_close_contact.auth_seq_id_2    1439 
_pdbx_validate_close_contact.PDB_ins_code_2   ? 
_pdbx_validate_close_contact.label_alt_id_2   ? 
_pdbx_validate_close_contact.dist             2.15 
# 
loop_
_pdbx_validate_rmsd_bond.id 
_pdbx_validate_rmsd_bond.PDB_model_num 
_pdbx_validate_rmsd_bond.auth_atom_id_1 
_pdbx_validate_rmsd_bond.auth_asym_id_1 
_pdbx_validate_rmsd_bond.auth_comp_id_1 
_pdbx_validate_rmsd_bond.auth_seq_id_1 
_pdbx_validate_rmsd_bond.PDB_ins_code_1 
_pdbx_validate_rmsd_bond.label_alt_id_1 
_pdbx_validate_rmsd_bond.auth_atom_id_2 
_pdbx_validate_rmsd_bond.auth_asym_id_2 
_pdbx_validate_rmsd_bond.auth_comp_id_2 
_pdbx_validate_rmsd_bond.auth_seq_id_2 
_pdbx_validate_rmsd_bond.PDB_ins_code_2 
_pdbx_validate_rmsd_bond.label_alt_id_2 
_pdbx_validate_rmsd_bond.bond_value 
_pdbx_validate_rmsd_bond.bond_target_value 
_pdbx_validate_rmsd_bond.bond_deviation 
_pdbx_validate_rmsd_bond.bond_standard_deviation 
_pdbx_validate_rmsd_bond.linker_flag 
1 1 CD A GLU 1027 ? ? OE2 A GLU 1027 ? ? 1.322 1.252 0.070 0.011 N 
2 1 CD A GLU 1098 ? ? OE2 A GLU 1098 ? ? 1.320 1.252 0.068 0.011 N 
3 1 CD A GLU 1102 ? ? OE2 A GLU 1102 ? ? 1.367 1.252 0.115 0.011 N 
# 
loop_
_pdbx_validate_rmsd_angle.id 
_pdbx_validate_rmsd_angle.PDB_model_num 
_pdbx_validate_rmsd_angle.auth_atom_id_1 
_pdbx_validate_rmsd_angle.auth_asym_id_1 
_pdbx_validate_rmsd_angle.auth_comp_id_1 
_pdbx_validate_rmsd_angle.auth_seq_id_1 
_pdbx_validate_rmsd_angle.PDB_ins_code_1 
_pdbx_validate_rmsd_angle.label_alt_id_1 
_pdbx_validate_rmsd_angle.auth_atom_id_2 
_pdbx_validate_rmsd_angle.auth_asym_id_2 
_pdbx_validate_rmsd_angle.auth_comp_id_2 
_pdbx_validate_rmsd_angle.auth_seq_id_2 
_pdbx_validate_rmsd_angle.PDB_ins_code_2 
_pdbx_validate_rmsd_angle.label_alt_id_2 
_pdbx_validate_rmsd_angle.auth_atom_id_3 
_pdbx_validate_rmsd_angle.auth_asym_id_3 
_pdbx_validate_rmsd_angle.auth_comp_id_3 
_pdbx_validate_rmsd_angle.auth_seq_id_3 
_pdbx_validate_rmsd_angle.PDB_ins_code_3 
_pdbx_validate_rmsd_angle.label_alt_id_3 
_pdbx_validate_rmsd_angle.angle_value 
_pdbx_validate_rmsd_angle.angle_target_value 
_pdbx_validate_rmsd_angle.angle_deviation 
_pdbx_validate_rmsd_angle.angle_standard_deviation 
_pdbx_validate_rmsd_angle.linker_flag 
1 1 NE A ARG 987 ? B CZ A ARG 987 ? B NH1 A ARG 987 ? B 117.21 120.30 -3.09 0.50 N 
2 1 NE A ARG 994 ? ? CZ A ARG 994 ? ? NH1 A ARG 994 ? ? 124.44 120.30 4.14  0.50 N 
3 1 NE A ARG 994 ? ? CZ A ARG 994 ? ? NH2 A ARG 994 ? ? 116.43 120.30 -3.87 0.50 N 
# 
loop_
_pdbx_struct_special_symmetry.id 
_pdbx_struct_special_symmetry.PDB_model_num 
_pdbx_struct_special_symmetry.auth_asym_id 
_pdbx_struct_special_symmetry.auth_comp_id 
_pdbx_struct_special_symmetry.auth_seq_id 
_pdbx_struct_special_symmetry.PDB_ins_code 
_pdbx_struct_special_symmetry.label_asym_id 
_pdbx_struct_special_symmetry.label_comp_id 
_pdbx_struct_special_symmetry.label_seq_id 
1 1 A SO4 1203 ? D SO4 . 
2 1 A HOH 1399 ? H HOH . 
# 
_phasing.method   MR 
# 
_pdbx_entry_details.entry_id                 5QXR 
_pdbx_entry_details.has_ligand_of_interest   Y 
_pdbx_entry_details.compound_details         ? 
_pdbx_entry_details.source_details           ? 
_pdbx_entry_details.nonpolymer_details       ? 
_pdbx_entry_details.sequence_details         ? 
# 
_pdbx_distant_solvent_atoms.id                                1 
_pdbx_distant_solvent_atoms.PDB_model_num                     1 
_pdbx_distant_solvent_atoms.auth_atom_id                      O 
_pdbx_distant_solvent_atoms.label_alt_id                      ? 
_pdbx_distant_solvent_atoms.auth_asym_id                      A 
_pdbx_distant_solvent_atoms.auth_comp_id                      HOH 
_pdbx_distant_solvent_atoms.auth_seq_id                       1524 
_pdbx_distant_solvent_atoms.PDB_ins_code                      ? 
_pdbx_distant_solvent_atoms.neighbor_macromolecule_distance   6.36 
_pdbx_distant_solvent_atoms.neighbor_ligand_distance          . 
# 
loop_
_chem_comp_atom.comp_id 
_chem_comp_atom.atom_id 
_chem_comp_atom.type_symbol 
_chem_comp_atom.pdbx_aromatic_flag 
_chem_comp_atom.pdbx_stereo_config 
_chem_comp_atom.pdbx_ordinal 
ALA N    N N N 1   
ALA CA   C N S 2   
ALA C    C N N 3   
ALA O    O N N 4   
ALA CB   C N N 5   
ALA OXT  O N N 6   
ALA H    H N N 7   
ALA H2   H N N 8   
ALA HA   H N N 9   
ALA HB1  H N N 10  
ALA HB2  H N N 11  
ALA HB3  H N N 12  
ALA HXT  H N N 13  
ARG N    N N N 14  
ARG CA   C N S 15  
ARG C    C N N 16  
ARG O    O N N 17  
ARG CB   C N N 18  
ARG CG   C N N 19  
ARG CD   C N N 20  
ARG NE   N N N 21  
ARG CZ   C N N 22  
ARG NH1  N N N 23  
ARG NH2  N N N 24  
ARG OXT  O N N 25  
ARG H    H N N 26  
ARG H2   H N N 27  
ARG HA   H N N 28  
ARG HB2  H N N 29  
ARG HB3  H N N 30  
ARG HG2  H N N 31  
ARG HG3  H N N 32  
ARG HD2  H N N 33  
ARG HD3  H N N 34  
ARG HE   H N N 35  
ARG HH11 H N N 36  
ARG HH12 H N N 37  
ARG HH21 H N N 38  
ARG HH22 H N N 39  
ARG HXT  H N N 40  
ASN N    N N N 41  
ASN CA   C N S 42  
ASN C    C N N 43  
ASN O    O N N 44  
ASN CB   C N N 45  
ASN CG   C N N 46  
ASN OD1  O N N 47  
ASN ND2  N N N 48  
ASN OXT  O N N 49  
ASN H    H N N 50  
ASN H2   H N N 51  
ASN HA   H N N 52  
ASN HB2  H N N 53  
ASN HB3  H N N 54  
ASN HD21 H N N 55  
ASN HD22 H N N 56  
ASN HXT  H N N 57  
ASP N    N N N 58  
ASP CA   C N S 59  
ASP C    C N N 60  
ASP O    O N N 61  
ASP CB   C N N 62  
ASP CG   C N N 63  
ASP OD1  O N N 64  
ASP OD2  O N N 65  
ASP OXT  O N N 66  
ASP H    H N N 67  
ASP H2   H N N 68  
ASP HA   H N N 69  
ASP HB2  H N N 70  
ASP HB3  H N N 71  
ASP HD2  H N N 72  
ASP HXT  H N N 73  
CYS N    N N N 74  
CYS CA   C N R 75  
CYS C    C N N 76  
CYS O    O N N 77  
CYS CB   C N N 78  
CYS SG   S N N 79  
CYS OXT  O N N 80  
CYS H    H N N 81  
CYS H2   H N N 82  
CYS HA   H N N 83  
CYS HB2  H N N 84  
CYS HB3  H N N 85  
CYS HG   H N N 86  
CYS HXT  H N N 87  
EDO C1   C N N 88  
EDO O1   O N N 89  
EDO C2   C N N 90  
EDO O2   O N N 91  
EDO H11  H N N 92  
EDO H12  H N N 93  
EDO HO1  H N N 94  
EDO H21  H N N 95  
EDO H22  H N N 96  
EDO HO2  H N N 97  
GLN N    N N N 98  
GLN CA   C N S 99  
GLN C    C N N 100 
GLN O    O N N 101 
GLN CB   C N N 102 
GLN CG   C N N 103 
GLN CD   C N N 104 
GLN OE1  O N N 105 
GLN NE2  N N N 106 
GLN OXT  O N N 107 
GLN H    H N N 108 
GLN H2   H N N 109 
GLN HA   H N N 110 
GLN HB2  H N N 111 
GLN HB3  H N N 112 
GLN HG2  H N N 113 
GLN HG3  H N N 114 
GLN HE21 H N N 115 
GLN HE22 H N N 116 
GLN HXT  H N N 117 
GLU N    N N N 118 
GLU CA   C N S 119 
GLU C    C N N 120 
GLU O    O N N 121 
GLU CB   C N N 122 
GLU CG   C N N 123 
GLU CD   C N N 124 
GLU OE1  O N N 125 
GLU OE2  O N N 126 
GLU OXT  O N N 127 
GLU H    H N N 128 
GLU H2   H N N 129 
GLU HA   H N N 130 
GLU HB2  H N N 131 
GLU HB3  H N N 132 
GLU HG2  H N N 133 
GLU HG3  H N N 134 
GLU HE2  H N N 135 
GLU HXT  H N N 136 
GLY N    N N N 137 
GLY CA   C N N 138 
GLY C    C N N 139 
GLY O    O N N 140 
GLY OXT  O N N 141 
GLY H    H N N 142 
GLY H2   H N N 143 
GLY HA2  H N N 144 
GLY HA3  H N N 145 
GLY HXT  H N N 146 
HIS N    N N N 147 
HIS CA   C N S 148 
HIS C    C N N 149 
HIS O    O N N 150 
HIS CB   C N N 151 
HIS CG   C Y N 152 
HIS ND1  N Y N 153 
HIS CD2  C Y N 154 
HIS CE1  C Y N 155 
HIS NE2  N Y N 156 
HIS OXT  O N N 157 
HIS H    H N N 158 
HIS H2   H N N 159 
HIS HA   H N N 160 
HIS HB2  H N N 161 
HIS HB3  H N N 162 
HIS HD1  H N N 163 
HIS HD2  H N N 164 
HIS HE1  H N N 165 
HIS HE2  H N N 166 
HIS HXT  H N N 167 
HOH O    O N N 168 
HOH H1   H N N 169 
HOH H2   H N N 170 
ILE N    N N N 171 
ILE CA   C N S 172 
ILE C    C N N 173 
ILE O    O N N 174 
ILE CB   C N S 175 
ILE CG1  C N N 176 
ILE CG2  C N N 177 
ILE CD1  C N N 178 
ILE OXT  O N N 179 
ILE H    H N N 180 
ILE H2   H N N 181 
ILE HA   H N N 182 
ILE HB   H N N 183 
ILE HG12 H N N 184 
ILE HG13 H N N 185 
ILE HG21 H N N 186 
ILE HG22 H N N 187 
ILE HG23 H N N 188 
ILE HD11 H N N 189 
ILE HD12 H N N 190 
ILE HD13 H N N 191 
ILE HXT  H N N 192 
LEU N    N N N 193 
LEU CA   C N S 194 
LEU C    C N N 195 
LEU O    O N N 196 
LEU CB   C N N 197 
LEU CG   C N N 198 
LEU CD1  C N N 199 
LEU CD2  C N N 200 
LEU OXT  O N N 201 
LEU H    H N N 202 
LEU H2   H N N 203 
LEU HA   H N N 204 
LEU HB2  H N N 205 
LEU HB3  H N N 206 
LEU HG   H N N 207 
LEU HD11 H N N 208 
LEU HD12 H N N 209 
LEU HD13 H N N 210 
LEU HD21 H N N 211 
LEU HD22 H N N 212 
LEU HD23 H N N 213 
LEU HXT  H N N 214 
LYS N    N N N 215 
LYS CA   C N S 216 
LYS C    C N N 217 
LYS O    O N N 218 
LYS CB   C N N 219 
LYS CG   C N N 220 
LYS CD   C N N 221 
LYS CE   C N N 222 
LYS NZ   N N N 223 
LYS OXT  O N N 224 
LYS H    H N N 225 
LYS H2   H N N 226 
LYS HA   H N N 227 
LYS HB2  H N N 228 
LYS HB3  H N N 229 
LYS HG2  H N N 230 
LYS HG3  H N N 231 
LYS HD2  H N N 232 
LYS HD3  H N N 233 
LYS HE2  H N N 234 
LYS HE3  H N N 235 
LYS HZ1  H N N 236 
LYS HZ2  H N N 237 
LYS HZ3  H N N 238 
LYS HXT  H N N 239 
MET N    N N N 240 
MET CA   C N S 241 
MET C    C N N 242 
MET O    O N N 243 
MET CB   C N N 244 
MET CG   C N N 245 
MET SD   S N N 246 
MET CE   C N N 247 
MET OXT  O N N 248 
MET H    H N N 249 
MET H2   H N N 250 
MET HA   H N N 251 
MET HB2  H N N 252 
MET HB3  H N N 253 
MET HG2  H N N 254 
MET HG3  H N N 255 
MET HE1  H N N 256 
MET HE2  H N N 257 
MET HE3  H N N 258 
MET HXT  H N N 259 
PHE N    N N N 260 
PHE CA   C N S 261 
PHE C    C N N 262 
PHE O    O N N 263 
PHE CB   C N N 264 
PHE CG   C Y N 265 
PHE CD1  C Y N 266 
PHE CD2  C Y N 267 
PHE CE1  C Y N 268 
PHE CE2  C Y N 269 
PHE CZ   C Y N 270 
PHE OXT  O N N 271 
PHE H    H N N 272 
PHE H2   H N N 273 
PHE HA   H N N 274 
PHE HB2  H N N 275 
PHE HB3  H N N 276 
PHE HD1  H N N 277 
PHE HD2  H N N 278 
PHE HE1  H N N 279 
PHE HE2  H N N 280 
PHE HZ   H N N 281 
PHE HXT  H N N 282 
PRO N    N N N 283 
PRO CA   C N S 284 
PRO C    C N N 285 
PRO O    O N N 286 
PRO CB   C N N 287 
PRO CG   C N N 288 
PRO CD   C N N 289 
PRO OXT  O N N 290 
PRO H    H N N 291 
PRO HA   H N N 292 
PRO HB2  H N N 293 
PRO HB3  H N N 294 
PRO HG2  H N N 295 
PRO HG3  H N N 296 
PRO HD2  H N N 297 
PRO HD3  H N N 298 
PRO HXT  H N N 299 
RHY C10  C N S 300 
RHY C17  C N N 301 
RHY C01  C N N 302 
RHY C02  C N N 303 
RHY C05  C N N 304 
RHY C06  C N S 305 
RHY C07  C N N 306 
RHY C08  C N S 307 
RHY C11  C N N 308 
RHY C12  C Y N 309 
RHY C14  C Y N 310 
RHY C16  C Y N 311 
RHY N04  N N N 312 
RHY N13  N Y N 313 
RHY N15  N Y N 314 
RHY O03  O N N 315 
RHY O09  O N N 316 
RHY H1   H N N 317 
RHY H2   H N N 318 
RHY H3   H N N 319 
RHY H4   H N N 320 
RHY H5   H N N 321 
RHY H6   H N N 322 
RHY H7   H N N 323 
RHY H8   H N N 324 
RHY H9   H N N 325 
RHY H10  H N N 326 
RHY H11  H N N 327 
RHY H12  H N N 328 
RHY H13  H N N 329 
RHY H14  H N N 330 
RHY H15  H N N 331 
SER N    N N N 332 
SER CA   C N S 333 
SER C    C N N 334 
SER O    O N N 335 
SER CB   C N N 336 
SER OG   O N N 337 
SER OXT  O N N 338 
SER H    H N N 339 
SER H2   H N N 340 
SER HA   H N N 341 
SER HB2  H N N 342 
SER HB3  H N N 343 
SER HG   H N N 344 
SER HXT  H N N 345 
SO4 S    S N N 346 
SO4 O1   O N N 347 
SO4 O2   O N N 348 
SO4 O3   O N N 349 
SO4 O4   O N N 350 
THR N    N N N 351 
THR CA   C N S 352 
THR C    C N N 353 
THR O    O N N 354 
THR CB   C N R 355 
THR OG1  O N N 356 
THR CG2  C N N 357 
THR OXT  O N N 358 
THR H    H N N 359 
THR H2   H N N 360 
THR HA   H N N 361 
THR HB   H N N 362 
THR HG1  H N N 363 
THR HG21 H N N 364 
THR HG22 H N N 365 
THR HG23 H N N 366 
THR HXT  H N N 367 
TYR N    N N N 368 
TYR CA   C N S 369 
TYR C    C N N 370 
TYR O    O N N 371 
TYR CB   C N N 372 
TYR CG   C Y N 373 
TYR CD1  C Y N 374 
TYR CD2  C Y N 375 
TYR CE1  C Y N 376 
TYR CE2  C Y N 377 
TYR CZ   C Y N 378 
TYR OH   O N N 379 
TYR OXT  O N N 380 
TYR H    H N N 381 
TYR H2   H N N 382 
TYR HA   H N N 383 
TYR HB2  H N N 384 
TYR HB3  H N N 385 
TYR HD1  H N N 386 
TYR HD2  H N N 387 
TYR HE1  H N N 388 
TYR HE2  H N N 389 
TYR HH   H N N 390 
TYR HXT  H N N 391 
VAL N    N N N 392 
VAL CA   C N S 393 
VAL C    C N N 394 
VAL O    O N N 395 
VAL CB   C N N 396 
VAL CG1  C N N 397 
VAL CG2  C N N 398 
VAL OXT  O N N 399 
VAL H    H N N 400 
VAL H2   H N N 401 
VAL HA   H N N 402 
VAL HB   H N N 403 
VAL HG11 H N N 404 
VAL HG12 H N N 405 
VAL HG13 H N N 406 
VAL HG21 H N N 407 
VAL HG22 H N N 408 
VAL HG23 H N N 409 
VAL HXT  H N N 410 
# 
loop_
_chem_comp_bond.comp_id 
_chem_comp_bond.atom_id_1 
_chem_comp_bond.atom_id_2 
_chem_comp_bond.value_order 
_chem_comp_bond.pdbx_aromatic_flag 
_chem_comp_bond.pdbx_stereo_config 
_chem_comp_bond.pdbx_ordinal 
ALA N   CA   sing N N 1   
ALA N   H    sing N N 2   
ALA N   H2   sing N N 3   
ALA CA  C    sing N N 4   
ALA CA  CB   sing N N 5   
ALA CA  HA   sing N N 6   
ALA C   O    doub N N 7   
ALA C   OXT  sing N N 8   
ALA CB  HB1  sing N N 9   
ALA CB  HB2  sing N N 10  
ALA CB  HB3  sing N N 11  
ALA OXT HXT  sing N N 12  
ARG N   CA   sing N N 13  
ARG N   H    sing N N 14  
ARG N   H2   sing N N 15  
ARG CA  C    sing N N 16  
ARG CA  CB   sing N N 17  
ARG CA  HA   sing N N 18  
ARG C   O    doub N N 19  
ARG C   OXT  sing N N 20  
ARG CB  CG   sing N N 21  
ARG CB  HB2  sing N N 22  
ARG CB  HB3  sing N N 23  
ARG CG  CD   sing N N 24  
ARG CG  HG2  sing N N 25  
ARG CG  HG3  sing N N 26  
ARG CD  NE   sing N N 27  
ARG CD  HD2  sing N N 28  
ARG CD  HD3  sing N N 29  
ARG NE  CZ   sing N N 30  
ARG NE  HE   sing N N 31  
ARG CZ  NH1  sing N N 32  
ARG CZ  NH2  doub N N 33  
ARG NH1 HH11 sing N N 34  
ARG NH1 HH12 sing N N 35  
ARG NH2 HH21 sing N N 36  
ARG NH2 HH22 sing N N 37  
ARG OXT HXT  sing N N 38  
ASN N   CA   sing N N 39  
ASN N   H    sing N N 40  
ASN N   H2   sing N N 41  
ASN CA  C    sing N N 42  
ASN CA  CB   sing N N 43  
ASN CA  HA   sing N N 44  
ASN C   O    doub N N 45  
ASN C   OXT  sing N N 46  
ASN CB  CG   sing N N 47  
ASN CB  HB2  sing N N 48  
ASN CB  HB3  sing N N 49  
ASN CG  OD1  doub N N 50  
ASN CG  ND2  sing N N 51  
ASN ND2 HD21 sing N N 52  
ASN ND2 HD22 sing N N 53  
ASN OXT HXT  sing N N 54  
ASP N   CA   sing N N 55  
ASP N   H    sing N N 56  
ASP N   H2   sing N N 57  
ASP CA  C    sing N N 58  
ASP CA  CB   sing N N 59  
ASP CA  HA   sing N N 60  
ASP C   O    doub N N 61  
ASP C   OXT  sing N N 62  
ASP CB  CG   sing N N 63  
ASP CB  HB2  sing N N 64  
ASP CB  HB3  sing N N 65  
ASP CG  OD1  doub N N 66  
ASP CG  OD2  sing N N 67  
ASP OD2 HD2  sing N N 68  
ASP OXT HXT  sing N N 69  
CYS N   CA   sing N N 70  
CYS N   H    sing N N 71  
CYS N   H2   sing N N 72  
CYS CA  C    sing N N 73  
CYS CA  CB   sing N N 74  
CYS CA  HA   sing N N 75  
CYS C   O    doub N N 76  
CYS C   OXT  sing N N 77  
CYS CB  SG   sing N N 78  
CYS CB  HB2  sing N N 79  
CYS CB  HB3  sing N N 80  
CYS SG  HG   sing N N 81  
CYS OXT HXT  sing N N 82  
EDO C1  O1   sing N N 83  
EDO C1  C2   sing N N 84  
EDO C1  H11  sing N N 85  
EDO C1  H12  sing N N 86  
EDO O1  HO1  sing N N 87  
EDO C2  O2   sing N N 88  
EDO C2  H21  sing N N 89  
EDO C2  H22  sing N N 90  
EDO O2  HO2  sing N N 91  
GLN N   CA   sing N N 92  
GLN N   H    sing N N 93  
GLN N   H2   sing N N 94  
GLN CA  C    sing N N 95  
GLN CA  CB   sing N N 96  
GLN CA  HA   sing N N 97  
GLN C   O    doub N N 98  
GLN C   OXT  sing N N 99  
GLN CB  CG   sing N N 100 
GLN CB  HB2  sing N N 101 
GLN CB  HB3  sing N N 102 
GLN CG  CD   sing N N 103 
GLN CG  HG2  sing N N 104 
GLN CG  HG3  sing N N 105 
GLN CD  OE1  doub N N 106 
GLN CD  NE2  sing N N 107 
GLN NE2 HE21 sing N N 108 
GLN NE2 HE22 sing N N 109 
GLN OXT HXT  sing N N 110 
GLU N   CA   sing N N 111 
GLU N   H    sing N N 112 
GLU N   H2   sing N N 113 
GLU CA  C    sing N N 114 
GLU CA  CB   sing N N 115 
GLU CA  HA   sing N N 116 
GLU C   O    doub N N 117 
GLU C   OXT  sing N N 118 
GLU CB  CG   sing N N 119 
GLU CB  HB2  sing N N 120 
GLU CB  HB3  sing N N 121 
GLU CG  CD   sing N N 122 
GLU CG  HG2  sing N N 123 
GLU CG  HG3  sing N N 124 
GLU CD  OE1  doub N N 125 
GLU CD  OE2  sing N N 126 
GLU OE2 HE2  sing N N 127 
GLU OXT HXT  sing N N 128 
GLY N   CA   sing N N 129 
GLY N   H    sing N N 130 
GLY N   H2   sing N N 131 
GLY CA  C    sing N N 132 
GLY CA  HA2  sing N N 133 
GLY CA  HA3  sing N N 134 
GLY C   O    doub N N 135 
GLY C   OXT  sing N N 136 
GLY OXT HXT  sing N N 137 
HIS N   CA   sing N N 138 
HIS N   H    sing N N 139 
HIS N   H2   sing N N 140 
HIS CA  C    sing N N 141 
HIS CA  CB   sing N N 142 
HIS CA  HA   sing N N 143 
HIS C   O    doub N N 144 
HIS C   OXT  sing N N 145 
HIS CB  CG   sing N N 146 
HIS CB  HB2  sing N N 147 
HIS CB  HB3  sing N N 148 
HIS CG  ND1  sing Y N 149 
HIS CG  CD2  doub Y N 150 
HIS ND1 CE1  doub Y N 151 
HIS ND1 HD1  sing N N 152 
HIS CD2 NE2  sing Y N 153 
HIS CD2 HD2  sing N N 154 
HIS CE1 NE2  sing Y N 155 
HIS CE1 HE1  sing N N 156 
HIS NE2 HE2  sing N N 157 
HIS OXT HXT  sing N N 158 
HOH O   H1   sing N N 159 
HOH O   H2   sing N N 160 
ILE N   CA   sing N N 161 
ILE N   H    sing N N 162 
ILE N   H2   sing N N 163 
ILE CA  C    sing N N 164 
ILE CA  CB   sing N N 165 
ILE CA  HA   sing N N 166 
ILE C   O    doub N N 167 
ILE C   OXT  sing N N 168 
ILE CB  CG1  sing N N 169 
ILE CB  CG2  sing N N 170 
ILE CB  HB   sing N N 171 
ILE CG1 CD1  sing N N 172 
ILE CG1 HG12 sing N N 173 
ILE CG1 HG13 sing N N 174 
ILE CG2 HG21 sing N N 175 
ILE CG2 HG22 sing N N 176 
ILE CG2 HG23 sing N N 177 
ILE CD1 HD11 sing N N 178 
ILE CD1 HD12 sing N N 179 
ILE CD1 HD13 sing N N 180 
ILE OXT HXT  sing N N 181 
LEU N   CA   sing N N 182 
LEU N   H    sing N N 183 
LEU N   H2   sing N N 184 
LEU CA  C    sing N N 185 
LEU CA  CB   sing N N 186 
LEU CA  HA   sing N N 187 
LEU C   O    doub N N 188 
LEU C   OXT  sing N N 189 
LEU CB  CG   sing N N 190 
LEU CB  HB2  sing N N 191 
LEU CB  HB3  sing N N 192 
LEU CG  CD1  sing N N 193 
LEU CG  CD2  sing N N 194 
LEU CG  HG   sing N N 195 
LEU CD1 HD11 sing N N 196 
LEU CD1 HD12 sing N N 197 
LEU CD1 HD13 sing N N 198 
LEU CD2 HD21 sing N N 199 
LEU CD2 HD22 sing N N 200 
LEU CD2 HD23 sing N N 201 
LEU OXT HXT  sing N N 202 
LYS N   CA   sing N N 203 
LYS N   H    sing N N 204 
LYS N   H2   sing N N 205 
LYS CA  C    sing N N 206 
LYS CA  CB   sing N N 207 
LYS CA  HA   sing N N 208 
LYS C   O    doub N N 209 
LYS C   OXT  sing N N 210 
LYS CB  CG   sing N N 211 
LYS CB  HB2  sing N N 212 
LYS CB  HB3  sing N N 213 
LYS CG  CD   sing N N 214 
LYS CG  HG2  sing N N 215 
LYS CG  HG3  sing N N 216 
LYS CD  CE   sing N N 217 
LYS CD  HD2  sing N N 218 
LYS CD  HD3  sing N N 219 
LYS CE  NZ   sing N N 220 
LYS CE  HE2  sing N N 221 
LYS CE  HE3  sing N N 222 
LYS NZ  HZ1  sing N N 223 
LYS NZ  HZ2  sing N N 224 
LYS NZ  HZ3  sing N N 225 
LYS OXT HXT  sing N N 226 
MET N   CA   sing N N 227 
MET N   H    sing N N 228 
MET N   H2   sing N N 229 
MET CA  C    sing N N 230 
MET CA  CB   sing N N 231 
MET CA  HA   sing N N 232 
MET C   O    doub N N 233 
MET C   OXT  sing N N 234 
MET CB  CG   sing N N 235 
MET CB  HB2  sing N N 236 
MET CB  HB3  sing N N 237 
MET CG  SD   sing N N 238 
MET CG  HG2  sing N N 239 
MET CG  HG3  sing N N 240 
MET SD  CE   sing N N 241 
MET CE  HE1  sing N N 242 
MET CE  HE2  sing N N 243 
MET CE  HE3  sing N N 244 
MET OXT HXT  sing N N 245 
PHE N   CA   sing N N 246 
PHE N   H    sing N N 247 
PHE N   H2   sing N N 248 
PHE CA  C    sing N N 249 
PHE CA  CB   sing N N 250 
PHE CA  HA   sing N N 251 
PHE C   O    doub N N 252 
PHE C   OXT  sing N N 253 
PHE CB  CG   sing N N 254 
PHE CB  HB2  sing N N 255 
PHE CB  HB3  sing N N 256 
PHE CG  CD1  doub Y N 257 
PHE CG  CD2  sing Y N 258 
PHE CD1 CE1  sing Y N 259 
PHE CD1 HD1  sing N N 260 
PHE CD2 CE2  doub Y N 261 
PHE CD2 HD2  sing N N 262 
PHE CE1 CZ   doub Y N 263 
PHE CE1 HE1  sing N N 264 
PHE CE2 CZ   sing Y N 265 
PHE CE2 HE2  sing N N 266 
PHE CZ  HZ   sing N N 267 
PHE OXT HXT  sing N N 268 
PRO N   CA   sing N N 269 
PRO N   CD   sing N N 270 
PRO N   H    sing N N 271 
PRO CA  C    sing N N 272 
PRO CA  CB   sing N N 273 
PRO CA  HA   sing N N 274 
PRO C   O    doub N N 275 
PRO C   OXT  sing N N 276 
PRO CB  CG   sing N N 277 
PRO CB  HB2  sing N N 278 
PRO CB  HB3  sing N N 279 
PRO CG  CD   sing N N 280 
PRO CG  HG2  sing N N 281 
PRO CG  HG3  sing N N 282 
PRO CD  HD2  sing N N 283 
PRO CD  HD3  sing N N 284 
PRO OXT HXT  sing N N 285 
RHY C07 C06  sing N N 286 
RHY C07 C08  sing N N 287 
RHY C05 C06  sing N N 288 
RHY C05 N04  sing N N 289 
RHY C06 C10  sing N N 290 
RHY N15 C14  doub Y N 291 
RHY N15 C16  sing Y N 292 
RHY C08 C16  sing N N 293 
RHY C08 O09  sing N N 294 
RHY C14 N13  sing Y N 295 
RHY C16 C12  doub Y N 296 
RHY O03 C02  doub N N 297 
RHY N13 C12  sing Y N 298 
RHY N04 C02  sing N N 299 
RHY N04 C17  sing N N 300 
RHY C12 C11  sing N N 301 
RHY C02 C01  sing N N 302 
RHY C10 C11  sing N N 303 
RHY C10 O09  sing N N 304 
RHY C10 C17  sing N N 305 
RHY C17 H1   sing N N 306 
RHY C17 H2   sing N N 307 
RHY C01 H3   sing N N 308 
RHY C01 H4   sing N N 309 
RHY C01 H5   sing N N 310 
RHY C05 H6   sing N N 311 
RHY C05 H7   sing N N 312 
RHY C06 H8   sing N N 313 
RHY C07 H9   sing N N 314 
RHY C07 H10  sing N N 315 
RHY C08 H11  sing N N 316 
RHY C11 H12  sing N N 317 
RHY C11 H13  sing N N 318 
RHY C14 H14  sing N N 319 
RHY N13 H15  sing N N 320 
SER N   CA   sing N N 321 
SER N   H    sing N N 322 
SER N   H2   sing N N 323 
SER CA  C    sing N N 324 
SER CA  CB   sing N N 325 
SER CA  HA   sing N N 326 
SER C   O    doub N N 327 
SER C   OXT  sing N N 328 
SER CB  OG   sing N N 329 
SER CB  HB2  sing N N 330 
SER CB  HB3  sing N N 331 
SER OG  HG   sing N N 332 
SER OXT HXT  sing N N 333 
SO4 S   O1   doub N N 334 
SO4 S   O2   doub N N 335 
SO4 S   O3   sing N N 336 
SO4 S   O4   sing N N 337 
THR N   CA   sing N N 338 
THR N   H    sing N N 339 
THR N   H2   sing N N 340 
THR CA  C    sing N N 341 
THR CA  CB   sing N N 342 
THR CA  HA   sing N N 343 
THR C   O    doub N N 344 
THR C   OXT  sing N N 345 
THR CB  OG1  sing N N 346 
THR CB  CG2  sing N N 347 
THR CB  HB   sing N N 348 
THR OG1 HG1  sing N N 349 
THR CG2 HG21 sing N N 350 
THR CG2 HG22 sing N N 351 
THR CG2 HG23 sing N N 352 
THR OXT HXT  sing N N 353 
TYR N   CA   sing N N 354 
TYR N   H    sing N N 355 
TYR N   H2   sing N N 356 
TYR CA  C    sing N N 357 
TYR CA  CB   sing N N 358 
TYR CA  HA   sing N N 359 
TYR C   O    doub N N 360 
TYR C   OXT  sing N N 361 
TYR CB  CG   sing N N 362 
TYR CB  HB2  sing N N 363 
TYR CB  HB3  sing N N 364 
TYR CG  CD1  doub Y N 365 
TYR CG  CD2  sing Y N 366 
TYR CD1 CE1  sing Y N 367 
TYR CD1 HD1  sing N N 368 
TYR CD2 CE2  doub Y N 369 
TYR CD2 HD2  sing N N 370 
TYR CE1 CZ   doub Y N 371 
TYR CE1 HE1  sing N N 372 
TYR CE2 CZ   sing Y N 373 
TYR CE2 HE2  sing N N 374 
TYR CZ  OH   sing N N 375 
TYR OH  HH   sing N N 376 
TYR OXT HXT  sing N N 377 
VAL N   CA   sing N N 378 
VAL N   H    sing N N 379 
VAL N   H2   sing N N 380 
VAL CA  C    sing N N 381 
VAL CA  CB   sing N N 382 
VAL CA  HA   sing N N 383 
VAL C   O    doub N N 384 
VAL C   OXT  sing N N 385 
VAL CB  CG1  sing N N 386 
VAL CB  CG2  sing N N 387 
VAL CB  HB   sing N N 388 
VAL CG1 HG11 sing N N 389 
VAL CG1 HG12 sing N N 390 
VAL CG1 HG13 sing N N 391 
VAL CG2 HG21 sing N N 392 
VAL CG2 HG22 sing N N 393 
VAL CG2 HG23 sing N N 394 
VAL OXT HXT  sing N N 395 
# 
_pdbx_deposit_group.group_id            G_1002118 
_pdbx_deposit_group.group_description   
;Bromodomain of human ATAD2 screened against the Leeds 3D Fragment Library by X-ray Crystallography at the XChem
facility of Diamond Light Source beamline I04-1
;
_pdbx_deposit_group.group_title         'PanDDA analysis group deposition - Bromodomain of human ATAD2 fragment screening' 
_pdbx_deposit_group.group_type          'changed state' 
# 
_pdbx_entity_instance_feature.ordinal        1 
_pdbx_entity_instance_feature.comp_id        RHY 
_pdbx_entity_instance_feature.asym_id        ? 
_pdbx_entity_instance_feature.seq_num        ? 
_pdbx_entity_instance_feature.auth_comp_id   RHY 
_pdbx_entity_instance_feature.auth_asym_id   ? 
_pdbx_entity_instance_feature.auth_seq_num   ? 
_pdbx_entity_instance_feature.feature_type   'SUBJECT OF INVESTIGATION' 
_pdbx_entity_instance_feature.details        ? 
# 
_atom_sites.entry_id                    5QXR 
_atom_sites.fract_transf_matrix[1][1]   -0.00300090 
_atom_sites.fract_transf_matrix[1][2]   -0.01361647 
_atom_sites.fract_transf_matrix[1][3]   0.00312699 
_atom_sites.fract_transf_matrix[2][1]   -0.00756146 
_atom_sites.fract_transf_matrix[2][2]   -0.00793637 
_atom_sites.fract_transf_matrix[2][3]   -0.00916590 
_atom_sites.fract_transf_matrix[3][1]   0.00603992 
_atom_sites.fract_transf_matrix[3][2]   -0.00206481 
_atom_sites.fract_transf_matrix[3][3]   -0.00319483 
_atom_sites.fract_transf_vector[1]      0.445687 
_atom_sites.fract_transf_vector[2]      0.601156 
_atom_sites.fract_transf_vector[3]      -0.025575 
# 
loop_
_atom_type.symbol 
C 
N 
O 
S 
# 
loop_
_atom_site.group_PDB 
_atom_site.id 
_atom_site.type_symbol 
_atom_site.label_atom_id 
_atom_site.label_alt_id 
_atom_site.label_comp_id 
_atom_site.label_asym_id 
_atom_site.label_entity_id 
_atom_site.label_seq_id 
_atom_site.pdbx_PDB_ins_code 
_atom_site.Cartn_x 
_atom_site.Cartn_y 
_atom_site.Cartn_z 
_atom_site.occupancy 
_atom_site.B_iso_or_equiv 
_atom_site.pdbx_formal_charge 
_atom_site.auth_seq_id 
_atom_site.auth_comp_id 
_atom_site.auth_asym_id 
_atom_site.auth_atom_id 
_atom_site.pdbx_PDB_model_num 
ATOM   1    N N   . SER A 1 1   ? 1.987   14.955  -21.803 1.00 36.29  ? 979  SER A N   1 
ATOM   2    C CA  . SER A 1 1   ? 3.083   14.714  -22.774 1.00 41.91  ? 979  SER A CA  1 
ATOM   3    C C   . SER A 1 1   ? 3.537   13.237  -22.705 1.00 50.99  ? 979  SER A C   1 
ATOM   4    O O   . SER A 1 1   ? 3.155   12.489  -21.736 1.00 38.45  ? 979  SER A O   1 
ATOM   5    C CB  . SER A 1 1   ? 4.228   15.663  -22.503 1.00 46.81  ? 979  SER A CB  1 
ATOM   6    O OG  . SER A 1 1   ? 4.908   15.336  -21.275 1.00 41.85  ? 979  SER A OG  1 
ATOM   7    N N   . MET A 1 2   ? 4.329   12.814  -23.686 1.00 46.75  ? 980  MET A N   1 
ATOM   8    C CA  . MET A 1 2   ? 4.932   11.457  -23.713 1.00 54.22  ? 980  MET A CA  1 
ATOM   9    C C   . MET A 1 2   ? 5.868   11.327  -22.500 1.00 39.26  ? 980  MET A C   1 
ATOM   10   O O   . MET A 1 2   ? 5.928   10.261  -21.913 1.00 36.20  ? 980  MET A O   1 
ATOM   11   C CB  . MET A 1 2   ? 5.749   11.218  -24.991 1.00 61.47  ? 980  MET A CB  1 
ATOM   12   C CG  . MET A 1 2   ? 6.356   9.817   -25.071 1.00 76.39  ? 980  MET A CG  1 
ATOM   13   S SD  . MET A 1 2   ? 5.071   8.558   -25.389 1.00 107.51 ? 980  MET A SD  1 
ATOM   14   C CE  . MET A 1 2   ? 4.686   7.930   -23.755 1.00 91.74  ? 980  MET A CE  1 
ATOM   15   N N   . GLN A 1 3   ? 6.614   12.367  -22.184 1.00 34.85  ? 981  GLN A N   1 
ATOM   16   C CA  . GLN A 1 3   ? 7.590   12.362  -21.065 1.00 40.17  ? 981  GLN A CA  1 
ATOM   17   C C   . GLN A 1 3   ? 6.832   12.142  -19.752 1.00 35.03  ? 981  GLN A C   1 
ATOM   18   O O   . GLN A 1 3   ? 7.372   11.453  -18.839 1.00 32.51  ? 981  GLN A O   1 
ATOM   19   C CB  . GLN A 1 3   ? 8.411   13.653  -21.018 1.00 47.81  ? 981  GLN A CB  1 
ATOM   20   C CG  . GLN A 1 3   ? 9.113   13.949  -22.349 1.00 64.18  ? 981  GLN A CG  1 
ATOM   21   C CD  . GLN A 1 3   ? 8.271   14.832  -23.252 1.00 71.53  ? 981  GLN A CD  1 
ATOM   22   O OE1 . GLN A 1 3   ? 7.474   14.370  -24.097 1.00 66.80  ? 981  GLN A OE1 1 
ATOM   23   N NE2 . GLN A 1 3   ? 8.403   16.129  -23.022 1.00 68.09  ? 981  GLN A NE2 1 
ATOM   24   N N   . GLU A 1 4   ? 5.651   12.736  -19.624 1.00 27.36  ? 982  GLU A N   1 
ATOM   25   C CA  . GLU A 1 4   ? 4.829   12.600  -18.390 1.00 26.00  ? 982  GLU A CA  1 
ATOM   26   C C   . GLU A 1 4   ? 4.334   11.146  -18.317 1.00 23.49  ? 982  GLU A C   1 
ATOM   27   O O   . GLU A 1 4   ? 4.334   10.531  -17.202 1.00 20.92  ? 982  GLU A O   1 
ATOM   28   C CB  . GLU A 1 4   ? 3.691   13.628  -18.363 1.00 24.98  ? 982  GLU A CB  1 
ATOM   29   C CG  . GLU A 1 4   ? 4.209   15.049  -18.092 1.00 28.73  ? 982  GLU A CG  1 
ATOM   30   C CD  . GLU A 1 4   ? 3.156   16.135  -18.234 1.00 33.45  ? 982  GLU A CD  1 
ATOM   31   O OE1 . GLU A 1 4   ? 2.128   15.797  -18.830 1.00 33.73  ? 982  GLU A OE1 1 
ATOM   32   O OE2 . GLU A 1 4   ? 3.363   17.310  -17.727 1.00 32.65  ? 982  GLU A OE2 1 
ATOM   33   N N   . GLU A 1 5   ? 3.911   10.564  -19.436 1.00 23.94  ? 983  GLU A N   1 
ATOM   34   C CA  . GLU A 1 5   ? 3.441   9.154   -19.392 1.00 25.83  ? 983  GLU A CA  1 
ATOM   35   C C   . GLU A 1 5   ? 4.629   8.211   -19.050 1.00 24.56  ? 983  GLU A C   1 
ATOM   36   O O   . GLU A 1 5   ? 4.382   7.211   -18.345 1.00 23.31  ? 983  GLU A O   1 
ATOM   37   C CB  . GLU A 1 5   ? 2.759   8.731   -20.715 1.00 31.90  ? 983  GLU A CB  1 
ATOM   38   C CG  . GLU A 1 5   ? 1.398   9.435   -20.952 1.00 38.50  ? 983  GLU A CG  1 
ATOM   39   C CD  . GLU A 1 5   ? 0.420   9.480   -19.766 1.00 48.21  ? 983  GLU A CD  1 
ATOM   40   O OE1 . GLU A 1 5   ? 0.072   8.381   -19.271 1.00 54.71  ? 983  GLU A OE1 1 
ATOM   41   O OE2 . GLU A 1 5   ? 0.057   10.627  -19.252 1.00 55.81  ? 983  GLU A OE2 1 
ATOM   42   N N   . ASP A 1 6   ? 5.841   8.506   -19.496 1.00 22.10  ? 984  ASP A N   1 
ATOM   43   C CA  . ASP A 1 6   ? 7.056   7.760   -19.110 1.00 23.52  ? 984  ASP A CA  1 
ATOM   44   C C   . ASP A 1 6   ? 7.301   7.913   -17.575 1.00 22.85  ? 984  ASP A C   1 
ATOM   45   O O   . ASP A 1 6   ? 7.667   6.876   -16.928 1.00 20.57  ? 984  ASP A O   1 
ATOM   46   C CB  . ASP A 1 6   ? 8.288   8.186   -19.895 1.00 27.38  ? 984  ASP A CB  1 
ATOM   47   C CG  . ASP A 1 6   ? 8.360   7.717   -21.363 1.00 31.40  ? 984  ASP A CG  1 
ATOM   48   O OD1 . ASP A 1 6   ? 7.541   6.890   -21.779 1.00 36.46  ? 984  ASP A OD1 1 
ATOM   49   O OD2 . ASP A 1 6   ? 9.221   8.241   -22.042 1.00 39.60  ? 984  ASP A OD2 1 
ATOM   50   N N   . THR A 1 7   ? 7.117   9.103   -16.994 1.00 20.64  ? 985  THR A N   1 
ATOM   51   C CA  . THR A 1 7   ? 7.198   9.311   -15.521 1.00 19.61  ? 985  THR A CA  1 
ATOM   52   C C   . THR A 1 7   ? 6.252   8.320   -14.819 1.00 19.83  ? 985  THR A C   1 
ATOM   53   O O   . THR A 1 7   ? 6.695   7.604   -13.843 1.00 18.35  ? 985  THR A O   1 
ATOM   54   C CB  . THR A 1 7   ? 7.009   10.780  -15.111 1.00 19.64  ? 985  THR A CB  1 
ATOM   55   O OG1 . THR A 1 7   ? 7.972   11.570  -15.853 1.00 23.56  ? 985  THR A OG1 1 
ATOM   56   C CG2 . THR A 1 7   ? 7.109   10.954  -13.622 1.00 20.49  ? 985  THR A CG2 1 
ATOM   57   N N   . PHE A 1 8   ? 4.952   8.318   -15.162 1.00 19.33  ? 986  PHE A N   1 
ATOM   58   C CA  . PHE A 1 8   ? 3.975   7.438   -14.477 1.00 19.90  ? 986  PHE A CA  1 
ATOM   59   C C   . PHE A 1 8   ? 4.292   5.930   -14.666 1.00 20.56  ? 986  PHE A C   1 
ATOM   60   O O   . PHE A 1 8   ? 4.023   5.141   -13.748 1.00 20.63  ? 986  PHE A O   1 
ATOM   61   C CB  . PHE A 1 8   ? 2.520   7.820   -14.769 1.00 21.13  ? 986  PHE A CB  1 
ATOM   62   C CG  . PHE A 1 8   ? 2.100   9.185   -14.287 1.00 20.88  ? 986  PHE A CG  1 
ATOM   63   C CD1 . PHE A 1 8   ? 2.260   9.588   -12.972 1.00 22.34  ? 986  PHE A CD1 1 
ATOM   64   C CD2 . PHE A 1 8   ? 1.475   10.059  -15.154 1.00 23.27  ? 986  PHE A CD2 1 
ATOM   65   C CE1 . PHE A 1 8   ? 1.895   10.851  -12.542 1.00 26.25  ? 986  PHE A CE1 1 
ATOM   66   C CE2 . PHE A 1 8   ? 1.083   11.314  -14.706 1.00 23.64  ? 986  PHE A CE2 1 
ATOM   67   C CZ  . PHE A 1 8   ? 1.309   11.717  -13.418 1.00 25.18  ? 986  PHE A CZ  1 
ATOM   68   N N   A ARG A 1 9   ? 4.880   5.534   -15.801 0.23 20.21  ? 987  ARG A N   1 
ATOM   69   N N   B ARG A 1 9   ? 4.824   5.567   -15.833 0.23 20.39  ? 987  ARG A N   1 
ATOM   70   N N   C ARG A 1 9   ? 4.865   5.528   -15.805 0.04 18.55  ? 987  ARG A N   1 
ATOM   71   C CA  A ARG A 1 9   ? 5.249   4.109   -16.062 0.23 20.65  ? 987  ARG A CA  1 
ATOM   72   C CA  B ARG A 1 9   ? 5.286   4.186   -16.111 0.23 21.03  ? 987  ARG A CA  1 
ATOM   73   C CA  C ARG A 1 9   ? 5.238   4.103   -16.043 0.04 17.52  ? 987  ARG A CA  1 
ATOM   74   C C   A ARG A 1 9   ? 6.438   3.717   -15.161 0.23 18.79  ? 987  ARG A C   1 
ATOM   75   C C   B ARG A 1 9   ? 6.334   3.807   -15.059 0.23 19.21  ? 987  ARG A C   1 
ATOM   76   C C   C ARG A 1 9   ? 6.417   3.728   -15.134 0.04 17.46  ? 987  ARG A C   1 
ATOM   77   O O   A ARG A 1 9   ? 6.487   2.559   -14.680 0.23 17.54  ? 987  ARG A O   1 
ATOM   78   O O   B ARG A 1 9   ? 6.134   2.785   -14.359 0.23 18.33  ? 987  ARG A O   1 
ATOM   79   O O   C ARG A 1 9   ? 6.423   2.587   -14.627 0.04 17.27  ? 987  ARG A O   1 
ATOM   80   C CB  A ARG A 1 9   ? 5.555   3.896   -17.548 0.23 22.94  ? 987  ARG A CB  1 
ATOM   81   C CB  B ARG A 1 9   ? 5.891   4.090   -17.509 0.23 23.53  ? 987  ARG A CB  1 
ATOM   82   C CB  C ARG A 1 9   ? 5.571   3.821   -17.512 0.04 16.65  ? 987  ARG A CB  1 
ATOM   83   C CG  A ARG A 1 9   ? 5.319   2.477   -18.046 0.23 25.15  ? 987  ARG A CG  1 
ATOM   84   C CG  B ARG A 1 9   ? 6.273   2.676   -17.897 0.23 26.32  ? 987  ARG A CG  1 
ATOM   85   C CG  C ARG A 1 9   ? 5.615   2.336   -17.849 0.04 15.87  ? 987  ARG A CG  1 
ATOM   86   C CD  A ARG A 1 9   ? 5.468   2.382   -19.559 0.23 26.85  ? 987  ARG A CD  1 
ATOM   87   C CD  B ARG A 1 9   ? 6.079   2.455   -19.378 0.23 27.72  ? 987  ARG A CD  1 
ATOM   88   C CD  C ARG A 1 9   ? 4.980   2.078   -19.199 0.04 15.14  ? 987  ARG A CD  1 
ATOM   89   N NE  A ARG A 1 9   ? 4.543   3.238   -20.277 0.23 31.74  ? 987  ARG A NE  1 
ATOM   90   N NE  B ARG A 1 9   ? 6.016   1.031   -19.647 0.23 30.00  ? 987  ARG A NE  1 
ATOM   91   N NE  C ARG A 1 9   ? 5.193   0.777   -19.826 0.04 14.57  ? 987  ARG A NE  1 
ATOM   92   C CZ  A ARG A 1 9   ? 4.883   4.288   -21.026 0.23 28.38  ? 987  ARG A CZ  1 
ATOM   93   C CZ  B ARG A 1 9   ? 7.070   0.241   -19.838 0.23 27.28  ? 987  ARG A CZ  1 
ATOM   94   C CZ  C ARG A 1 9   ? 6.057   -0.171  -19.461 0.04 13.98  ? 987  ARG A CZ  1 
ATOM   95   N NH1 A ARG A 1 9   ? 6.145   4.631   -21.174 0.23 26.50  ? 987  ARG A NH1 1 
ATOM   96   N NH1 B ARG A 1 9   ? 6.831   -1.033  -20.112 0.23 27.10  ? 987  ARG A NH1 1 
ATOM   97   N NH1 C ARG A 1 9   ? 6.119   -1.274  -20.186 0.04 13.31  ? 987  ARG A NH1 1 
ATOM   98   N NH2 A ARG A 1 9   ? 3.943   4.991   -21.613 0.23 27.19  ? 987  ARG A NH2 1 
ATOM   99   N NH2 B ARG A 1 9   ? 8.314   0.723   -19.758 0.23 24.10  ? 987  ARG A NH2 1 
ATOM   100  N NH2 C ARG A 1 9   ? 6.825   -0.051  -18.388 0.04 13.33  ? 987  ARG A NH2 1 
ATOM   101  N N   . GLU A 1 10  ? 7.374   4.643   -14.941 1.00 17.20  ? 988  GLU A N   1 
ATOM   102  C CA  . GLU A 1 10  ? 8.488   4.432   -13.975 1.00 17.73  ? 988  GLU A CA  1 
ATOM   103  C C   . GLU A 1 10  ? 7.909   4.326   -12.545 1.00 16.54  ? 988  GLU A C   1 
ATOM   104  O O   . GLU A 1 10  ? 8.333   3.357   -11.794 1.00 15.93  ? 988  GLU A O   1 
ATOM   105  C CB  . GLU A 1 10  ? 9.581   5.492   -14.091 1.00 17.71  ? 988  GLU A CB  1 
ATOM   106  C CG  . GLU A 1 10  ? 10.669  5.261   -13.062 1.00 18.20  ? 988  GLU A CG  1 
ATOM   107  C CD  . GLU A 1 10  ? 12.023  5.902   -13.334 1.00 21.74  ? 988  GLU A CD  1 
ATOM   108  O OE1 . GLU A 1 10  ? 12.891  5.878   -12.416 1.00 20.30  ? 988  GLU A OE1 1 
ATOM   109  O OE2 . GLU A 1 10  ? 12.154  6.515   -14.434 1.00 22.22  ? 988  GLU A OE2 1 
ATOM   110  N N   . LEU A 1 11  ? 6.951   5.171   -12.157 1.00 16.94  ? 989  LEU A N   1 
ATOM   111  C CA  . LEU A 1 11  ? 6.288   5.075   -10.840 1.00 17.95  ? 989  LEU A CA  1 
ATOM   112  C C   . LEU A 1 11  ? 5.667   3.675   -10.677 1.00 15.94  ? 989  LEU A C   1 
ATOM   113  O O   . LEU A 1 11  ? 5.901   3.016   -9.628  1.00 15.94  ? 989  LEU A O   1 
ATOM   114  C CB  . LEU A 1 11  ? 5.233   6.169   -10.688 1.00 18.60  ? 989  LEU A CB  1 
ATOM   115  C CG  . LEU A 1 11  ? 4.431   6.087   -9.394  1.00 17.97  ? 989  LEU A CG  1 
ATOM   116  C CD1 . LEU A 1 11  ? 5.292   6.310   -8.162  1.00 19.28  ? 989  LEU A CD1 1 
ATOM   117  C CD2 . LEU A 1 11  ? 3.239   7.045   -9.431  1.00 22.06  ? 989  LEU A CD2 1 
ATOM   118  N N   . ARG A 1 12  ? 4.919   3.179   -11.666 1.00 16.29  ? 990  ARG A N   1 
ATOM   119  C CA  . ARG A 1 12  ? 4.284   1.843   -11.558 1.00 16.44  ? 990  ARG A CA  1 
ATOM   120  C C   . ARG A 1 12  ? 5.324   0.746   -11.400 1.00 16.15  ? 990  ARG A C   1 
ATOM   121  O O   . ARG A 1 12  ? 5.073   -0.201  -10.566 1.00 15.88  ? 990  ARG A O   1 
ATOM   122  C CB  . ARG A 1 12  ? 3.308   1.571   -12.727 1.00 15.56  ? 990  ARG A CB  1 
ATOM   123  C CG  . ARG A 1 12  ? 2.103   2.508   -12.706 1.00 17.90  ? 990  ARG A CG  1 
ATOM   124  C CD  . ARG A 1 12  ? 1.007   2.188   -13.722 1.00 18.79  ? 990  ARG A CD  1 
ATOM   125  N NE  . ARG A 1 12  ? 1.474   2.189   -15.101 1.00 19.91  ? 990  ARG A NE  1 
ATOM   126  C CZ  . ARG A 1 12  ? 1.420   3.255   -15.921 1.00 20.34  ? 990  ARG A CZ  1 
ATOM   127  N NH1 . ARG A 1 12  ? 1.833   3.127   -17.178 1.00 23.74  ? 990  ARG A NH1 1 
ATOM   128  N NH2 . ARG A 1 12  ? 0.983   4.405   -15.484 1.00 21.93  ? 990  ARG A NH2 1 
ATOM   129  N N   . ILE A 1 13  ? 6.420   0.770   -12.146 1.00 16.94  ? 991  ILE A N   1 
ATOM   130  C CA  . ILE A 1 13  ? 7.500   -0.253  -12.049 1.00 16.49  ? 991  ILE A CA  1 
ATOM   131  C C   . ILE A 1 13  ? 8.060   -0.259  -10.604 1.00 14.87  ? 991  ILE A C   1 
ATOM   132  O O   . ILE A 1 13  ? 8.162   -1.348  -10.002 1.00 15.90  ? 991  ILE A O   1 
ATOM   133  C CB  . ILE A 1 13  ? 8.598   -0.035  -13.103 1.00 19.45  ? 991  ILE A CB  1 
ATOM   134  C CG1 . ILE A 1 13  ? 8.022   -0.288  -14.498 1.00 25.11  ? 991  ILE A CG1 1 
ATOM   135  C CG2 . ILE A 1 13  ? 9.790   -0.902  -12.806 1.00 22.31  ? 991  ILE A CG2 1 
ATOM   136  C CD1 . ILE A 1 13  ? 8.897   0.278   -15.558 1.00 27.83  ? 991  ILE A CD1 1 
ATOM   137  N N   . PHE A 1 14  ? 8.336   0.916   -10.103 1.00 15.44  ? 992  PHE A N   1 
ATOM   138  C CA  . PHE A 1 14  ? 8.873   1.117   -8.721  1.00 16.49  ? 992  PHE A CA  1 
ATOM   139  C C   . PHE A 1 14  ? 7.865   0.505   -7.712  1.00 16.92  ? 992  PHE A C   1 
ATOM   140  O O   . PHE A 1 14  ? 8.254   -0.268  -6.782  1.00 15.52  ? 992  PHE A O   1 
ATOM   141  C CB  . PHE A 1 14  ? 9.163   2.595   -8.421  1.00 17.40  ? 992  PHE A CB  1 
ATOM   142  C CG  . PHE A 1 14  ? 9.618   2.888   -7.000  1.00 17.91  ? 992  PHE A CG  1 
ATOM   143  C CD1 . PHE A 1 14  ? 10.870  2.477   -6.566  1.00 20.58  ? 992  PHE A CD1 1 
ATOM   144  C CD2 . PHE A 1 14  ? 8.756   3.531   -6.117  1.00 19.02  ? 992  PHE A CD2 1 
ATOM   145  C CE1 . PHE A 1 14  ? 11.281  2.691   -5.247  1.00 20.66  ? 992  PHE A CE1 1 
ATOM   146  C CE2 . PHE A 1 14  ? 9.184   3.774   -4.812  1.00 20.81  ? 992  PHE A CE2 1 
ATOM   147  C CZ  . PHE A 1 14  ? 10.418  3.314   -4.387  1.00 18.25  ? 992  PHE A CZ  1 
ATOM   148  N N   . LEU A 1 15  ? 6.562   0.838   -7.803  1.00 15.90  ? 993  LEU A N   1 
ATOM   149  C CA  . LEU A 1 15  ? 5.532   0.380   -6.816  1.00 15.74  ? 993  LEU A CA  1 
ATOM   150  C C   . LEU A 1 15  ? 5.323   -1.133  -6.886  1.00 15.94  ? 993  LEU A C   1 
ATOM   151  O O   . LEU A 1 15  ? 5.176   -1.798  -5.841  1.00 17.42  ? 993  LEU A O   1 
ATOM   152  C CB  . LEU A 1 15  ? 4.204   1.113   -7.043  1.00 17.06  ? 993  LEU A CB  1 
ATOM   153  C CG  . LEU A 1 15  ? 4.250   2.622   -6.794  1.00 17.99  ? 993  LEU A CG  1 
ATOM   154  C CD1 . LEU A 1 15  ? 2.871   3.260   -7.046  1.00 18.12  ? 993  LEU A CD1 1 
ATOM   155  C CD2 . LEU A 1 15  ? 4.774   2.932   -5.384  1.00 17.64  ? 993  LEU A CD2 1 
ATOM   156  N N   . ARG A 1 16  ? 5.330   -1.720  -8.088  1.00 17.25  ? 994  ARG A N   1 
ATOM   157  C CA  . ARG A 1 16  ? 5.217   -3.191  -8.201  1.00 15.96  ? 994  ARG A CA  1 
ATOM   158  C C   . ARG A 1 16  ? 6.399   -3.900  -7.532  1.00 18.81  ? 994  ARG A C   1 
ATOM   159  O O   . ARG A 1 16  ? 6.186   -4.963  -6.886  1.00 16.32  ? 994  ARG A O   1 
ATOM   160  C CB  . ARG A 1 16  ? 5.160   -3.669  -9.666  1.00 19.01  ? 994  ARG A CB  1 
ATOM   161  C CG  . ARG A 1 16  ? 3.977   -3.223  -10.501 1.00 19.37  ? 994  ARG A CG  1 
ATOM   162  C CD  . ARG A 1 16  ? 3.795   -4.058  -11.801 1.00 21.00  ? 994  ARG A CD  1 
ATOM   163  N NE  . ARG A 1 16  ? 2.904   -3.352  -12.669 1.00 21.21  ? 994  ARG A NE  1 
ATOM   164  C CZ  . ARG A 1 16  ? 3.193   -2.380  -13.519 1.00 22.01  ? 994  ARG A CZ  1 
ATOM   165  N NH1 . ARG A 1 16  ? 4.421   -2.036  -13.874 1.00 21.70  ? 994  ARG A NH1 1 
ATOM   166  N NH2 . ARG A 1 16  ? 2.165   -1.772  -14.091 1.00 24.49  ? 994  ARG A NH2 1 
ATOM   167  N N   . ASN A 1 17  ? 7.621   -3.368  -7.652  1.00 16.66  ? 995  ASN A N   1 
ATOM   168  C CA  . ASN A 1 17  ? 8.828   -3.975  -7.035  1.00 18.25  ? 995  ASN A CA  1 
ATOM   169  C C   . ASN A 1 17  ? 8.759   -3.871  -5.498  1.00 16.34  ? 995  ASN A C   1 
ATOM   170  O O   . ASN A 1 17  ? 8.956   -4.963  -4.833  1.00 15.90  ? 995  ASN A O   1 
ATOM   171  C CB  . ASN A 1 17  ? 10.079  -3.375  -7.641  1.00 20.23  ? 995  ASN A CB  1 
ATOM   172  C CG  . ASN A 1 17  ? 11.298  -3.956  -6.946  1.00 25.19  ? 995  ASN A CG  1 
ATOM   173  O OD1 . ASN A 1 17  ? 11.776  -3.328  -6.042  1.00 21.82  ? 995  ASN A OD1 1 
ATOM   174  N ND2 . ASN A 1 17  ? 11.761  -5.140  -7.383  1.00 28.20  ? 995  ASN A ND2 1 
ATOM   175  N N   . VAL A 1 18  ? 8.408   -2.713  -4.947  1.00 16.71  ? 996  VAL A N   1 
ATOM   176  C CA  . VAL A 1 18  ? 8.265   -2.604  -3.459  1.00 17.56  ? 996  VAL A CA  1 
ATOM   177  C C   . VAL A 1 18  ? 7.195   -3.614  -2.972  1.00 17.03  ? 996  VAL A C   1 
ATOM   178  O O   . VAL A 1 18  ? 7.353   -4.355  -1.969  1.00 16.31  ? 996  VAL A O   1 
ATOM   179  C CB  . VAL A 1 18  ? 7.878   -1.186  -3.062  1.00 18.26  ? 996  VAL A CB  1 
ATOM   180  C CG1 . VAL A 1 18  ? 7.543   -1.089  -1.569  1.00 17.50  ? 996  VAL A CG1 1 
ATOM   181  C CG2 . VAL A 1 18  ? 8.968   -0.172  -3.436  1.00 20.12  ? 996  VAL A CG2 1 
ATOM   182  N N   . THR A 1 19  ? 6.041   -3.641  -3.643  1.00 16.03  ? 997  THR A N   1 
ATOM   183  C CA  . THR A 1 19  ? 4.868   -4.465  -3.247  1.00 16.73  ? 997  THR A CA  1 
ATOM   184  C C   . THR A 1 19  ? 5.247   -5.957  -3.297  1.00 16.95  ? 997  THR A C   1 
ATOM   185  O O   . THR A 1 19  ? 4.881   -6.693  -2.312  1.00 17.92  ? 997  THR A O   1 
ATOM   186  C CB  . THR A 1 19  ? 3.615   -4.185  -4.075  1.00 15.94  ? 997  THR A CB  1 
ATOM   187  O OG1 . THR A 1 19  ? 3.347   -2.778  -4.065  1.00 15.63  ? 997  THR A OG1 1 
ATOM   188  C CG2 . THR A 1 19  ? 2.374   -4.843  -3.520  1.00 18.12  ? 997  THR A CG2 1 
ATOM   189  N N   . HIS A 1 20  ? 5.984   -6.413  -4.327  1.00 16.15  ? 998  HIS A N   1 
ATOM   190  C CA  . HIS A 1 20  ? 6.441   -7.826  -4.417  1.00 18.44  ? 998  HIS A CA  1 
ATOM   191  C C   . HIS A 1 20  ? 7.314   -8.162  -3.210  1.00 17.68  ? 998  HIS A C   1 
ATOM   192  O O   . HIS A 1 20  ? 7.164   -9.270  -2.653  1.00 17.42  ? 998  HIS A O   1 
ATOM   193  C CB  . HIS A 1 20  ? 7.256   -8.071  -5.694  1.00 22.09  ? 998  HIS A CB  1 
ATOM   194  C CG  . HIS A 1 20  ? 7.712   -9.482  -5.853  1.00 25.12  ? 998  HIS A CG  1 
ATOM   195  N ND1 . HIS A 1 20  ? 9.081   -9.889  -5.833  1.00 33.00  ? 998  HIS A ND1 1 
ATOM   196  C CD2 . HIS A 1 20  ? 6.984   -10.605 -6.071  1.00 27.43  ? 998  HIS A CD2 1 
ATOM   197  C CE1 . HIS A 1 20  ? 9.132   -11.220 -6.012  1.00 27.04  ? 998  HIS A CE1 1 
ATOM   198  N NE2 . HIS A 1 20  ? 7.848   -11.675 -6.151  1.00 31.71  ? 998  HIS A NE2 1 
ATOM   199  N N   . ARG A 1 21  ? 8.257   -7.294  -2.868  1.00 16.43  ? 999  ARG A N   1 
ATOM   200  C CA  . ARG A 1 21  ? 9.182   -7.525  -1.728  1.00 17.37  ? 999  ARG A CA  1 
ATOM   201  C C   . ARG A 1 21  ? 8.384   -7.634  -0.392  1.00 20.95  ? 999  ARG A C   1 
ATOM   202  O O   . ARG A 1 21  ? 8.781   -8.440  0.481   1.00 20.95  ? 999  ARG A O   1 
ATOM   203  C CB  . ARG A 1 21  ? 10.287  -6.472  -1.717  1.00 18.00  ? 999  ARG A CB  1 
ATOM   204  C CG  . ARG A 1 21  ? 11.288  -6.699  -2.871  1.00 21.02  ? 999  ARG A CG  1 
ATOM   205  C CD  . ARG A 1 21  ? 11.976  -5.411  -3.340  1.00 20.61  ? 999  ARG A CD  1 
ATOM   206  N NE  . ARG A 1 21  ? 12.791  -4.927  -2.290  1.00 19.81  ? 999  ARG A NE  1 
ATOM   207  C CZ  . ARG A 1 21  ? 13.354  -3.742  -2.339  1.00 18.29  ? 999  ARG A CZ  1 
ATOM   208  N NH1 . ARG A 1 21  ? 14.158  -3.363  -1.364  1.00 20.03  ? 999  ARG A NH1 1 
ATOM   209  N NH2 . ARG A 1 21  ? 13.160  -2.950  -3.370  1.00 20.88  ? 999  ARG A NH2 1 
ATOM   210  N N   . LEU A 1 22  ? 7.308   -6.874  -0.195  1.00 19.38  ? 1000 LEU A N   1 
ATOM   211  C CA  . LEU A 1 22  ? 6.460   -7.014  1.021   1.00 18.84  ? 1000 LEU A CA  1 
ATOM   212  C C   . LEU A 1 22  ? 5.702   -8.345  0.936   1.00 18.82  ? 1000 LEU A C   1 
ATOM   213  O O   . LEU A 1 22  ? 5.632   -9.080  1.958   1.00 18.92  ? 1000 LEU A O   1 
ATOM   214  C CB  . LEU A 1 22  ? 5.500   -5.817  1.123   1.00 17.84  ? 1000 LEU A CB  1 
ATOM   215  C CG  . LEU A 1 22  ? 6.141   -4.455  1.262   1.00 18.75  ? 1000 LEU A CG  1 
ATOM   216  C CD1 . LEU A 1 22  ? 5.100   -3.356  1.151   1.00 19.13  ? 1000 LEU A CD1 1 
ATOM   217  C CD2 . LEU A 1 22  ? 6.984   -4.312  2.509   1.00 18.82  ? 1000 LEU A CD2 1 
ATOM   218  N N   . ALA A 1 23  ? 5.168   -8.719  -0.221  1.00 18.31  ? 1001 ALA A N   1 
ATOM   219  C CA  . ALA A 1 23  ? 4.244   -9.868  -0.351  1.00 18.39  ? 1001 ALA A CA  1 
ATOM   220  C C   . ALA A 1 23  ? 4.973   -11.200 -0.143  1.00 20.68  ? 1001 ALA A C   1 
ATOM   221  O O   . ALA A 1 23  ? 4.274   -12.162 0.243   1.00 20.24  ? 1001 ALA A O   1 
ATOM   222  C CB  . ALA A 1 23  ? 3.535   -9.841  -1.661  1.00 20.62  ? 1001 ALA A CB  1 
ATOM   223  N N   . ILE A 1 24  ? 6.289   -11.278 -0.431  1.00 20.68  ? 1002 ILE A N   1 
ATOM   224  C CA  . ILE A 1 24  ? 7.011   -12.567 -0.241  1.00 22.06  ? 1002 ILE A CA  1 
ATOM   225  C C   . ILE A 1 24  ? 7.509   -12.722 1.195   1.00 25.73  ? 1002 ILE A C   1 
ATOM   226  O O   . ILE A 1 24  ? 8.044   -13.804 1.513   1.00 24.62  ? 1002 ILE A O   1 
ATOM   227  C CB  . ILE A 1 24  ? 8.146   -12.754 -1.267  1.00 22.38  ? 1002 ILE A CB  1 
ATOM   228  C CG1 . ILE A 1 24  ? 9.228   -11.697 -1.112  1.00 24.77  ? 1002 ILE A CG1 1 
ATOM   229  C CG2 . ILE A 1 24  ? 7.586   -12.795 -2.678  1.00 26.25  ? 1002 ILE A CG2 1 
ATOM   230  C CD1 . ILE A 1 24  ? 10.371  -11.810 -2.168  1.00 30.99  ? 1002 ILE A CD1 1 
ATOM   231  N N   . ASP A 1 25  ? 7.497   -11.701 2.027   1.00 21.46  ? 1003 ASP A N   1 
ATOM   232  C CA  . ASP A 1 25  ? 8.007   -11.789 3.419   1.00 22.92  ? 1003 ASP A CA  1 
ATOM   233  C C   . ASP A 1 25  ? 7.030   -12.631 4.247   1.00 25.08  ? 1003 ASP A C   1 
ATOM   234  O O   . ASP A 1 25  ? 5.827   -12.296 4.333   1.00 21.66  ? 1003 ASP A O   1 
ATOM   235  C CB  . ASP A 1 25  ? 8.162   -10.397 3.998   1.00 23.04  ? 1003 ASP A CB  1 
ATOM   236  C CG  . ASP A 1 25  ? 8.906   -10.356 5.339   1.00 25.89  ? 1003 ASP A CG  1 
ATOM   237  O OD1 . ASP A 1 25  ? 8.474   -11.038 6.306   1.00 25.59  ? 1003 ASP A OD1 1 
ATOM   238  O OD2 . ASP A 1 25  ? 9.778   -9.521  5.449   1.00 26.85  ? 1003 ASP A OD2 1 
ATOM   239  N N   . LYS A 1 26  ? 7.497   -13.729 4.868   1.00 23.15  ? 1004 LYS A N   1 
ATOM   240  C CA  . LYS A 1 26  ? 6.607   -14.655 5.621   1.00 24.67  ? 1004 LYS A CA  1 
ATOM   241  C C   . LYS A 1 26  ? 5.823   -13.934 6.713   1.00 20.94  ? 1004 LYS A C   1 
ATOM   242  O O   . LYS A 1 26  ? 4.708   -14.414 7.027   1.00 23.67  ? 1004 LYS A O   1 
ATOM   243  C CB  . LYS A 1 26  ? 7.430   -15.808 6.261   1.00 26.13  ? 1004 LYS A CB  1 
ATOM   244  N N   . ARG A 1 27  ? 6.332   -12.858 7.301   1.00 20.71  ? 1005 ARG A N   1 
ATOM   245  C CA  . ARG A 1 27  ? 5.621   -12.116 8.392   1.00 21.90  ? 1005 ARG A CA  1 
ATOM   246  C C   . ARG A 1 27  ? 4.307   -11.543 7.862   1.00 21.65  ? 1005 ARG A C   1 
ATOM   247  O O   . ARG A 1 27  ? 3.362   -11.388 8.679   1.00 20.99  ? 1005 ARG A O   1 
ATOM   248  C CB  . ARG A 1 27  ? 6.465   -11.001 8.996   1.00 22.19  ? 1005 ARG A CB  1 
ATOM   249  C CG  . ARG A 1 27  ? 7.717   -11.455 9.742   1.00 24.96  ? 1005 ARG A CG  1 
ATOM   250  C CD  . ARG A 1 27  ? 8.556   -10.263 10.184  1.00 24.20  ? 1005 ARG A CD  1 
ATOM   251  N NE  . ARG A 1 27  ? 9.120   -9.600  8.997   1.00 24.87  ? 1005 ARG A NE  1 
ATOM   252  C CZ  . ARG A 1 27  ? 9.753   -8.442  8.984   1.00 24.06  ? 1005 ARG A CZ  1 
ATOM   253  N NH1 . ARG A 1 27  ? 9.908   -7.730  10.082  1.00 26.53  ? 1005 ARG A NH1 1 
ATOM   254  N NH2 . ARG A 1 27  ? 10.252  -7.966  7.860   1.00 26.60  ? 1005 ARG A NH2 1 
ATOM   255  N N   . PHE A 1 28  ? 4.218   -11.268 6.556   1.00 20.47  ? 1006 PHE A N   1 
ATOM   256  C CA  . PHE A 1 28  ? 3.117   -10.443 6.005   1.00 20.51  ? 1006 PHE A CA  1 
ATOM   257  C C   . PHE A 1 28  ? 2.089   -11.279 5.271   1.00 21.70  ? 1006 PHE A C   1 
ATOM   258  O O   . PHE A 1 28  ? 1.173   -10.690 4.556   1.00 20.82  ? 1006 PHE A O   1 
ATOM   259  C CB  . PHE A 1 28  ? 3.693   -9.323  5.146   1.00 18.81  ? 1006 PHE A CB  1 
ATOM   260  C CG  . PHE A 1 28  ? 4.723   -8.475  5.863   1.00 20.32  ? 1006 PHE A CG  1 
ATOM   261  C CD1 . PHE A 1 28  ? 4.654   -8.252  7.249   1.00 19.22  ? 1006 PHE A CD1 1 
ATOM   262  C CD2 . PHE A 1 28  ? 5.787   -7.908  5.162   1.00 19.23  ? 1006 PHE A CD2 1 
ATOM   263  C CE1 . PHE A 1 28  ? 5.593   -7.470  7.888   1.00 19.41  ? 1006 PHE A CE1 1 
ATOM   264  C CE2 . PHE A 1 28  ? 6.739   -7.148  5.804   1.00 17.96  ? 1006 PHE A CE2 1 
ATOM   265  C CZ  . PHE A 1 28  ? 6.654   -6.918  7.171   1.00 22.03  ? 1006 PHE A CZ  1 
ATOM   266  N N   . ARG A 1 29  ? 2.182   -12.618 5.369   1.00 21.11  ? 1007 ARG A N   1 
ATOM   267  C CA  . ARG A 1 29  ? 1.260   -13.521 4.644   1.00 22.16  ? 1007 ARG A CA  1 
ATOM   268  C C   . ARG A 1 29  ? -0.218  -13.176 4.910   1.00 21.63  ? 1007 ARG A C   1 
ATOM   269  O O   . ARG A 1 29  ? -1.042  -13.238 3.954   1.00 22.86  ? 1007 ARG A O   1 
ATOM   270  C CB  . ARG A 1 29  ? 1.550   -14.968 5.058   1.00 26.39  ? 1007 ARG A CB  1 
ATOM   271  C CG  . ARG A 1 29  ? 0.754   -15.974 4.262   1.00 32.79  ? 1007 ARG A CG  1 
ATOM   272  C CD  . ARG A 1 29  ? 1.105   -17.401 4.670   1.00 47.44  ? 1007 ARG A CD  1 
ATOM   273  N NE  . ARG A 1 29  ? 0.555   -18.320 3.672   1.00 65.81  ? 1007 ARG A NE  1 
ATOM   274  C CZ  . ARG A 1 29  ? -0.749  -18.557 3.466   1.00 84.88  ? 1007 ARG A CZ  1 
ATOM   275  N NH1 . ARG A 1 29  ? -1.122  -19.394 2.511   1.00 91.13  ? 1007 ARG A NH1 1 
ATOM   276  N NH2 . ARG A 1 29  ? -1.682  -17.966 4.200   1.00 96.13  ? 1007 ARG A NH2 1 
ATOM   277  N N   . VAL A 1 30  ? -0.565  -12.863 6.149   1.00 21.23  ? 1008 VAL A N   1 
ATOM   278  C CA  . VAL A 1 30  ? -1.964  -12.538 6.571   1.00 21.09  ? 1008 VAL A CA  1 
ATOM   279  C C   . VAL A 1 30  ? -2.486  -11.279 5.822   1.00 22.06  ? 1008 VAL A C   1 
ATOM   280  O O   . VAL A 1 30  ? -3.726  -11.105 5.752   1.00 24.41  ? 1008 VAL A O   1 
ATOM   281  C CB  . VAL A 1 30  ? -2.038  -12.381 8.103   1.00 28.94  ? 1008 VAL A CB  1 
ATOM   282  C CG1 . VAL A 1 30  ? -1.309  -11.164 8.631   1.00 28.34  ? 1008 VAL A CG1 1 
ATOM   283  C CG2 . VAL A 1 30  ? -3.438  -12.368 8.614   1.00 35.86  ? 1008 VAL A CG2 1 
ATOM   284  N N   . PHE A 1 31  ? -1.614  -10.451 5.244   1.00 19.53  ? 1009 PHE A N   1 
ATOM   285  C CA  . PHE A 1 31  ? -2.012  -9.199  4.550   1.00 18.71  ? 1009 PHE A CA  1 
ATOM   286  C C   . PHE A 1 31  ? -2.008  -9.395  3.016   1.00 20.82  ? 1009 PHE A C   1 
ATOM   287  O O   . PHE A 1 31  ? -2.269  -8.365  2.288   1.00 19.65  ? 1009 PHE A O   1 
ATOM   288  C CB  . PHE A 1 31  ? -1.104  -8.047  4.975   1.00 18.85  ? 1009 PHE A CB  1 
ATOM   289  C CG  . PHE A 1 31  ? -0.958  -7.835  6.465   1.00 17.59  ? 1009 PHE A CG  1 
ATOM   290  C CD1 . PHE A 1 31  ? -2.064  -7.563  7.258   1.00 18.42  ? 1009 PHE A CD1 1 
ATOM   291  C CD2 . PHE A 1 31  ? 0.269   -7.944  7.090   1.00 22.29  ? 1009 PHE A CD2 1 
ATOM   292  C CE1 . PHE A 1 31  ? -1.945  -7.392  8.637   1.00 20.30  ? 1009 PHE A CE1 1 
ATOM   293  C CE2 . PHE A 1 31  ? 0.395   -7.774  8.474   1.00 22.77  ? 1009 PHE A CE2 1 
ATOM   294  C CZ  . PHE A 1 31  ? -0.720  -7.527  9.261   1.00 21.06  ? 1009 PHE A CZ  1 
ATOM   295  N N   . THR A 1 32  ? -1.722  -10.600 2.494   1.00 20.32  ? 1010 THR A N   1 
ATOM   296  C CA  . THR A 1 32  ? -1.523  -10.826 1.035   1.00 23.09  ? 1010 THR A CA  1 
ATOM   297  C C   . THR A 1 32  ? -2.844  -10.996 0.257   1.00 24.63  ? 1010 THR A C   1 
ATOM   298  O O   . THR A 1 32  ? -2.783  -10.745 -0.926  1.00 26.92  ? 1010 THR A O   1 
ATOM   299  C CB  . THR A 1 32  ? -0.620  -12.014 0.716   1.00 23.67  ? 1010 THR A CB  1 
ATOM   300  O OG1 . THR A 1 32  ? -1.161  -13.223 1.263   1.00 22.30  ? 1010 THR A OG1 1 
ATOM   301  C CG2 . THR A 1 32  ? 0.774   -11.780 1.255   1.00 25.98  ? 1010 THR A CG2 1 
ATOM   302  N N   . LYS A 1 33  ? -3.962  -11.300 0.915   1.00 23.19  ? 1011 LYS A N   1 
ATOM   303  C CA  . LYS A 1 33  ? -5.277  -11.529 0.268   1.00 24.08  ? 1011 LYS A CA  1 
ATOM   304  C C   . LYS A 1 33  ? -6.372  -10.932 1.141   1.00 21.35  ? 1011 LYS A C   1 
ATOM   305  O O   . LYS A 1 33  ? -6.214  -10.744 2.359   1.00 22.39  ? 1011 LYS A O   1 
ATOM   306  C CB  . LYS A 1 33  ? -5.546  -13.034 0.068   1.00 31.09  ? 1011 LYS A CB  1 
ATOM   307  C CG  . LYS A 1 33  ? -4.631  -13.713 -0.950  1.00 39.15  ? 1011 LYS A CG  1 
ATOM   308  C CD  . LYS A 1 33  ? -5.022  -15.165 -1.285  1.00 56.33  ? 1011 LYS A CD  1 
ATOM   309  C CE  . LYS A 1 33  ? -5.062  -16.084 -0.073  1.00 69.15  ? 1011 LYS A CE  1 
ATOM   310  N NZ  . LYS A 1 33  ? -5.235  -17.515 -0.450  1.00 81.03  ? 1011 LYS A NZ  1 
ATOM   311  N N   . PRO A 1 34  ? -7.537  -10.611 0.527   1.00 24.47  ? 1012 PRO A N   1 
ATOM   312  C CA  . PRO A 1 34  ? -8.658  -10.115 1.305   1.00 25.76  ? 1012 PRO A CA  1 
ATOM   313  C C   . PRO A 1 34  ? -9.058  -11.103 2.409   1.00 27.73  ? 1012 PRO A C   1 
ATOM   314  O O   . PRO A 1 34  ? -8.948  -12.305 2.235   1.00 28.81  ? 1012 PRO A O   1 
ATOM   315  C CB  . PRO A 1 34  ? -9.796  -9.884  0.283   1.00 29.30  ? 1012 PRO A CB  1 
ATOM   316  C CG  . PRO A 1 34  ? -9.154  -9.960  -1.065  1.00 31.57  ? 1012 PRO A CG  1 
ATOM   317  C CD  . PRO A 1 34  ? -7.866  -10.770 -0.894  1.00 28.36  ? 1012 PRO A CD  1 
ATOM   318  N N   . VAL A 1 35  ? -9.515  -10.567 3.533   1.00 30.87  ? 1013 VAL A N   1 
ATOM   319  C CA  . VAL A 1 35  ? -10.081 -11.404 4.639   1.00 36.52  ? 1013 VAL A CA  1 
ATOM   320  C C   . VAL A 1 35  ? -11.296 -12.147 4.068   1.00 40.47  ? 1013 VAL A C   1 
ATOM   321  O O   . VAL A 1 35  ? -12.171 -11.497 3.426   1.00 41.15  ? 1013 VAL A O   1 
ATOM   322  C CB  . VAL A 1 35  ? -10.475 -10.565 5.865   1.00 32.50  ? 1013 VAL A CB  1 
ATOM   323  C CG1 . VAL A 1 35  ? -11.266 -11.418 6.867   1.00 38.04  ? 1013 VAL A CG1 1 
ATOM   324  C CG2 . VAL A 1 35  ? -9.268  -9.943  6.513   1.00 34.14  ? 1013 VAL A CG2 1 
ATOM   325  N N   . ASP A 1 36  ? -11.393 -13.447 4.326   1.00 42.03  ? 1014 ASP A N   1 
ATOM   326  C CA  . ASP A 1 36  ? -12.463 -14.294 3.733   1.00 48.63  ? 1014 ASP A CA  1 
ATOM   327  C C   . ASP A 1 36  ? -13.785 -13.986 4.432   1.00 49.92  ? 1014 ASP A C   1 
ATOM   328  O O   . ASP A 1 36  ? -13.888 -14.131 5.645   1.00 48.34  ? 1014 ASP A O   1 
ATOM   329  C CB  . ASP A 1 36  ? -12.109 -15.779 3.820   1.00 53.09  ? 1014 ASP A CB  1 
ATOM   330  C CG  . ASP A 1 36  ? -12.934 -16.611 2.851   1.00 63.40  ? 1014 ASP A CG  1 
ATOM   331  O OD1 . ASP A 1 36  ? -14.167 -16.399 2.771   1.00 61.22  ? 1014 ASP A OD1 1 
ATOM   332  O OD2 . ASP A 1 36  ? -12.335 -17.420 2.149   1.00 71.22  ? 1014 ASP A OD2 1 
ATOM   333  N N   . PRO A 1 37  ? -14.836 -13.545 3.705   1.00 54.60  ? 1015 PRO A N   1 
ATOM   334  C CA  . PRO A 1 37  ? -16.131 -13.275 4.329   1.00 62.42  ? 1015 PRO A CA  1 
ATOM   335  C C   . PRO A 1 37  ? -16.712 -14.503 5.050   1.00 65.72  ? 1015 PRO A C   1 
ATOM   336  O O   . PRO A 1 37  ? -17.370 -14.346 6.064   1.00 70.66  ? 1015 PRO A O   1 
ATOM   337  C CB  . PRO A 1 37  ? -17.079 -12.884 3.187   1.00 64.40  ? 1015 PRO A CB  1 
ATOM   338  C CG  . PRO A 1 37  ? -16.222 -12.792 1.930   1.00 64.90  ? 1015 PRO A CG  1 
ATOM   339  C CD  . PRO A 1 37  ? -14.844 -13.338 2.249   1.00 58.81  ? 1015 PRO A CD  1 
ATOM   340  N N   . ASP A 1 38  ? -16.432 -15.699 4.532   1.00 69.09  ? 1016 ASP A N   1 
ATOM   341  C CA  . ASP A 1 38  ? -16.938 -16.977 5.102   1.00 69.39  ? 1016 ASP A CA  1 
ATOM   342  C C   . ASP A 1 38  ? -16.377 -17.183 6.512   1.00 66.55  ? 1016 ASP A C   1 
ATOM   343  O O   . ASP A 1 38  ? -17.164 -17.305 7.472   1.00 68.98  ? 1016 ASP A O   1 
ATOM   344  C CB  . ASP A 1 38  ? -16.642 -18.153 4.177   1.00 72.05  ? 1016 ASP A CB  1 
ATOM   345  C CG  . ASP A 1 38  ? -17.446 -18.086 2.892   1.00 74.90  ? 1016 ASP A CG  1 
ATOM   346  O OD1 . ASP A 1 38  ? -18.437 -17.298 2.821   1.00 65.79  ? 1016 ASP A OD1 1 
ATOM   347  O OD2 . ASP A 1 38  ? -17.071 -18.810 1.969   1.00 87.35  ? 1016 ASP A OD2 1 
ATOM   348  N N   . GLU A 1 39  ? -15.043 -17.210 6.621   0.63 64.17  ? 1017 GLU A N   1 
ATOM   349  C CA  . GLU A 1 39  ? -14.291 -17.452 7.884   0.63 60.91  ? 1017 GLU A CA  1 
ATOM   350  C C   . GLU A 1 39  ? -14.602 -16.353 8.907   0.63 57.96  ? 1017 GLU A C   1 
ATOM   351  O O   . GLU A 1 39  ? -14.653 -16.669 10.111  0.63 55.68  ? 1017 GLU A O   1 
ATOM   352  C CB  . GLU A 1 39  ? -12.779 -17.456 7.646   0.63 64.98  ? 1017 GLU A CB  1 
ATOM   353  C CG  . GLU A 1 39  ? -12.289 -18.480 6.637   0.63 67.13  ? 1017 GLU A CG  1 
ATOM   354  C CD  . GLU A 1 39  ? -10.793 -18.403 6.370   0.63 69.02  ? 1017 GLU A CD  1 
ATOM   355  O OE1 . GLU A 1 39  ? -10.380 -18.731 5.238   0.63 68.95  ? 1017 GLU A OE1 1 
ATOM   356  O OE2 . GLU A 1 39  ? -10.042 -18.012 7.295   0.63 69.22  ? 1017 GLU A OE2 1 
ATOM   357  N N   . VAL A 1 40  ? -14.755 -15.105 8.448   1.00 53.24  ? 1018 VAL A N   1 
ATOM   358  C CA  . VAL A 1 40  ? -14.912 -13.917 9.354   1.00 48.19  ? 1018 VAL A CA  1 
ATOM   359  C C   . VAL A 1 40  ? -16.072 -13.050 8.877   1.00 54.19  ? 1018 VAL A C   1 
ATOM   360  O O   . VAL A 1 40  ? -15.855 -11.995 8.278   1.00 43.47  ? 1018 VAL A O   1 
ATOM   361  C CB  . VAL A 1 40  ? -13.605 -13.090 9.443   1.00 46.16  ? 1018 VAL A CB  1 
ATOM   362  C CG1 . VAL A 1 40  ? -13.579 -12.250 10.709  1.00 45.87  ? 1018 VAL A CG1 1 
ATOM   363  C CG2 . VAL A 1 40  ? -12.324 -13.929 9.328   1.00 48.05  ? 1018 VAL A CG2 1 
ATOM   364  N N   . PRO A 1 41  ? -17.344 -13.448 9.141   1.00 61.27  ? 1019 PRO A N   1 
ATOM   365  C CA  . PRO A 1 41  ? -18.505 -12.758 8.561   1.00 53.04  ? 1019 PRO A CA  1 
ATOM   366  C C   . PRO A 1 41  ? -18.749 -11.381 9.212   1.00 44.39  ? 1019 PRO A C   1 
ATOM   367  O O   . PRO A 1 41  ? -19.335 -10.475 8.636   1.00 44.46  ? 1019 PRO A O   1 
ATOM   368  C CB  . PRO A 1 41  ? -19.651 -13.760 8.810   1.00 59.90  ? 1019 PRO A CB  1 
ATOM   369  C CG  . PRO A 1 41  ? -19.236 -14.479 10.085  1.00 61.94  ? 1019 PRO A CG  1 
ATOM   370  C CD  . PRO A 1 41  ? -17.722 -14.578 10.014  1.00 64.27  ? 1019 PRO A CD  1 
ATOM   371  N N   . ASP A 1 42  ? -18.231 -11.224 10.412  1.00 40.90  ? 1020 ASP A N   1 
ATOM   372  C CA  . ASP A 1 42  ? -18.215 -9.971  11.189  1.00 37.77  ? 1020 ASP A CA  1 
ATOM   373  C C   . ASP A 1 42  ? -17.228 -8.904  10.592  1.00 32.75  ? 1020 ASP A C   1 
ATOM   374  O O   . ASP A 1 42  ? -17.332 -7.713  10.919  1.00 34.53  ? 1020 ASP A O   1 
ATOM   375  C CB  . ASP A 1 42  ? -17.860 -10.496 12.567  1.00 48.55  ? 1020 ASP A CB  1 
ATOM   376  C CG  . ASP A 1 42  ? -17.451 -9.410  13.495  1.00 57.30  ? 1020 ASP A CG  1 
ATOM   377  O OD1 . ASP A 1 42  ? -18.337 -8.625  13.853  1.00 68.47  ? 1020 ASP A OD1 1 
ATOM   378  O OD2 . ASP A 1 42  ? -16.249 -9.350  13.795  1.00 52.70  ? 1020 ASP A OD2 1 
ATOM   379  N N   . TYR A 1 43  ? -16.238 -9.285  9.793   1.00 33.24  ? 1021 TYR A N   1 
ATOM   380  C CA  . TYR A 1 43  ? -15.091 -8.366  9.454   1.00 31.27  ? 1021 TYR A CA  1 
ATOM   381  C C   . TYR A 1 43  ? -15.603 -7.112  8.730   1.00 27.96  ? 1021 TYR A C   1 
ATOM   382  O O   . TYR A 1 43  ? -15.253 -5.963  9.115   1.00 30.33  ? 1021 TYR A O   1 
ATOM   383  C CB  . TYR A 1 43  ? -14.042 -9.099  8.603   1.00 31.44  ? 1021 TYR A CB  1 
ATOM   384  C CG  . TYR A 1 43  ? -12.802 -8.276  8.322   1.00 28.63  ? 1021 TYR A CG  1 
ATOM   385  C CD1 . TYR A 1 43  ? -11.854 -8.060  9.314   1.00 26.11  ? 1021 TYR A CD1 1 
ATOM   386  C CD2 . TYR A 1 43  ? -12.621 -7.629  7.095   1.00 29.44  ? 1021 TYR A CD2 1 
ATOM   387  C CE1 . TYR A 1 43  ? -10.725 -7.252  9.088   1.00 26.56  ? 1021 TYR A CE1 1 
ATOM   388  C CE2 . TYR A 1 43  ? -11.515 -6.811  6.861   1.00 27.42  ? 1021 TYR A CE2 1 
ATOM   389  C CZ  . TYR A 1 43  ? -10.562 -6.635  7.850   1.00 24.40  ? 1021 TYR A CZ  1 
ATOM   390  O OH  . TYR A 1 43  ? -9.493  -5.812  7.678   1.00 25.03  ? 1021 TYR A OH  1 
ATOM   391  N N   . ARG A 1 44  ? -16.452 -7.323  7.731   1.00 30.76  ? 1022 ARG A N   1 
ATOM   392  C CA  . ARG A 1 44  ? -16.957 -6.241  6.842   1.00 35.67  ? 1022 ARG A CA  1 
ATOM   393  C C   . ARG A 1 44  ? -18.062 -5.413  7.506   1.00 36.02  ? 1022 ARG A C   1 
ATOM   394  O O   . ARG A 1 44  ? -18.313 -4.332  6.988   1.00 39.60  ? 1022 ARG A O   1 
ATOM   395  C CB  . ARG A 1 44  ? -17.351 -6.821  5.492   1.00 37.53  ? 1022 ARG A CB  1 
ATOM   396  C CG  . ARG A 1 44  ? -16.166 -7.016  4.563   1.00 42.62  ? 1022 ARG A CG  1 
ATOM   397  C CD  . ARG A 1 44  ? -16.497 -7.752  3.276   1.00 49.00  ? 1022 ARG A CD  1 
ATOM   398  N NE  . ARG A 1 44  ? -15.225 -7.956  2.599   1.00 52.49  ? 1022 ARG A NE  1 
ATOM   399  C CZ  . ARG A 1 44  ? -14.290 -8.855  2.951   1.00 64.18  ? 1022 ARG A CZ  1 
ATOM   400  N NH1 . ARG A 1 44  ? -14.500 -9.737  3.934   1.00 51.23  ? 1022 ARG A NH1 1 
ATOM   401  N NH2 . ARG A 1 44  ? -13.151 -8.889  2.267   1.00 62.87  ? 1022 ARG A NH2 1 
ATOM   402  N N   . THR A 1 45  ? -18.527 -5.755  8.704   1.00 37.53  ? 1023 THR A N   1 
ATOM   403  C CA  . THR A 1 45  ? -19.437 -4.861  9.453   1.00 43.72  ? 1023 THR A CA  1 
ATOM   404  C C   . THR A 1 45  ? -18.580 -3.892  10.269  1.00 42.66  ? 1023 THR A C   1 
ATOM   405  O O   . THR A 1 45  ? -18.952 -2.718  10.326  1.00 43.88  ? 1023 THR A O   1 
ATOM   406  C CB  . THR A 1 45  ? -20.530 -5.711  10.119  1.00 45.96  ? 1023 THR A CB  1 
ATOM   407  O OG1 . THR A 1 45  ? -20.038 -6.323  11.311  1.00 54.39  ? 1023 THR A OG1 1 
ATOM   408  C CG2 . THR A 1 45  ? -21.024 -6.780  9.173   1.00 44.57  ? 1023 THR A CG2 1 
ATOM   409  N N   . VAL A 1 46  ? -17.375 -4.275  10.713  1.00 30.84  ? 1024 VAL A N   1 
ATOM   410  C CA  . VAL A 1 46  ? -16.481 -3.384  11.505  1.00 28.77  ? 1024 VAL A CA  1 
ATOM   411  C C   . VAL A 1 46  ? -15.617 -2.541  10.555  1.00 27.16  ? 1024 VAL A C   1 
ATOM   412  O O   . VAL A 1 46  ? -15.371 -1.387  10.876  1.00 27.63  ? 1024 VAL A O   1 
ATOM   413  C CB  . VAL A 1 46  ? -15.591 -4.209  12.465  1.00 33.03  ? 1024 VAL A CB  1 
ATOM   414  C CG1 . VAL A 1 46  ? -14.642 -3.316  13.271  1.00 32.83  ? 1024 VAL A CG1 1 
ATOM   415  C CG2 . VAL A 1 46  ? -16.446 -5.100  13.355  1.00 40.41  ? 1024 VAL A CG2 1 
ATOM   416  N N   . ILE A 1 47  ? -14.971 -3.209  9.594   1.00 25.11  ? 1025 ILE A N   1 
ATOM   417  C CA  . ILE A 1 47  ? -13.958 -2.558  8.735   1.00 22.96  ? 1025 ILE A CA  1 
ATOM   418  C C   . ILE A 1 47  ? -14.670 -2.078  7.449   1.00 19.57  ? 1025 ILE A C   1 
ATOM   419  O O   . ILE A 1 47  ? -15.081 -2.893  6.631   1.00 23.22  ? 1025 ILE A O   1 
ATOM   420  C CB  . ILE A 1 47  ? -12.770 -3.505  8.508   1.00 22.09  ? 1025 ILE A CB  1 
ATOM   421  C CG1 . ILE A 1 47  ? -12.053 -3.853  9.831   1.00 22.17  ? 1025 ILE A CG1 1 
ATOM   422  C CG2 . ILE A 1 47  ? -11.795 -2.921  7.494   1.00 23.14  ? 1025 ILE A CG2 1 
ATOM   423  C CD1 . ILE A 1 47  ? -11.379 -2.699  10.513  1.00 25.16  ? 1025 ILE A CD1 1 
ATOM   424  N N   . LYS A 1 48  ? -14.751 -0.780  7.309   1.00 23.15  ? 1026 LYS A N   1 
ATOM   425  C CA  . LYS A 1 48  ? -15.560 -0.174  6.214   1.00 23.06  ? 1026 LYS A CA  1 
ATOM   426  C C   . LYS A 1 48  ? -14.787 -0.093  4.891   1.00 22.93  ? 1026 LYS A C   1 
ATOM   427  O O   . LYS A 1 48  ? -15.481 -0.160  3.844   1.00 23.31  ? 1026 LYS A O   1 
ATOM   428  C CB  . LYS A 1 48  ? -16.002 1.217   6.639   1.00 25.60  ? 1026 LYS A CB  1 
ATOM   429  C CG  . LYS A 1 48  ? -16.920 1.257   7.868   1.00 26.77  ? 1026 LYS A CG  1 
ATOM   430  C CD  . LYS A 1 48  ? -18.094 0.324   7.815   1.00 31.75  ? 1026 LYS A CD  1 
ATOM   431  C CE  . LYS A 1 48  ? -19.028 0.447   9.012   1.00 32.90  ? 1026 LYS A CE  1 
ATOM   432  N NZ  . LYS A 1 48  ? -20.051 -0.622  8.925   1.00 34.71  ? 1026 LYS A NZ  1 
ATOM   433  N N   . GLU A 1 49  ? -13.439 -0.082  4.899   1.00 20.80  ? 1027 GLU A N   1 
ATOM   434  C CA  . GLU A 1 49  ? -12.651 -0.089  3.637   1.00 19.72  ? 1027 GLU A CA  1 
ATOM   435  C C   . GLU A 1 49  ? -11.526 -1.134  3.749   1.00 19.84  ? 1027 GLU A C   1 
ATOM   436  O O   . GLU A 1 49  ? -10.381 -0.792  4.095   1.00 19.69  ? 1027 GLU A O   1 
ATOM   437  C CB  . GLU A 1 49  ? -12.147 1.294   3.245   1.00 21.23  ? 1027 GLU A CB  1 
ATOM   438  C CG  . GLU A 1 49  ? -11.650 1.333   1.804   1.00 20.31  ? 1027 GLU A CG  1 
ATOM   439  C CD  . GLU A 1 49  ? -11.205 2.664   1.224   1.00 22.27  ? 1027 GLU A CD  1 
ATOM   440  O OE1 . GLU A 1 49  ? -11.223 3.660   1.954   1.00 24.55  ? 1027 GLU A OE1 1 
ATOM   441  O OE2 . GLU A 1 49  ? -10.848 2.658   -0.049  1.00 24.91  ? 1027 GLU A OE2 1 
ATOM   442  N N   . PRO A 1 50  ? -11.849 -2.416  3.514   1.00 18.29  ? 1028 PRO A N   1 
ATOM   443  C CA  . PRO A 1 50  ? -10.822 -3.459  3.507   1.00 18.49  ? 1028 PRO A CA  1 
ATOM   444  C C   . PRO A 1 50  ? -9.728  -3.187  2.481   1.00 19.16  ? 1028 PRO A C   1 
ATOM   445  O O   . PRO A 1 50  ? -9.980  -2.563  1.366   1.00 19.97  ? 1028 PRO A O   1 
ATOM   446  C CB  . PRO A 1 50  ? -11.562 -4.747  3.159   1.00 21.36  ? 1028 PRO A CB  1 
ATOM   447  C CG  . PRO A 1 50  ? -13.026 -4.459  3.381   1.00 23.72  ? 1028 PRO A CG  1 
ATOM   448  C CD  . PRO A 1 50  ? -13.187 -2.962  3.267   1.00 20.60  ? 1028 PRO A CD  1 
ATOM   449  N N   . MET A 1 51  ? -8.489  -3.595  2.816   1.00 19.58  ? 1029 MET A N   1 
ATOM   450  C CA  . MET A 1 51  ? -7.357  -3.433  1.854   1.00 18.83  ? 1029 MET A CA  1 
ATOM   451  C C   . MET A 1 51  ? -6.332  -4.552  2.104   1.00 17.90  ? 1029 MET A C   1 
ATOM   452  O O   . MET A 1 51  ? -6.229  -5.013  3.265   1.00 18.48  ? 1029 MET A O   1 
ATOM   453  C CB  . MET A 1 51  ? -6.730  -2.033  1.980   1.00 17.47  ? 1029 MET A CB  1 
ATOM   454  C CG  . MET A 1 51  ? -5.701  -1.651  0.888   1.00 16.93  ? 1029 MET A CG  1 
ATOM   455  S SD  . MET A 1 51  ? -6.239  -1.830  -0.838  1.00 20.85  ? 1029 MET A SD  1 
ATOM   456  C CE  . MET A 1 51  ? -7.701  -0.764  -0.828  1.00 21.81  ? 1029 MET A CE  1 
ATOM   457  N N   . ASP A 1 52  ? -5.615  -4.982  1.038   1.00 17.96  ? 1030 ASP A N   1 
ATOM   458  C CA  . ASP A 1 52  ? -4.628  -6.099  1.110   1.00 18.55  ? 1030 ASP A CA  1 
ATOM   459  C C   . ASP A 1 52  ? -3.650  -5.939  -0.050  1.00 17.90  ? 1030 ASP A C   1 
ATOM   460  O O   . ASP A 1 52  ? -3.890  -5.102  -0.983  1.00 17.93  ? 1030 ASP A O   1 
ATOM   461  C CB  . ASP A 1 52  ? -5.373  -7.436  1.066   1.00 19.50  ? 1030 ASP A CB  1 
ATOM   462  C CG  . ASP A 1 52  ? -5.975  -7.652  -0.321  1.00 23.31  ? 1030 ASP A CG  1 
ATOM   463  O OD1 . ASP A 1 52  ? -7.102  -7.101  -0.611  1.00 25.96  ? 1030 ASP A OD1 1 
ATOM   464  O OD2 . ASP A 1 52  ? -5.275  -8.220  -1.148  1.00 26.14  ? 1030 ASP A OD2 1 
ATOM   465  N N   . LEU A 1 53  ? -2.533  -6.652  -0.022  1.00 19.41  ? 1031 LEU A N   1 
ATOM   466  C CA  . LEU A 1 53  ? -1.451  -6.460  -1.012  1.00 18.94  ? 1031 LEU A CA  1 
ATOM   467  C C   . LEU A 1 53  ? -1.835  -6.908  -2.447  1.00 20.07  ? 1031 LEU A C   1 
ATOM   468  O O   . LEU A 1 53  ? -1.323  -6.314  -3.420  1.00 20.47  ? 1031 LEU A O   1 
ATOM   469  C CB  . LEU A 1 53  ? -0.162  -7.136  -0.520  1.00 19.01  ? 1031 LEU A CB  1 
ATOM   470  C CG  . LEU A 1 53  ? 0.441   -6.577  0.770   1.00 17.58  ? 1031 LEU A CG  1 
ATOM   471  C CD1 . LEU A 1 53  ? 1.611   -7.433  1.223   1.00 21.12  ? 1031 LEU A CD1 1 
ATOM   472  C CD2 . LEU A 1 53  ? 0.881   -5.134  0.601   1.00 18.23  ? 1031 LEU A CD2 1 
ATOM   473  N N   A SER A 1 54  ? -2.698  -7.920  -2.589  0.18 21.25  ? 1032 SER A N   1 
ATOM   474  N N   B SER A 1 54  ? -2.714  -7.907  -2.580  0.10 19.96  ? 1032 SER A N   1 
ATOM   475  N N   C SER A 1 54  ? -2.706  -7.918  -2.586  0.22 20.67  ? 1032 SER A N   1 
ATOM   476  C CA  A SER A 1 54  ? -3.245  -8.342  -3.909  0.18 21.33  ? 1032 SER A CA  1 
ATOM   477  C CA  B SER A 1 54  ? -3.255  -8.351  -3.893  0.10 19.59  ? 1032 SER A CA  1 
ATOM   478  C CA  C SER A 1 54  ? -3.255  -8.347  -3.904  0.22 20.25  ? 1032 SER A CA  1 
ATOM   479  C C   A SER A 1 54  ? -4.073  -7.203  -4.525  0.18 20.24  ? 1032 SER A C   1 
ATOM   480  C C   B SER A 1 54  ? -4.087  -7.226  -4.525  0.10 19.50  ? 1032 SER A C   1 
ATOM   481  C C   C SER A 1 54  ? -4.083  -7.212  -4.526  0.22 19.53  ? 1032 SER A C   1 
ATOM   482  O O   A SER A 1 54  ? -3.892  -6.912  -5.744  0.18 20.53  ? 1032 SER A O   1 
ATOM   483  O O   B SER A 1 54  ? -3.928  -6.976  -5.747  0.10 19.91  ? 1032 SER A O   1 
ATOM   484  O O   C SER A 1 54  ? -3.910  -6.921  -5.750  0.22 19.90  ? 1032 SER A O   1 
ATOM   485  C CB  A SER A 1 54  ? -4.051  -9.620  -3.804  0.18 23.56  ? 1032 SER A CB  1 
ATOM   486  C CB  B SER A 1 54  ? -4.051  -9.624  -3.760  0.10 19.94  ? 1032 SER A CB  1 
ATOM   487  C CB  C SER A 1 54  ? -4.050  -9.645  -3.803  0.22 21.87  ? 1032 SER A CB  1 
ATOM   488  O OG  A SER A 1 54  ? -3.203  -10.745 -3.626  0.18 25.25  ? 1032 SER A OG  1 
ATOM   489  O OG  B SER A 1 54  ? -4.364  -10.150 -5.039  0.10 19.03  ? 1032 SER A OG  1 
ATOM   490  O OG  C SER A 1 54  ? -5.332  -9.447  -3.212  0.22 21.59  ? 1032 SER A OG  1 
ATOM   491  N N   . SER A 1 55  ? -4.936  -6.563  -3.734  1.00 20.15  ? 1033 SER A N   1 
ATOM   492  C CA  . SER A 1 55  ? -5.730  -5.406  -4.220  1.00 19.27  ? 1033 SER A CA  1 
ATOM   493  C C   . SER A 1 55  ? -4.771  -4.269  -4.603  1.00 18.67  ? 1033 SER A C   1 
ATOM   494  O O   . SER A 1 55  ? -5.032  -3.575  -5.606  1.00 17.96  ? 1033 SER A O   1 
ATOM   495  C CB  . SER A 1 55  ? -6.734  -4.989  -3.203  1.00 20.97  ? 1033 SER A CB  1 
ATOM   496  O OG  . SER A 1 55  ? -7.642  -6.072  -2.965  1.00 24.23  ? 1033 SER A OG  1 
ATOM   497  N N   . VAL A 1 56  ? -3.735  -4.023  -3.804  1.00 18.26  ? 1034 VAL A N   1 
ATOM   498  C CA  . VAL A 1 56  ? -2.744  -2.957  -4.141  1.00 18.18  ? 1034 VAL A CA  1 
ATOM   499  C C   . VAL A 1 56  ? -2.119  -3.186  -5.546  1.00 17.44  ? 1034 VAL A C   1 
ATOM   500  O O   . VAL A 1 56  ? -2.025  -2.228  -6.344  1.00 19.31  ? 1034 VAL A O   1 
ATOM   501  C CB  . VAL A 1 56  ? -1.725  -2.767  -2.985  1.00 18.32  ? 1034 VAL A CB  1 
ATOM   502  C CG1 . VAL A 1 56  ? -0.582  -1.891  -3.428  1.00 20.54  ? 1034 VAL A CG1 1 
ATOM   503  C CG2 . VAL A 1 56  ? -2.361  -2.191  -1.758  1.00 19.58  ? 1034 VAL A CG2 1 
ATOM   504  N N   A ILE A 1 57  ? -1.709  -4.426  -5.828  0.14 18.18  ? 1035 ILE A N   1 
ATOM   505  N N   B ILE A 1 57  ? -1.662  -4.400  -5.872  0.22 17.92  ? 1035 ILE A N   1 
ATOM   506  N N   C ILE A 1 57  ? -1.709  -4.426  -5.828  0.14 18.18  ? 1035 ILE A N   1 
ATOM   507  C CA  A ILE A 1 57  ? -1.142  -4.858  -7.142  0.14 19.56  ? 1035 ILE A CA  1 
ATOM   508  C CA  B ILE A 1 57  ? -1.105  -4.673  -7.235  0.22 19.86  ? 1035 ILE A CA  1 
ATOM   509  C CA  C ILE A 1 57  ? -1.142  -4.858  -7.142  0.14 19.56  ? 1035 ILE A CA  1 
ATOM   510  C C   A ILE A 1 57  ? -2.150  -4.554  -8.265  0.14 18.90  ? 1035 ILE A C   1 
ATOM   511  C C   B ILE A 1 57  ? -2.205  -4.399  -8.276  0.22 18.75  ? 1035 ILE A C   1 
ATOM   512  C C   C ILE A 1 57  ? -2.150  -4.554  -8.265  0.14 18.90  ? 1035 ILE A C   1 
ATOM   513  O O   A ILE A 1 57  ? -1.739  -3.962  -9.291  0.14 18.62  ? 1035 ILE A O   1 
ATOM   514  O O   B ILE A 1 57  ? -1.936  -3.649  -9.267  0.22 16.77  ? 1035 ILE A O   1 
ATOM   515  O O   C ILE A 1 57  ? -1.739  -3.962  -9.291  0.14 18.62  ? 1035 ILE A O   1 
ATOM   516  C CB  A ILE A 1 57  ? -0.765  -6.351  -7.085  0.14 20.70  ? 1035 ILE A CB  1 
ATOM   517  C CB  B ILE A 1 57  ? -0.547  -6.101  -7.372  0.22 21.98  ? 1035 ILE A CB  1 
ATOM   518  C CB  C ILE A 1 57  ? -0.765  -6.351  -7.085  0.14 20.70  ? 1035 ILE A CB  1 
ATOM   519  C CG1 A ILE A 1 57  ? 0.536   -6.543  -6.309  0.14 21.98  ? 1035 ILE A CG1 1 
ATOM   520  C CG1 B ILE A 1 57  ? 0.617   -6.350  -6.412  0.22 24.44  ? 1035 ILE A CG1 1 
ATOM   521  C CG1 C ILE A 1 57  ? 0.536   -6.543  -6.309  0.14 21.98  ? 1035 ILE A CG1 1 
ATOM   522  C CG2 A ILE A 1 57  ? -0.678  -6.940  -8.483  0.14 21.67  ? 1035 ILE A CG2 1 
ATOM   523  C CG2 B ILE A 1 57  ? -0.167  -6.380  -8.825  0.22 22.06  ? 1035 ILE A CG2 1 
ATOM   524  C CG2 C ILE A 1 57  ? -0.678  -6.940  -8.483  0.14 21.67  ? 1035 ILE A CG2 1 
ATOM   525  C CD1 A ILE A 1 57  ? 1.660   -5.689  -6.829  0.14 22.58  ? 1035 ILE A CD1 1 
ATOM   526  C CD1 B ILE A 1 57  ? 1.119   -7.779  -6.431  0.22 26.97  ? 1035 ILE A CD1 1 
ATOM   527  C CD1 C ILE A 1 57  ? 1.660   -5.689  -6.829  0.14 22.58  ? 1035 ILE A CD1 1 
ATOM   528  N N   . SER A 1 58  ? -3.424  -4.918  -8.065  1.00 18.42  ? 1036 SER A N   1 
ATOM   529  C CA  . SER A 1 58  ? -4.522  -4.617  -9.043  1.00 18.04  ? 1036 SER A CA  1 
ATOM   530  C C   . SER A 1 58  ? -4.653  -3.093  -9.261  1.00 18.92  ? 1036 SER A C   1 
ATOM   531  O O   . SER A 1 58  ? -4.804  -2.639  -10.432 1.00 19.55  ? 1036 SER A O   1 
ATOM   532  C CB  . SER A 1 58  ? -5.870  -5.223  -8.609  1.00 21.41  ? 1036 SER A CB  1 
ATOM   533  O OG  . SER A 1 58  ? -5.786  -6.625  -8.726  1.00 24.38  ? 1036 SER A OG  1 
ATOM   534  N N   . LYS A 1 59  ? -4.626  -2.299  -8.174  1.00 17.26  ? 1037 LYS A N   1 
ATOM   535  C CA  . LYS A 1 59  ? -4.777  -0.829  -8.243  1.00 17.13  ? 1037 LYS A CA  1 
ATOM   536  C C   . LYS A 1 59  ? -3.586  -0.210  -9.016  1.00 18.92  ? 1037 LYS A C   1 
ATOM   537  O O   . LYS A 1 59  ? -3.808  0.774   -9.747  1.00 17.51  ? 1037 LYS A O   1 
ATOM   538  C CB  . LYS A 1 59  ? -5.032  -0.279  -6.835  1.00 16.76  ? 1037 LYS A CB  1 
ATOM   539  C CG  . LYS A 1 59  ? -6.423  -0.561  -6.231  1.00 17.75  ? 1037 LYS A CG  1 
ATOM   540  C CD  . LYS A 1 59  ? -6.631  0.165   -4.923  1.00 18.46  ? 1037 LYS A CD  1 
ATOM   541  C CE  . LYS A 1 59  ? -6.754  1.653   -5.090  1.00 20.91  ? 1037 LYS A CE  1 
ATOM   542  N NZ  . LYS A 1 59  ? -7.246  2.322   -3.873  1.00 21.04  ? 1037 LYS A NZ  1 
ATOM   543  N N   . ILE A 1 60  ? -2.354  -0.692  -8.832  1.00 17.91  ? 1038 ILE A N   1 
ATOM   544  C CA  . ILE A 1 60  ? -1.197  -0.143  -9.609  1.00 17.54  ? 1038 ILE A CA  1 
ATOM   545  C C   . ILE A 1 60  ? -1.525  -0.281  -11.120 1.00 16.98  ? 1038 ILE A C   1 
ATOM   546  O O   . ILE A 1 60  ? -1.365  0.716   -11.853 1.00 17.48  ? 1038 ILE A O   1 
ATOM   547  C CB  . ILE A 1 60  ? 0.124   -0.842  -9.238  1.00 17.50  ? 1038 ILE A CB  1 
ATOM   548  C CG1 . ILE A 1 60  ? 0.509   -0.632  -7.759  1.00 17.28  ? 1038 ILE A CG1 1 
ATOM   549  C CG2 . ILE A 1 60  ? 1.215   -0.368  -10.208 1.00 18.45  ? 1038 ILE A CG2 1 
ATOM   550  C CD1 . ILE A 1 60  ? 1.630   -1.572  -7.245  1.00 18.94  ? 1038 ILE A CD1 1 
ATOM   551  N N   . ASP A 1 61  ? -1.914  -1.467  -11.525 1.00 17.84  ? 1039 ASP A N   1 
ATOM   552  C CA  . ASP A 1 61  ? -2.191  -1.804  -12.939 1.00 21.09  ? 1039 ASP A CA  1 
ATOM   553  C C   . ASP A 1 61  ? -3.412  -1.013  -13.476 1.00 23.36  ? 1039 ASP A C   1 
ATOM   554  O O   . ASP A 1 61  ? -3.424  -0.779  -14.719 1.00 25.27  ? 1039 ASP A O   1 
ATOM   555  C CB  . ASP A 1 61  ? -2.328  -3.305  -13.110 1.00 21.51  ? 1039 ASP A CB  1 
ATOM   556  C CG  . ASP A 1 61  ? -1.023  -4.088  -12.869 1.00 28.37  ? 1039 ASP A CG  1 
ATOM   557  O OD1 . ASP A 1 61  ? 0.043   -3.444  -12.879 1.00 29.54  ? 1039 ASP A OD1 1 
ATOM   558  O OD2 . ASP A 1 61  ? -1.065  -5.330  -12.649 1.00 25.57  ? 1039 ASP A OD2 1 
ATOM   559  N N   . LEU A 1 62  ? -4.355  -0.586  -12.635 1.00 19.72  ? 1040 LEU A N   1 
ATOM   560  C CA  . LEU A 1 62  ? -5.509  0.258   -13.042 1.00 19.16  ? 1040 LEU A CA  1 
ATOM   561  C C   . LEU A 1 62  ? -5.131  1.738   -13.056 1.00 21.93  ? 1040 LEU A C   1 
ATOM   562  O O   . LEU A 1 62  ? -6.028  2.599   -13.297 1.00 21.13  ? 1040 LEU A O   1 
ATOM   563  C CB  . LEU A 1 62  ? -6.695  -0.013  -12.100 1.00 17.96  ? 1040 LEU A CB  1 
ATOM   564  C CG  . LEU A 1 62  ? -7.393  -1.360  -12.215 1.00 20.76  ? 1040 LEU A CG  1 
ATOM   565  C CD1 . LEU A 1 62  ? -8.316  -1.599  -11.028 1.00 22.04  ? 1040 LEU A CD1 1 
ATOM   566  C CD2 . LEU A 1 62  ? -8.216  -1.443  -13.501 1.00 23.46  ? 1040 LEU A CD2 1 
ATOM   567  N N   . HIS A 1 63  ? -3.869  2.108   -12.788 1.00 18.23  ? 1041 HIS A N   1 
ATOM   568  C CA  . HIS A 1 63  ? -3.392  3.523   -12.775 1.00 19.36  ? 1041 HIS A CA  1 
ATOM   569  C C   . HIS A 1 63  ? -4.120  4.309   -11.676 1.00 22.33  ? 1041 HIS A C   1 
ATOM   570  O O   . HIS A 1 63  ? -4.313  5.532   -11.807 1.00 20.63  ? 1041 HIS A O   1 
ATOM   571  C CB  . HIS A 1 63  ? -3.527  4.169   -14.168 1.00 21.92  ? 1041 HIS A CB  1 
ATOM   572  C CG  . HIS A 1 63  ? -2.791  3.483   -15.266 1.00 23.53  ? 1041 HIS A CG  1 
ATOM   573  N ND1 . HIS A 1 63  ? -2.575  4.114   -16.471 1.00 28.02  ? 1041 HIS A ND1 1 
ATOM   574  C CD2 . HIS A 1 63  ? -2.177  2.284   -15.345 1.00 23.69  ? 1041 HIS A CD2 1 
ATOM   575  C CE1 . HIS A 1 63  ? -1.958  3.268   -17.273 1.00 24.27  ? 1041 HIS A CE1 1 
ATOM   576  N NE2 . HIS A 1 63  ? -1.690  2.120   -16.642 1.00 26.63  ? 1041 HIS A NE2 1 
ATOM   577  N N   . LYS A 1 64  ? -4.371  3.705   -10.519 1.00 18.39  ? 1042 LYS A N   1 
ATOM   578  C CA  . LYS A 1 64  ? -5.054  4.379   -9.395  1.00 19.54  ? 1042 LYS A CA  1 
ATOM   579  C C   . LYS A 1 64  ? -4.074  5.291   -8.640  1.00 20.67  ? 1042 LYS A C   1 
ATOM   580  O O   . LYS A 1 64  ? -4.535  6.188   -7.939  1.00 21.26  ? 1042 LYS A O   1 
ATOM   581  C CB  . LYS A 1 64  ? -5.646  3.340   -8.444  1.00 18.27  ? 1042 LYS A CB  1 
ATOM   582  C CG  . LYS A 1 64  ? -6.830  2.534   -9.015  1.00 20.83  ? 1042 LYS A CG  1 
ATOM   583  C CD  . LYS A 1 64  ? -8.174  3.164   -8.968  1.00 24.88  ? 1042 LYS A CD  1 
ATOM   584  C CE  . LYS A 1 64  ? -9.301  2.216   -9.381  1.00 24.38  ? 1042 LYS A CE  1 
ATOM   585  N NZ  . LYS A 1 64  ? -10.609 2.890   -9.215  1.00 27.27  ? 1042 LYS A NZ  1 
ATOM   586  N N   . TYR A 1 65  ? -2.766  5.000   -8.678  1.00 17.96  ? 1043 TYR A N   1 
ATOM   587  C CA  . TYR A 1 65  ? -1.753  5.775   -7.909  1.00 17.90  ? 1043 TYR A CA  1 
ATOM   588  C C   . TYR A 1 65  ? -0.930  6.630   -8.875  1.00 20.37  ? 1043 TYR A C   1 
ATOM   589  O O   . TYR A 1 65  ? -0.282  6.085   -9.793  1.00 21.70  ? 1043 TYR A O   1 
ATOM   590  C CB  . TYR A 1 65  ? -0.814  4.793   -7.193  1.00 18.13  ? 1043 TYR A CB  1 
ATOM   591  C CG  . TYR A 1 65  ? -1.483  3.772   -6.282  1.00 17.46  ? 1043 TYR A CG  1 
ATOM   592  C CD1 . TYR A 1 65  ? -2.384  4.158   -5.287  1.00 18.30  ? 1043 TYR A CD1 1 
ATOM   593  C CD2 . TYR A 1 65  ? -1.287  2.412   -6.464  1.00 17.47  ? 1043 TYR A CD2 1 
ATOM   594  C CE1 . TYR A 1 65  ? -2.953  3.204   -4.427  1.00 18.32  ? 1043 TYR A CE1 1 
ATOM   595  C CE2 . TYR A 1 65  ? -1.873  1.454   -5.648  1.00 17.30  ? 1043 TYR A CE2 1 
ATOM   596  C CZ  . TYR A 1 65  ? -2.723  1.840   -4.624  1.00 18.48  ? 1043 TYR A CZ  1 
ATOM   597  O OH  . TYR A 1 65  ? -3.321  0.867   -3.840  1.00 19.24  ? 1043 TYR A OH  1 
ATOM   598  N N   A LEU A 1 66  ? -0.960  7.951   -8.669  0.14 20.20  ? 1044 LEU A N   1 
ATOM   599  N N   B LEU A 1 66  ? -0.958  7.954   -8.710  0.23 19.48  ? 1044 LEU A N   1 
ATOM   600  N N   C LEU A 1 66  ? -0.960  7.951   -8.669  0.14 20.20  ? 1044 LEU A N   1 
ATOM   601  C CA  A LEU A 1 66  ? -0.200  8.953   -9.471  0.14 20.90  ? 1044 LEU A CA  1 
ATOM   602  C CA  B LEU A 1 66  ? -0.115  8.879   -9.518  0.23 20.03  ? 1044 LEU A CA  1 
ATOM   603  C CA  C LEU A 1 66  ? -0.200  8.953   -9.471  0.14 20.90  ? 1044 LEU A CA  1 
ATOM   604  C C   A LEU A 1 66  ? 0.949   9.547   -8.646  0.14 20.19  ? 1044 LEU A C   1 
ATOM   605  C C   B LEU A 1 66  ? 1.075   9.382   -8.700  0.23 19.39  ? 1044 LEU A C   1 
ATOM   606  C C   C LEU A 1 66  ? 0.949   9.547   -8.646  0.14 20.19  ? 1044 LEU A C   1 
ATOM   607  O O   A LEU A 1 66  ? 1.672   10.412  -9.183  0.14 20.34  ? 1044 LEU A O   1 
ATOM   608  O O   B LEU A 1 66  ? 1.988   9.981   -9.312  0.23 18.83  ? 1044 LEU A O   1 
ATOM   609  O O   C LEU A 1 66  ? 1.672   10.412  -9.183  0.14 20.34  ? 1044 LEU A O   1 
ATOM   610  C CB  A LEU A 1 66  ? -1.170  10.048  -9.923  0.14 22.67  ? 1044 LEU A CB  1 
ATOM   611  C CB  B LEU A 1 66  ? -0.969  10.047  -10.022 0.23 22.06  ? 1044 LEU A CB  1 
ATOM   612  C CB  C LEU A 1 66  ? -1.170  10.048  -9.923  0.14 22.67  ? 1044 LEU A CB  1 
ATOM   613  C CG  A LEU A 1 66  ? -2.336  9.570   -10.787 0.14 24.11  ? 1044 LEU A CG  1 
ATOM   614  C CG  B LEU A 1 66  ? -1.699  9.803   -11.345 0.23 23.10  ? 1044 LEU A CG  1 
ATOM   615  C CG  C LEU A 1 66  ? -2.336  9.570   -10.787 0.14 24.11  ? 1044 LEU A CG  1 
ATOM   616  C CD1 A LEU A 1 66  ? -3.133  10.753  -11.316 0.14 25.20  ? 1044 LEU A CD1 1 
ATOM   617  C CD1 B LEU A 1 66  ? -2.896  8.882   -11.141 0.23 25.37  ? 1044 LEU A CD1 1 
ATOM   618  C CD1 C LEU A 1 66  ? -3.133  10.753  -11.316 0.14 25.20  ? 1044 LEU A CD1 1 
ATOM   619  C CD2 A LEU A 1 66  ? -1.846  8.702   -11.938 0.14 23.66  ? 1044 LEU A CD2 1 
ATOM   620  C CD2 B LEU A 1 66  ? -2.145  11.126  -11.952 0.23 23.56  ? 1044 LEU A CD2 1 
ATOM   621  C CD2 C LEU A 1 66  ? -1.846  8.702   -11.938 0.14 23.66  ? 1044 LEU A CD2 1 
ATOM   622  N N   . THR A 1 67  ? 1.093   9.131   -7.382  1.00 18.97  ? 1045 THR A N   1 
ATOM   623  C CA  . THR A 1 67  ? 2.213   9.548   -6.511  1.00 19.62  ? 1045 THR A CA  1 
ATOM   624  C C   . THR A 1 67  ? 2.535   8.413   -5.511  1.00 20.98  ? 1045 THR A C   1 
ATOM   625  O O   . THR A 1 67  ? 1.634   7.568   -5.266  1.00 19.29  ? 1045 THR A O   1 
ATOM   626  C CB  . THR A 1 67  ? 1.933   10.794  -5.690  1.00 21.51  ? 1045 THR A CB  1 
ATOM   627  O OG1 . THR A 1 67  ? 0.897   10.626  -4.746  1.00 20.75  ? 1045 THR A OG1 1 
ATOM   628  C CG2 . THR A 1 67  ? 1.535   11.986  -6.549  1.00 25.05  ? 1045 THR A CG2 1 
ATOM   629  N N   . VAL A 1 68  ? 3.707   8.440   -4.915  1.00 19.29  ? 1046 VAL A N   1 
ATOM   630  C CA  . VAL A 1 68  ? 4.042   7.449   -3.861  1.00 20.46  ? 1046 VAL A CA  1 
ATOM   631  C C   . VAL A 1 68  ? 3.175   7.772   -2.643  1.00 19.54  ? 1046 VAL A C   1 
ATOM   632  O O   . VAL A 1 68  ? 2.783   6.834   -1.933  1.00 18.70  ? 1046 VAL A O   1 
ATOM   633  C CB  . VAL A 1 68  ? 5.555   7.345   -3.560  1.00 23.50  ? 1046 VAL A CB  1 
ATOM   634  C CG1 . VAL A 1 68  ? 5.842   6.305   -2.484  1.00 23.49  ? 1046 VAL A CG1 1 
ATOM   635  C CG2 . VAL A 1 68  ? 6.336   6.962   -4.816  1.00 23.85  ? 1046 VAL A CG2 1 
ATOM   636  N N   . LYS A 1 69  ? 2.879   9.035   -2.353  1.00 19.79  ? 1047 LYS A N   1 
ATOM   637  C CA  . LYS A 1 69  ? 1.930   9.416   -1.267  1.00 23.64  ? 1047 LYS A CA  1 
ATOM   638  C C   . LYS A 1 69  ? 0.558   8.698   -1.359  1.00 22.01  ? 1047 LYS A C   1 
ATOM   639  O O   . LYS A 1 69  ? 0.062   8.159   -0.321  1.00 21.91  ? 1047 LYS A O   1 
ATOM   640  C CB  . LYS A 1 69  ? 1.893   10.948  -1.174  1.00 29.11  ? 1047 LYS A CB  1 
ATOM   641  C CG  . LYS A 1 69  ? 1.011   11.478  -0.070  1.00 40.38  ? 1047 LYS A CG  1 
ATOM   642  C CD  . LYS A 1 69  ? 1.049   13.012  0.047   1.00 55.34  ? 1047 LYS A CD  1 
ATOM   643  C CE  . LYS A 1 69  ? 2.075   13.518  1.049   1.00 67.20  ? 1047 LYS A CE  1 
ATOM   644  N NZ  . LYS A 1 69  ? 3.409   13.742  0.439   1.00 71.39  ? 1047 LYS A NZ  1 
ATOM   645  N N   A ASP A 1 70  ? -0.050  8.600   -2.540  0.24 20.39  ? 1048 ASP A N   1 
ATOM   646  N N   B ASP A 1 70  ? -0.040  8.684   -2.564  0.13 20.82  ? 1048 ASP A N   1 
ATOM   647  N N   C ASP A 1 70  ? -0.040  8.684   -2.564  0.13 20.82  ? 1048 ASP A N   1 
ATOM   648  C CA  A ASP A 1 70  ? -1.365  7.917   -2.662  0.24 21.11  ? 1048 ASP A CA  1 
ATOM   649  C CA  B ASP A 1 70  ? -1.285  7.931   -2.893  0.13 20.94  ? 1048 ASP A CA  1 
ATOM   650  C CA  C ASP A 1 70  ? -1.285  7.931   -2.893  0.13 20.94  ? 1048 ASP A CA  1 
ATOM   651  C C   A ASP A 1 70  ? -1.195  6.390   -2.482  0.24 19.67  ? 1048 ASP A C   1 
ATOM   652  C C   B ASP A 1 70  ? -1.126  6.476   -2.422  0.13 19.87  ? 1048 ASP A C   1 
ATOM   653  C C   C ASP A 1 70  ? -1.126  6.476   -2.422  0.13 19.87  ? 1048 ASP A C   1 
ATOM   654  O O   A ASP A 1 70  ? -2.131  5.736   -2.002  0.24 18.72  ? 1048 ASP A O   1 
ATOM   655  O O   B ASP A 1 70  ? -1.974  5.995   -1.654  0.13 20.08  ? 1048 ASP A O   1 
ATOM   656  O O   C ASP A 1 70  ? -1.974  5.995   -1.654  0.13 20.08  ? 1048 ASP A O   1 
ATOM   657  C CB  A ASP A 1 70  ? -2.061  8.338   -3.955  0.24 22.49  ? 1048 ASP A CB  1 
ATOM   658  C CB  B ASP A 1 70  ? -1.605  7.928   -4.398  0.13 21.62  ? 1048 ASP A CB  1 
ATOM   659  C CB  C ASP A 1 70  ? -1.605  7.928   -4.398  0.13 21.62  ? 1048 ASP A CB  1 
ATOM   660  C CG  A ASP A 1 70  ? -2.651  9.743   -3.896  0.24 22.85  ? 1048 ASP A CG  1 
ATOM   661  C CG  B ASP A 1 70  ? -2.102  9.246   -4.990  0.13 23.02  ? 1048 ASP A CG  1 
ATOM   662  C CG  C ASP A 1 70  ? -2.102  9.246   -4.990  0.13 23.02  ? 1048 ASP A CG  1 
ATOM   663  O OD1 A ASP A 1 70  ? -2.572  10.392  -2.840  0.24 25.41  ? 1048 ASP A OD1 1 
ATOM   664  O OD1 B ASP A 1 70  ? -2.248  10.220  -4.208  0.13 23.51  ? 1048 ASP A OD1 1 
ATOM   665  O OD1 C ASP A 1 70  ? -2.248  10.220  -4.208  0.13 23.51  ? 1048 ASP A OD1 1 
ATOM   666  O OD2 A ASP A 1 70  ? -3.169  10.184  -4.917  0.24 24.29  ? 1048 ASP A OD2 1 
ATOM   667  O OD2 B ASP A 1 70  ? -2.360  9.285   -6.244  0.13 21.73  ? 1048 ASP A OD2 1 
ATOM   668  O OD2 C ASP A 1 70  ? -2.360  9.285   -6.244  0.13 21.73  ? 1048 ASP A OD2 1 
ATOM   669  N N   . TYR A 1 71  ? -0.067  5.812   -2.892  1.00 18.79  ? 1049 TYR A N   1 
ATOM   670  C CA  . TYR A 1 71  ? 0.232   4.380   -2.605  1.00 17.81  ? 1049 TYR A CA  1 
ATOM   671  C C   . TYR A 1 71  ? 0.351   4.158   -1.085  1.00 17.15  ? 1049 TYR A C   1 
ATOM   672  O O   . TYR A 1 71  ? -0.267  3.159   -0.516  1.00 17.20  ? 1049 TYR A O   1 
ATOM   673  C CB  . TYR A 1 71  ? 1.521   3.956   -3.317  1.00 16.64  ? 1049 TYR A CB  1 
ATOM   674  C CG  . TYR A 1 71  ? 2.128   2.636   -2.877  1.00 16.29  ? 1049 TYR A CG  1 
ATOM   675  C CD1 . TYR A 1 71  ? 1.761   1.446   -3.493  1.00 17.32  ? 1049 TYR A CD1 1 
ATOM   676  C CD2 . TYR A 1 71  ? 3.144   2.557   -1.905  1.00 17.99  ? 1049 TYR A CD2 1 
ATOM   677  C CE1 . TYR A 1 71  ? 2.361   0.236   -3.185  1.00 16.40  ? 1049 TYR A CE1 1 
ATOM   678  C CE2 . TYR A 1 71  ? 3.757   1.355   -1.577  1.00 17.21  ? 1049 TYR A CE2 1 
ATOM   679  C CZ  . TYR A 1 71  ? 3.332   0.169   -2.169  1.00 17.89  ? 1049 TYR A CZ  1 
ATOM   680  O OH  . TYR A 1 71  ? 3.945   -1.037  -1.909  1.00 17.93  ? 1049 TYR A OH  1 
ATOM   681  N N   . LEU A 1 72  ? 1.089   5.008   -0.383  1.00 18.35  ? 1050 LEU A N   1 
ATOM   682  C CA  . LEU A 1 72  ? 1.303   4.851   1.089   1.00 18.23  ? 1050 LEU A CA  1 
ATOM   683  C C   . LEU A 1 72  ? -0.006  5.027   1.871   1.00 18.35  ? 1050 LEU A C   1 
ATOM   684  O O   . LEU A 1 72  ? -0.126  4.403   2.967   1.00 19.36  ? 1050 LEU A O   1 
ATOM   685  C CB  . LEU A 1 72  ? 2.387   5.779   1.600   1.00 17.39  ? 1050 LEU A CB  1 
ATOM   686  C CG  . LEU A 1 72  ? 3.809   5.342   1.217   1.00 18.40  ? 1050 LEU A CG  1 
ATOM   687  C CD1 . LEU A 1 72  ? 4.819   6.450   1.544   1.00 23.82  ? 1050 LEU A CD1 1 
ATOM   688  C CD2 . LEU A 1 72  ? 4.232   4.061   1.927   1.00 22.92  ? 1050 LEU A CD2 1 
ATOM   689  N N   . ARG A 1 73  ? -0.983  5.733   1.347   1.00 18.12  ? 1051 ARG A N   1 
ATOM   690  C CA  . ARG A 1 73  ? -2.302  5.817   2.021   1.00 19.96  ? 1051 ARG A CA  1 
ATOM   691  C C   . ARG A 1 73  ? -2.941  4.417   2.098   1.00 18.43  ? 1051 ARG A C   1 
ATOM   692  O O   . ARG A 1 73  ? -3.538  4.090   3.174   1.00 19.45  ? 1051 ARG A O   1 
ATOM   693  C CB  . ARG A 1 73  ? -3.319  6.733   1.325   1.00 23.62  ? 1051 ARG A CB  1 
ATOM   694  C CG  . ARG A 1 73  ? -3.020  8.214   1.446   1.00 34.27  ? 1051 ARG A CG  1 
ATOM   695  C CD  . ARG A 1 73  ? -4.154  9.095   0.857   1.00 39.66  ? 1051 ARG A CD  1 
ATOM   696  N NE  . ARG A 1 73  ? -3.600  10.046  -0.107  1.00 54.90  ? 1051 ARG A NE  1 
ATOM   697  C CZ  . ARG A 1 73  ? -2.850  11.117  0.197   1.00 66.19  ? 1051 ARG A CZ  1 
ATOM   698  N NH1 . ARG A 1 73  ? -2.565  11.412  1.461   1.00 71.71  ? 1051 ARG A NH1 1 
ATOM   699  N NH2 . ARG A 1 73  ? -2.392  11.896  -0.778  1.00 75.74  ? 1051 ARG A NH2 1 
ATOM   700  N N   . ASP A 1 74  ? -2.781  3.589   1.065   1.00 18.49  ? 1052 ASP A N   1 
ATOM   701  C CA  . ASP A 1 74  ? -3.286  2.187   1.073   1.00 16.27  ? 1052 ASP A CA  1 
ATOM   702  C C   . ASP A 1 74  ? -2.442  1.272   2.013   1.00 17.16  ? 1052 ASP A C   1 
ATOM   703  O O   . ASP A 1 74  ? -3.045  0.390   2.701   1.00 17.03  ? 1052 ASP A O   1 
ATOM   704  C CB  . ASP A 1 74  ? -3.527  1.649   -0.329  1.00 17.11  ? 1052 ASP A CB  1 
ATOM   705  C CG  . ASP A 1 74  ? -4.897  2.035   -0.915  1.00 19.42  ? 1052 ASP A CG  1 
ATOM   706  O OD1 . ASP A 1 74  ? -5.804  2.505   -0.126  1.00 19.27  ? 1052 ASP A OD1 1 
ATOM   707  O OD2 . ASP A 1 74  ? -5.087  1.869   -2.153  1.00 18.75  ? 1052 ASP A OD2 1 
ATOM   708  N N   . ILE A 1 75  ? -1.119  1.381   1.996   1.00 17.02  ? 1053 ILE A N   1 
ATOM   709  C CA  . ILE A 1 75  ? -0.273  0.612   2.989   1.00 17.22  ? 1053 ILE A CA  1 
ATOM   710  C C   . ILE A 1 75  ? -0.710  0.989   4.429   1.00 17.81  ? 1053 ILE A C   1 
ATOM   711  O O   . ILE A 1 75  ? -0.929  0.065   5.267   1.00 17.85  ? 1053 ILE A O   1 
ATOM   712  C CB  . ILE A 1 75  ? 1.225   0.847   2.738   1.00 18.99  ? 1053 ILE A CB  1 
ATOM   713  C CG1 . ILE A 1 75  ? 1.660   0.399   1.329   1.00 20.67  ? 1053 ILE A CG1 1 
ATOM   714  C CG2 . ILE A 1 75  ? 2.044   0.259   3.876   1.00 21.96  ? 1053 ILE A CG2 1 
ATOM   715  C CD1 . ILE A 1 75  ? 1.372   -1.051  0.910   1.00 22.37  ? 1053 ILE A CD1 1 
ATOM   716  N N   . ASP A 1 76  ? -0.880  2.291   4.722   1.00 16.28  ? 1054 ASP A N   1 
ATOM   717  C CA  . ASP A 1 76  ? -1.375  2.782   6.027   1.00 19.61  ? 1054 ASP A CA  1 
ATOM   718  C C   . ASP A 1 76  ? -2.755  2.224   6.366   1.00 19.00  ? 1054 ASP A C   1 
ATOM   719  O O   . ASP A 1 76  ? -2.961  1.947   7.591   1.00 18.30  ? 1054 ASP A O   1 
ATOM   720  C CB  . ASP A 1 76  ? -1.299  4.307   6.123   1.00 20.49  ? 1054 ASP A CB  1 
ATOM   721  C CG  . ASP A 1 76  ? 0.129   4.803   6.353   1.00 24.22  ? 1054 ASP A CG  1 
ATOM   722  O OD1 . ASP A 1 76  ? 0.857   4.207   7.159   1.00 27.77  ? 1054 ASP A OD1 1 
ATOM   723  O OD2 . ASP A 1 76  ? 0.399   5.892   5.899   1.00 28.77  ? 1054 ASP A OD2 1 
ATOM   724  N N   . LEU A 1 77  ? -3.650  2.055   5.385   1.00 18.10  ? 1055 LEU A N   1 
ATOM   725  C CA  . LEU A 1 77  ? -5.018  1.506   5.602   1.00 18.64  ? 1055 LEU A CA  1 
ATOM   726  C C   . LEU A 1 77  ? -4.924  -0.009  5.937   1.00 18.65  ? 1055 LEU A C   1 
ATOM   727  O O   . LEU A 1 77  ? -5.630  -0.480  6.869   1.00 17.95  ? 1055 LEU A O   1 
ATOM   728  C CB  . LEU A 1 77  ? -5.854  1.764   4.328   1.00 19.52  ? 1055 LEU A CB  1 
ATOM   729  C CG  . LEU A 1 77  ? -7.317  1.290   4.326   1.00 21.36  ? 1055 LEU A CG  1 
ATOM   730  C CD1 . LEU A 1 77  ? -8.151  1.910   5.465   1.00 20.76  ? 1055 LEU A CD1 1 
ATOM   731  C CD2 . LEU A 1 77  ? -7.985  1.596   2.942   1.00 20.33  ? 1055 LEU A CD2 1 
ATOM   732  N N   . ILE A 1 78  ? -4.042  -0.767  5.274   1.00 16.60  ? 1056 ILE A N   1 
ATOM   733  C CA  . ILE A 1 78  ? -3.845  -2.197  5.669   1.00 17.11  ? 1056 ILE A CA  1 
ATOM   734  C C   . ILE A 1 78  ? -3.486  -2.246  7.170   1.00 17.68  ? 1056 ILE A C   1 
ATOM   735  O O   . ILE A 1 78  ? -4.047  -3.112  7.949   1.00 18.72  ? 1056 ILE A O   1 
ATOM   736  C CB  . ILE A 1 78  ? -2.765  -2.895  4.819   1.00 18.26  ? 1056 ILE A CB  1 
ATOM   737  C CG1 . ILE A 1 78  ? -3.159  -2.934  3.346   1.00 17.78  ? 1056 ILE A CG1 1 
ATOM   738  C CG2 . ILE A 1 78  ? -2.509  -4.321  5.344   1.00 19.32  ? 1056 ILE A CG2 1 
ATOM   739  C CD1 . ILE A 1 78  ? -2.066  -3.430  2.408   1.00 19.58  ? 1056 ILE A CD1 1 
ATOM   740  N N   . CYS A 1 79  ? -2.546  -1.436  7.617   1.00 17.43  ? 1057 CYS A N   1 
ATOM   741  C CA  . CYS A 1 79  ? -1.987  -1.422  8.997   1.00 18.32  ? 1057 CYS A CA  1 
ATOM   742  C C   . CYS A 1 79  ? -3.081  -0.922  9.977   1.00 21.67  ? 1057 CYS A C   1 
ATOM   743  O O   . CYS A 1 79  ? -3.392  -1.628  10.952  1.00 19.40  ? 1057 CYS A O   1 
ATOM   744  C CB  . CYS A 1 79  ? -0.758  -0.557  9.117   1.00 21.17  ? 1057 CYS A CB  1 
ATOM   745  S SG  . CYS A 1 79  ? -0.102  -0.476  10.809  1.00 22.95  ? 1057 CYS A SG  1 
ATOM   746  N N   . SER A 1 80  ? -3.764  0.198   9.706   1.00 18.80  ? 1058 SER A N   1 
ATOM   747  C CA  . SER A 1 80  ? -4.783  0.745   10.641  1.00 19.66  ? 1058 SER A CA  1 
ATOM   748  C C   . SER A 1 80  ? -5.983  -0.239  10.753  1.00 19.45  ? 1058 SER A C   1 
ATOM   749  O O   . SER A 1 80  ? -6.554  -0.425  11.897  1.00 19.92  ? 1058 SER A O   1 
ATOM   750  C CB  . SER A 1 80  ? -5.168  2.182   10.255  1.00 23.03  ? 1058 SER A CB  1 
ATOM   751  O OG  . SER A 1 80  ? -5.833  2.227   9.019   1.00 26.06  ? 1058 SER A OG  1 
ATOM   752  N N   . ASN A 1 81  ? -6.419  -0.892  9.691   1.00 17.28  ? 1059 ASN A N   1 
ATOM   753  C CA  . ASN A 1 81  ? -7.496  -1.905  9.698   1.00 17.13  ? 1059 ASN A CA  1 
ATOM   754  C C   . ASN A 1 81  ? -7.112  -3.017  10.709  1.00 20.18  ? 1059 ASN A C   1 
ATOM   755  O O   . ASN A 1 81  ? -7.955  -3.470  11.516  1.00 20.57  ? 1059 ASN A O   1 
ATOM   756  C CB  . ASN A 1 81  ? -7.826  -2.479  8.334   1.00 17.17  ? 1059 ASN A CB  1 
ATOM   757  C CG  . ASN A 1 81  ? -8.562  -1.518  7.394   1.00 18.23  ? 1059 ASN A CG  1 
ATOM   758  O OD1 . ASN A 1 81  ? -9.095  -0.501  7.839   1.00 19.04  ? 1059 ASN A OD1 1 
ATOM   759  N ND2 . ASN A 1 81  ? -8.662  -1.878  6.120   1.00 18.47  ? 1059 ASN A ND2 1 
ATOM   760  N N   . ALA A 1 82  ? -5.890  -3.538  10.631  1.00 18.05  ? 1060 ALA A N   1 
ATOM   761  C CA  . ALA A 1 82  ? -5.479  -4.647  11.536  1.00 18.14  ? 1060 ALA A CA  1 
ATOM   762  C C   . ALA A 1 82  ? -5.418  -4.152  12.990  1.00 20.03  ? 1060 ALA A C   1 
ATOM   763  O O   . ALA A 1 82  ? -5.788  -4.938  13.899  1.00 21.84  ? 1060 ALA A O   1 
ATOM   764  C CB  . ALA A 1 82  ? -4.130  -5.171  11.054  1.00 17.68  ? 1060 ALA A CB  1 
ATOM   765  N N   . LEU A 1 83  ? -4.962  -2.941  13.271  1.00 20.24  ? 1061 LEU A N   1 
ATOM   766  C CA  . LEU A 1 83  ? -4.896  -2.420  14.662  1.00 21.90  ? 1061 LEU A CA  1 
ATOM   767  C C   . LEU A 1 83  ? -6.321  -2.256  15.229  1.00 24.65  ? 1061 LEU A C   1 
ATOM   768  O O   . LEU A 1 83  ? -6.541  -2.548  16.420  1.00 24.88  ? 1061 LEU A O   1 
ATOM   769  C CB  . LEU A 1 83  ? -4.137  -1.120  14.760  1.00 22.59  ? 1061 LEU A CB  1 
ATOM   770  C CG  . LEU A 1 83  ? -2.694  -1.090  14.221  1.00 26.13  ? 1061 LEU A CG  1 
ATOM   771  C CD1 . LEU A 1 83  ? -2.069  0.274   14.467  1.00 27.36  ? 1061 LEU A CD1 1 
ATOM   772  C CD2 . LEU A 1 83  ? -1.831  -2.163  14.823  1.00 27.61  ? 1061 LEU A CD2 1 
ATOM   773  N N   A GLU A 1 84  ? -7.260  -1.796  14.384  0.14 24.25  ? 1062 GLU A N   1 
ATOM   774  N N   B GLU A 1 84  ? -7.274  -1.847  14.392  0.23 22.77  ? 1062 GLU A N   1 
ATOM   775  N N   C GLU A 1 84  ? -7.260  -1.796  14.384  0.14 24.25  ? 1062 GLU A N   1 
ATOM   776  C CA  A GLU A 1 84  ? -8.690  -1.544  14.740  0.14 25.20  ? 1062 GLU A CA  1 
ATOM   777  C CA  B GLU A 1 84  ? -8.664  -1.561  14.845  0.23 23.08  ? 1062 GLU A CA  1 
ATOM   778  C CA  C GLU A 1 84  ? -8.690  -1.544  14.740  0.14 25.20  ? 1062 GLU A CA  1 
ATOM   779  C C   A GLU A 1 84  ? -9.393  -2.875  15.022  0.14 23.61  ? 1062 GLU A C   1 
ATOM   780  C C   B GLU A 1 84  ? -9.434  -2.878  15.012  0.23 22.30  ? 1062 GLU A C   1 
ATOM   781  C C   C GLU A 1 84  ? -9.393  -2.875  15.022  0.14 23.61  ? 1062 GLU A C   1 
ATOM   782  O O   A GLU A 1 84  ? -10.064 -2.971  16.071  0.14 23.93  ? 1062 GLU A O   1 
ATOM   783  O O   B GLU A 1 84  ? -10.202 -2.984  15.985  0.23 22.63  ? 1062 GLU A O   1 
ATOM   784  O O   C GLU A 1 84  ? -10.064 -2.971  16.071  0.14 23.93  ? 1062 GLU A O   1 
ATOM   785  C CB  A GLU A 1 84  ? -9.442  -0.798  13.623  0.14 26.75  ? 1062 GLU A CB  1 
ATOM   786  C CB  B GLU A 1 84  ? -9.331  -0.585  13.867  0.23 23.48  ? 1062 GLU A CB  1 
ATOM   787  C CB  C GLU A 1 84  ? -9.442  -0.798  13.623  0.14 26.75  ? 1062 GLU A CB  1 
ATOM   788  C CG  A GLU A 1 84  ? -10.919 -0.543  13.939  0.14 28.39  ? 1062 GLU A CG  1 
ATOM   789  C CG  B GLU A 1 84  ? -8.818  0.837   14.005  0.23 24.12  ? 1062 GLU A CG  1 
ATOM   790  C CG  C GLU A 1 84  ? -10.919 -0.543  13.939  0.14 28.39  ? 1062 GLU A CG  1 
ATOM   791  C CD  A GLU A 1 84  ? -11.785 0.119   12.860  0.14 31.33  ? 1062 GLU A CD  1 
ATOM   792  C CD  B GLU A 1 84  ? -9.011  1.737   12.786  0.23 25.14  ? 1062 GLU A CD  1 
ATOM   793  C CD  C GLU A 1 84  ? -11.785 0.119   12.860  0.14 31.33  ? 1062 GLU A CD  1 
ATOM   794  O OE1 A GLU A 1 84  ? -13.020 0.155   13.036  0.14 32.51  ? 1062 GLU A OE1 1 
ATOM   795  O OE1 B GLU A 1 84  ? -9.798  1.372   11.903  0.23 23.33  ? 1062 GLU A OE1 1 
ATOM   796  O OE1 C GLU A 1 84  ? -13.020 0.155   13.036  0.14 32.51  ? 1062 GLU A OE1 1 
ATOM   797  O OE2 A GLU A 1 84  ? -11.243 0.608   11.857  0.14 30.08  ? 1062 GLU A OE2 1 
ATOM   798  O OE2 B GLU A 1 84  ? -8.355  2.807   12.728  0.23 26.14  ? 1062 GLU A OE2 1 
ATOM   799  O OE2 C GLU A 1 84  ? -11.243 0.608   11.857  0.14 30.08  ? 1062 GLU A OE2 1 
ATOM   800  N N   . TYR A 1 85  ? -9.267  -3.848  14.117  1.00 22.27  ? 1063 TYR A N   1 
ATOM   801  C CA  . TYR A 1 85  ? -10.020 -5.109  14.188  1.00 23.37  ? 1063 TYR A CA  1 
ATOM   802  C C   . TYR A 1 85  ? -9.467  -6.038  15.299  1.00 25.89  ? 1063 TYR A C   1 
ATOM   803  O O   . TYR A 1 85  ? -10.280 -6.895  15.795  1.00 23.08  ? 1063 TYR A O   1 
ATOM   804  C CB  . TYR A 1 85  ? -10.093 -5.846  12.859  1.00 21.83  ? 1063 TYR A CB  1 
ATOM   805  C CG  . TYR A 1 85  ? -11.080 -6.992  12.875  1.00 25.66  ? 1063 TYR A CG  1 
ATOM   806  C CD1 . TYR A 1 85  ? -12.456 -6.743  12.858  1.00 27.89  ? 1063 TYR A CD1 1 
ATOM   807  C CD2 . TYR A 1 85  ? -10.669 -8.303  12.986  1.00 28.62  ? 1063 TYR A CD2 1 
ATOM   808  C CE1 . TYR A 1 85  ? -13.373 -7.790  12.913  1.00 28.75  ? 1063 TYR A CE1 1 
ATOM   809  C CE2 . TYR A 1 85  ? -11.569 -9.358  13.061  1.00 30.46  ? 1063 TYR A CE2 1 
ATOM   810  C CZ  . TYR A 1 85  ? -12.931 -9.095  13.042  1.00 34.53  ? 1063 TYR A CZ  1 
ATOM   811  O OH  . TYR A 1 85  ? -13.852 -10.108 13.067  1.00 40.62  ? 1063 TYR A OH  1 
ATOM   812  N N   . ASN A 1 86  ? -8.195  -5.916  15.654  1.00 23.88  ? 1064 ASN A N   1 
ATOM   813  C CA  . ASN A 1 86  ? -7.536  -6.910  16.578  1.00 22.38  ? 1064 ASN A CA  1 
ATOM   814  C C   . ASN A 1 86  ? -6.920  -6.188  17.763  1.00 21.94  ? 1064 ASN A C   1 
ATOM   815  O O   . ASN A 1 86  ? -5.686  -6.120  17.902  1.00 23.50  ? 1064 ASN A O   1 
ATOM   816  C CB  . ASN A 1 86  ? -6.496  -7.737  15.809  1.00 22.12  ? 1064 ASN A CB  1 
ATOM   817  C CG  . ASN A 1 86  ? -6.988  -8.424  14.551  1.00 21.50  ? 1064 ASN A CG  1 
ATOM   818  O OD1 . ASN A 1 86  ? -7.602  -9.494  14.569  1.00 23.04  ? 1064 ASN A OD1 1 
ATOM   819  N ND2 . ASN A 1 86  ? -6.736  -7.796  13.386  1.00 21.76  ? 1064 ASN A ND2 1 
ATOM   820  N N   . PRO A 1 87  ? -7.707  -5.505  18.633  1.00 23.24  ? 1065 PRO A N   1 
ATOM   821  C CA  . PRO A 1 87  ? -7.164  -4.612  19.646  1.00 20.53  ? 1065 PRO A CA  1 
ATOM   822  C C   . PRO A 1 87  ? -6.861  -5.193  21.049  1.00 21.28  ? 1065 PRO A C   1 
ATOM   823  O O   . PRO A 1 87  ? -6.406  -4.402  21.879  1.00 24.36  ? 1065 PRO A O   1 
ATOM   824  C CB  . PRO A 1 87  ? -8.313  -3.609  19.848  1.00 25.28  ? 1065 PRO A CB  1 
ATOM   825  C CG  . PRO A 1 87  ? -9.506  -4.457  19.672  1.00 26.07  ? 1065 PRO A CG  1 
ATOM   826  C CD  . PRO A 1 87  ? -9.175  -5.452  18.602  1.00 26.72  ? 1065 PRO A CD  1 
ATOM   827  N N   . ASP A 1 88  ? -7.087  -6.480  21.235  1.00 22.54  ? 1066 ASP A N   1 
ATOM   828  C CA  . ASP A 1 88  ? -7.094  -7.136  22.578  1.00 23.60  ? 1066 ASP A CA  1 
ATOM   829  C C   . ASP A 1 88  ? -5.694  -7.498  23.094  1.00 28.62  ? 1066 ASP A C   1 
ATOM   830  O O   . ASP A 1 88  ? -4.689  -7.430  22.298  1.00 22.93  ? 1066 ASP A O   1 
ATOM   831  C CB  . ASP A 1 88  ? -8.056  -8.321  22.553  1.00 24.96  ? 1066 ASP A CB  1 
ATOM   832  C CG  . ASP A 1 88  ? -9.537  -7.972  22.365  1.00 30.08  ? 1066 ASP A CG  1 
ATOM   833  O OD1 . ASP A 1 88  ? -9.926  -6.745  22.460  1.00 29.00  ? 1066 ASP A OD1 1 
ATOM   834  O OD2 . ASP A 1 88  ? -10.289 -8.923  22.124  1.00 31.00  ? 1066 ASP A OD2 1 
ATOM   835  N N   . ARG A 1 89  ? -5.609  -7.946  24.379  1.00 25.40  ? 1067 ARG A N   1 
ATOM   836  C CA  . ARG A 1 89  ? -4.298  -8.218  25.021  1.00 25.04  ? 1067 ARG A CA  1 
ATOM   837  C C   . ARG A 1 89  ? -3.823  -9.636  24.669  1.00 24.45  ? 1067 ARG A C   1 
ATOM   838  O O   . ARG A 1 89  ? -2.681  -9.982  24.994  1.00 25.34  ? 1067 ARG A O   1 
ATOM   839  C CB  . ARG A 1 89  ? -4.298  -7.976  26.544  1.00 28.20  ? 1067 ARG A CB  1 
ATOM   840  C CG  . ARG A 1 89  ? -5.043  -9.003  27.403  1.00 35.51  ? 1067 ARG A CG  1 
ATOM   841  C CD  . ARG A 1 89  ? -4.184  -10.077 28.113  1.00 29.85  ? 1067 ARG A CD  1 
ATOM   842  N NE  . ARG A 1 89  ? -2.798  -9.743  28.480  1.00 32.81  ? 1067 ARG A NE  1 
ATOM   843  C CZ  . ARG A 1 89  ? -1.770  -10.675 28.500  1.00 29.03  ? 1067 ARG A CZ  1 
ATOM   844  N NH1 . ARG A 1 89  ? -0.529  -10.349 28.895  1.00 23.85  ? 1067 ARG A NH1 1 
ATOM   845  N NH2 . ARG A 1 89  ? -2.067  -11.920 28.141  1.00 25.99  ? 1067 ARG A NH2 1 
ATOM   846  N N   . ASP A 1 90  ? -4.646  -10.460 24.105  1.00 23.63  ? 1068 ASP A N   1 
ATOM   847  C CA  . ASP A 1 90  ? -4.239  -11.856 23.977  1.00 29.08  ? 1068 ASP A CA  1 
ATOM   848  C C   . ASP A 1 90  ? -3.179  -11.975 22.872  1.00 28.20  ? 1068 ASP A C   1 
ATOM   849  O O   . ASP A 1 90  ? -3.033  -11.097 21.987  1.00 23.39  ? 1068 ASP A O   1 
ATOM   850  C CB  . ASP A 1 90  ? -5.375  -12.784 23.638  1.00 30.61  ? 1068 ASP A CB  1 
ATOM   851  C CG  . ASP A 1 90  ? -6.031  -12.410 22.339  1.00 37.47  ? 1068 ASP A CG  1 
ATOM   852  O OD1 . ASP A 1 90  ? -6.847  -11.494 22.410  1.00 47.37  ? 1068 ASP A OD1 1 
ATOM   853  O OD2 . ASP A 1 90  ? -5.661  -12.993 21.274  1.00 43.04  ? 1068 ASP A OD2 1 
ATOM   854  N N   . PRO A 1 91  ? -2.411  -13.072 22.922  1.00 24.85  ? 1069 PRO A N   1 
ATOM   855  C CA  . PRO A 1 91  ? -1.276  -13.222 22.019  1.00 21.58  ? 1069 PRO A CA  1 
ATOM   856  C C   . PRO A 1 91  ? -1.604  -13.186 20.517  1.00 20.82  ? 1069 PRO A C   1 
ATOM   857  O O   . PRO A 1 91  ? -0.761  -12.709 19.754  1.00 19.66  ? 1069 PRO A O   1 
ATOM   858  C CB  . PRO A 1 91  ? -0.661  -14.594 22.392  1.00 22.80  ? 1069 PRO A CB  1 
ATOM   859  C CG  . PRO A 1 91  ? -1.103  -14.791 23.829  1.00 27.69  ? 1069 PRO A CG  1 
ATOM   860  C CD  . PRO A 1 91  ? -2.485  -14.176 23.923  1.00 26.09  ? 1069 PRO A CD  1 
ATOM   861  N N   . GLY A 1 92  ? -2.733  -13.736 20.094  1.00 20.71  ? 1070 GLY A N   1 
ATOM   862  C CA  . GLY A 1 92  ? -3.089  -13.716 18.664  1.00 22.01  ? 1070 GLY A CA  1 
ATOM   863  C C   . GLY A 1 92  ? -3.244  -12.287 18.158  1.00 21.05  ? 1070 GLY A C   1 
ATOM   864  O O   . GLY A 1 92  ? -2.692  -11.936 17.061  1.00 21.93  ? 1070 GLY A O   1 
ATOM   865  N N   . ASP A 1 93  ? -3.988  -11.458 18.881  1.00 22.45  ? 1071 ASP A N   1 
ATOM   866  C CA  . ASP A 1 93  ? -4.166  -10.007 18.526  1.00 21.96  ? 1071 ASP A CA  1 
ATOM   867  C C   . ASP A 1 93  ? -2.814  -9.296  18.593  1.00 21.84  ? 1071 ASP A C   1 
ATOM   868  O O   . ASP A 1 93  ? -2.456  -8.516  17.636  1.00 21.40  ? 1071 ASP A O   1 
ATOM   869  C CB  . ASP A 1 93  ? -5.218  -9.319  19.385  1.00 22.83  ? 1071 ASP A CB  1 
ATOM   870  C CG  . ASP A 1 93  ? -6.680  -9.670  19.061  1.00 25.31  ? 1071 ASP A CG  1 
ATOM   871  O OD1 . ASP A 1 93  ? -6.926  -10.690 18.415  1.00 28.59  ? 1071 ASP A OD1 1 
ATOM   872  O OD2 . ASP A 1 93  ? -7.566  -8.797  19.393  1.00 25.49  ? 1071 ASP A OD2 1 
ATOM   873  N N   . ARG A 1 94  ? -2.008  -9.502  19.633  1.00 20.12  ? 1072 ARG A N   1 
ATOM   874  C CA  . ARG A 1 94  ? -0.714  -8.794  19.748  1.00 21.48  ? 1072 ARG A CA  1 
ATOM   875  C C   . ARG A 1 94  ? 0.251   -9.180  18.597  1.00 18.87  ? 1072 ARG A C   1 
ATOM   876  O O   . ARG A 1 94  ? 0.989   -8.276  18.177  1.00 20.26  ? 1072 ARG A O   1 
ATOM   877  C CB  . ARG A 1 94  ? -0.071  -9.022  21.123  1.00 21.03  ? 1072 ARG A CB  1 
ATOM   878  C CG  . ARG A 1 94  ? -0.723  -8.197  22.223  1.00 23.95  ? 1072 ARG A CG  1 
ATOM   879  C CD  . ARG A 1 94  ? -0.124  -8.456  23.632  1.00 29.83  ? 1072 ARG A CD  1 
ATOM   880  N NE  . ARG A 1 94  ? -0.611  -7.457  24.627  1.00 33.55  ? 1072 ARG A NE  1 
ATOM   881  C CZ  . ARG A 1 94  ? -0.344  -7.474  25.960  1.00 49.40  ? 1072 ARG A CZ  1 
ATOM   882  N NH1 . ARG A 1 94  ? 0.447   -8.407  26.470  1.00 51.71  ? 1072 ARG A NH1 1 
ATOM   883  N NH2 . ARG A 1 94  ? -0.835  -6.542  26.776  1.00 44.92  ? 1072 ARG A NH2 1 
ATOM   884  N N   . LEU A 1 95  ? 0.238   -10.414 18.156  1.00 18.46  ? 1073 LEU A N   1 
ATOM   885  C CA  . LEU A 1 95  ? 1.117   -10.886 17.050  1.00 18.56  ? 1073 LEU A CA  1 
ATOM   886  C C   . LEU A 1 95  ? 0.709   -10.182 15.729  1.00 20.13  ? 1073 LEU A C   1 
ATOM   887  O O   . LEU A 1 95  ? 1.603   -9.651  15.030  1.00 18.65  ? 1073 LEU A O   1 
ATOM   888  C CB  . LEU A 1 95  ? 1.059   -12.389 16.891  1.00 17.70  ? 1073 LEU A CB  1 
ATOM   889  C CG  . LEU A 1 95  ? 1.919   -13.003 15.790  1.00 19.65  ? 1073 LEU A CG  1 
ATOM   890  C CD1 . LEU A 1 95  ? 3.379   -12.667 15.964  1.00 22.34  ? 1073 LEU A CD1 1 
ATOM   891  C CD2 . LEU A 1 95  ? 1.719   -14.494 15.696  1.00 20.49  ? 1073 LEU A CD2 1 
ATOM   892  N N   . ILE A 1 96  ? -0.587  -10.136 15.404  0.63 20.09  ? 1074 ILE A N   1 
ATOM   893  C CA  . ILE A 1 96  ? -1.039  -9.487  14.129  0.63 20.32  ? 1074 ILE A CA  1 
ATOM   894  C C   . ILE A 1 96  ? -0.764  -7.975  14.185  0.63 20.36  ? 1074 ILE A C   1 
ATOM   895  O O   . ILE A 1 96  ? -0.365  -7.408  13.121  0.63 20.31  ? 1074 ILE A O   1 
ATOM   896  C CB  . ILE A 1 96  ? -2.505  -9.825  13.771  0.63 21.50  ? 1074 ILE A CB  1 
ATOM   897  C CG1 . ILE A 1 96  ? -2.784  -9.481  12.304  0.63 22.38  ? 1074 ILE A CG1 1 
ATOM   898  C CG2 . ILE A 1 96  ? -3.486  -9.133  14.694  0.63 22.42  ? 1074 ILE A CG2 1 
ATOM   899  C CD1 . ILE A 1 96  ? -4.021  -10.125 11.743  0.63 23.37  ? 1074 ILE A CD1 1 
ATOM   900  N N   . ARG A 1 97  ? -0.956  -7.324  15.340  1.00 19.15  ? 1075 ARG A N   1 
ATOM   901  C CA  . ARG A 1 97  ? -0.615  -5.875  15.497  1.00 18.89  ? 1075 ARG A CA  1 
ATOM   902  C C   . ARG A 1 97  ? 0.903   -5.681  15.251  1.00 21.00  ? 1075 ARG A C   1 
ATOM   903  O O   . ARG A 1 97  ? 1.313   -4.659  14.590  1.00 18.03  ? 1075 ARG A O   1 
ATOM   904  C CB  . ARG A 1 97  ? -1.090  -5.249  16.813  1.00 20.01  ? 1075 ARG A CB  1 
ATOM   905  C CG  . ARG A 1 97  ? -2.598  -5.281  16.988  1.00 21.19  ? 1075 ARG A CG  1 
ATOM   906  C CD  . ARG A 1 97  ? -3.032  -4.203  17.930  1.00 22.47  ? 1075 ARG A CD  1 
ATOM   907  N NE  . ARG A 1 97  ? -2.434  -4.191  19.263  1.00 23.77  ? 1075 ARG A NE  1 
ATOM   908  C CZ  . ARG A 1 97  ? -2.816  -4.987  20.257  1.00 25.58  ? 1075 ARG A CZ  1 
ATOM   909  N NH1 . ARG A 1 97  ? -3.760  -5.873  20.064  1.00 24.19  ? 1075 ARG A NH1 1 
ATOM   910  N NH2 . ARG A 1 97  ? -2.243  -4.911  21.445  1.00 28.35  ? 1075 ARG A NH2 1 
ATOM   911  N N   . HIS A 1 98  ? 1.776   -6.519  15.861  1.00 17.85  ? 1076 HIS A N   1 
ATOM   912  C CA  . HIS A 1 98  ? 3.244   -6.400  15.669  1.00 20.10  ? 1076 HIS A CA  1 
ATOM   913  C C   . HIS A 1 98  ? 3.622   -6.555  14.176  1.00 19.17  ? 1076 HIS A C   1 
ATOM   914  O O   . HIS A 1 98  ? 4.459   -5.726  13.688  1.00 19.49  ? 1076 HIS A O   1 
ATOM   915  C CB  . HIS A 1 98  ? 3.975   -7.370  16.630  1.00 21.58  ? 1076 HIS A CB  1 
ATOM   916  C CG  . HIS A 1 98  ? 5.458   -7.151  16.719  1.00 21.90  ? 1076 HIS A CG  1 
ATOM   917  N ND1 . HIS A 1 98  ? 6.342   -7.810  15.883  1.00 22.64  ? 1076 HIS A ND1 1 
ATOM   918  C CD2 . HIS A 1 98  ? 6.195   -6.366  17.536  1.00 23.26  ? 1076 HIS A CD2 1 
ATOM   919  C CE1 . HIS A 1 98  ? 7.576   -7.415  16.186  1.00 25.08  ? 1076 HIS A CE1 1 
ATOM   920  N NE2 . HIS A 1 98  ? 7.521   -6.541  17.201  1.00 22.10  ? 1076 HIS A NE2 1 
ATOM   921  N N   . ARG A 1 99  ? 2.977   -7.488  13.479  1.00 17.07  ? 1077 ARG A N   1 
ATOM   922  C CA  . ARG A 1 99  ? 3.227   -7.730  12.038  1.00 17.36  ? 1077 ARG A CA  1 
ATOM   923  C C   . ARG A 1 99  ? 2.707   -6.514  11.254  1.00 18.42  ? 1077 ARG A C   1 
ATOM   924  O O   . ARG A 1 99  ? 3.381   -6.125  10.287  1.00 18.94  ? 1077 ARG A O   1 
ATOM   925  C CB  . ARG A 1 99  ? 2.614   -9.041  11.553  1.00 18.18  ? 1077 ARG A CB  1 
ATOM   926  C CG  . ARG A 1 99  ? 3.277   -10.265 12.217  1.00 19.15  ? 1077 ARG A CG  1 
ATOM   927  C CD  . ARG A 1 99  ? 2.526   -11.540 11.971  1.00 19.79  ? 1077 ARG A CD  1 
ATOM   928  N NE  . ARG A 1 99  ? 3.367   -12.717 12.243  1.00 20.71  ? 1077 ARG A NE  1 
ATOM   929  C CZ  . ARG A 1 99  ? 2.960   -13.971 12.121  1.00 20.49  ? 1077 ARG A CZ  1 
ATOM   930  N NH1 . ARG A 1 99  ? 1.701   -14.247 11.865  1.00 21.87  ? 1077 ARG A NH1 1 
ATOM   931  N NH2 . ARG A 1 99  ? 3.802   -14.969 12.358  1.00 26.46  ? 1077 ARG A NH2 1 
ATOM   932  N N   . ALA A 1 100 ? 1.539   -5.971  11.592  1.00 17.12  ? 1078 ALA A N   1 
ATOM   933  C CA  . ALA A 1 100 ? 0.981   -4.803  10.853  1.00 18.82  ? 1078 ALA A CA  1 
ATOM   934  C C   . ALA A 1 100 ? 1.923   -3.618  10.950  1.00 20.07  ? 1078 ALA A C   1 
ATOM   935  O O   . ALA A 1 100 ? 2.124   -2.886  9.912   1.00 20.24  ? 1078 ALA A O   1 
ATOM   936  C CB  . ALA A 1 100 ? -0.382  -4.444  11.434  1.00 19.61  ? 1078 ALA A CB  1 
ATOM   937  N N   . CYS A 1 101 ? 2.437   -3.309  12.141  1.00 18.45  ? 1079 CYS A N   1 
ATOM   938  C CA  . CYS A 1 101 ? 3.400   -2.225  12.387  1.00 19.65  ? 1079 CYS A CA  1 
ATOM   939  C C   . CYS A 1 101 ? 4.698   -2.503  11.588  1.00 19.54  ? 1079 CYS A C   1 
ATOM   940  O O   . CYS A 1 101 ? 5.236   -1.547  10.982  1.00 20.13  ? 1079 CYS A O   1 
ATOM   941  C CB  . CYS A 1 101 ? 3.707   -2.068  13.859  1.00 21.29  ? 1079 CYS A CB  1 
ATOM   942  S SG  . CYS A 1 101 ? 2.280   -1.325  14.731  1.00 26.23  ? 1079 CYS A SG  1 
ATOM   943  N N   . ALA A 1 102 ? 5.125   -3.750  11.491  1.00 19.06  ? 1080 ALA A N   1 
ATOM   944  C CA  . ALA A 1 102 ? 6.352   -4.101  10.734  1.00 19.19  ? 1080 ALA A CA  1 
ATOM   945  C C   . ALA A 1 102 ? 6.114   -3.911  9.212   1.00 19.46  ? 1080 ALA A C   1 
ATOM   946  O O   . ALA A 1 102 ? 7.063   -3.437  8.523   1.00 20.79  ? 1080 ALA A O   1 
ATOM   947  C CB  . ALA A 1 102 ? 6.863   -5.477  11.091  1.00 18.44  ? 1080 ALA A CB  1 
ATOM   948  N N   . LEU A 1 103 ? 4.940   -4.232  8.700   1.00 18.54  ? 1081 LEU A N   1 
ATOM   949  C CA  . LEU A 1 103 ? 4.592   -4.013  7.251   1.00 18.21  ? 1081 LEU A CA  1 
ATOM   950  C C   . LEU A 1 103 ? 4.695   -2.511  6.953   1.00 18.26  ? 1081 LEU A C   1 
ATOM   951  O O   . LEU A 1 103 ? 5.390   -2.144  5.916   1.00 17.40  ? 1081 LEU A O   1 
ATOM   952  C CB  . LEU A 1 103 ? 3.197   -4.573  6.936   1.00 19.18  ? 1081 LEU A CB  1 
ATOM   953  C CG  . LEU A 1 103 ? 2.655   -4.187  5.547   1.00 22.16  ? 1081 LEU A CG  1 
ATOM   954  C CD1 . LEU A 1 103 ? 3.355   -4.989  4.533   1.00 25.59  ? 1081 LEU A CD1 1 
ATOM   955  C CD2 . LEU A 1 103 ? 1.159   -4.419  5.447   1.00 27.21  ? 1081 LEU A CD2 1 
ATOM   956  N N   . ARG A 1 104 ? 4.069   -1.662  7.772   1.00 18.22  ? 1082 ARG A N   1 
ATOM   957  C CA  . ARG A 1 104 ? 4.083   -0.194  7.588   1.00 20.43  ? 1082 ARG A CA  1 
ATOM   958  C C   . ARG A 1 104 ? 5.528   0.295   7.622   1.00 21.28  ? 1082 ARG A C   1 
ATOM   959  O O   . ARG A 1 104 ? 5.992   1.036   6.678   1.00 19.74  ? 1082 ARG A O   1 
ATOM   960  C CB  . ARG A 1 104 ? 3.218   0.460   8.669   1.00 21.12  ? 1082 ARG A CB  1 
ATOM   961  C CG  . ARG A 1 104 ? 3.239   1.991   8.710   1.00 23.38  ? 1082 ARG A CG  1 
ATOM   962  C CD  . ARG A 1 104 ? 2.621   2.476   10.065  1.00 30.34  ? 1082 ARG A CD  1 
ATOM   963  N NE  . ARG A 1 104 ? 3.590   2.119   11.137  1.00 30.79  ? 1082 ARG A NE  1 
ATOM   964  C CZ  . ARG A 1 104 ? 3.325   1.967   12.441  1.00 32.04  ? 1082 ARG A CZ  1 
ATOM   965  N NH1 . ARG A 1 104 ? 4.293   1.621   13.276  1.00 32.80  ? 1082 ARG A NH1 1 
ATOM   966  N NH2 . ARG A 1 104 ? 2.087   2.120   12.902  1.00 33.19  ? 1082 ARG A NH2 1 
ATOM   967  N N   . ASP A 1 105 ? 6.261   -0.046  8.692   1.00 20.58  ? 1083 ASP A N   1 
ATOM   968  C CA  . ASP A 1 105 ? 7.627   0.462   8.903   1.00 19.77  ? 1083 ASP A CA  1 
ATOM   969  C C   . ASP A 1 105 ? 8.568   -0.013  7.774   1.00 19.11  ? 1083 ASP A C   1 
ATOM   970  O O   . ASP A 1 105 ? 9.458   0.823   7.363   1.00 20.09  ? 1083 ASP A O   1 
ATOM   971  C CB  . ASP A 1 105 ? 8.143   0.105   10.297  1.00 20.00  ? 1083 ASP A CB  1 
ATOM   972  C CG  . ASP A 1 105 ? 7.385   0.748   11.465  1.00 25.23  ? 1083 ASP A CG  1 
ATOM   973  O OD1 . ASP A 1 105 ? 6.556   1.678   11.274  1.00 26.98  ? 1083 ASP A OD1 1 
ATOM   974  O OD2 . ASP A 1 105 ? 7.606   0.225   12.573  1.00 28.56  ? 1083 ASP A OD2 1 
ATOM   975  N N   . THR A 1 106 ? 8.417   -1.259  7.304   1.00 17.52  ? 1084 THR A N   1 
ATOM   976  C CA  . THR A 1 106 ? 9.266   -1.816  6.230   1.00 18.49  ? 1084 THR A CA  1 
ATOM   977  C C   . THR A 1 106 ? 9.012   -1.008  4.922   1.00 17.54  ? 1084 THR A C   1 
ATOM   978  O O   . THR A 1 106 ? 9.987   -0.679  4.172   1.00 18.23  ? 1084 THR A O   1 
ATOM   979  C CB  . THR A 1 106 ? 9.079   -3.333  6.106   1.00 19.93  ? 1084 THR A CB  1 
ATOM   980  O OG1 . THR A 1 106 ? 9.426   -3.979  7.354   1.00 20.04  ? 1084 THR A OG1 1 
ATOM   981  C CG2 . THR A 1 106 ? 9.959   -3.878  5.002   1.00 21.66  ? 1084 THR A CG2 1 
ATOM   982  N N   . ALA A 1 107 ? 7.754   -0.793  4.572   1.00 18.02  ? 1085 ALA A N   1 
ATOM   983  C CA  . ALA A 1 107 ? 7.387   -0.053  3.338   1.00 17.18  ? 1085 ALA A CA  1 
ATOM   984  C C   . ALA A 1 107 ? 8.026   1.337   3.407   1.00 18.41  ? 1085 ALA A C   1 
ATOM   985  O O   . ALA A 1 107 ? 8.651   1.797   2.394   1.00 17.99  ? 1085 ALA A O   1 
ATOM   986  C CB  . ALA A 1 107 ? 5.873   0.052   3.218   1.00 17.47  ? 1085 ALA A CB  1 
ATOM   987  N N   . TYR A 1 108 ? 7.819   2.071   4.518   1.00 16.86  ? 1086 TYR A N   1 
ATOM   988  C CA  . TYR A 1 108 ? 8.378   3.431   4.651   1.00 17.94  ? 1086 TYR A CA  1 
ATOM   989  C C   . TYR A 1 108 ? 9.918   3.391   4.527   1.00 19.78  ? 1086 TYR A C   1 
ATOM   990  O O   . TYR A 1 108 ? 10.485  4.357   3.950   1.00 20.14  ? 1086 TYR A O   1 
ATOM   991  C CB  . TYR A 1 108 ? 7.861   4.139   5.908   1.00 19.89  ? 1086 TYR A CB  1 
ATOM   992  C CG  . TYR A 1 108 ? 6.522   4.818   5.804   1.00 18.79  ? 1086 TYR A CG  1 
ATOM   993  C CD1 . TYR A 1 108 ? 5.306   4.150   5.937   1.00 20.91  ? 1086 TYR A CD1 1 
ATOM   994  C CD2 . TYR A 1 108 ? 6.437   6.182   5.485   1.00 23.15  ? 1086 TYR A CD2 1 
ATOM   995  C CE1 . TYR A 1 108 ? 4.081   4.807   5.869   1.00 20.52  ? 1086 TYR A CE1 1 
ATOM   996  C CE2 . TYR A 1 108 ? 5.223   6.852   5.455   1.00 23.88  ? 1086 TYR A CE2 1 
ATOM   997  C CZ  . TYR A 1 108 ? 4.028   6.170   5.634   1.00 24.67  ? 1086 TYR A CZ  1 
ATOM   998  O OH  . TYR A 1 108 ? 2.810   6.813   5.525   1.00 24.81  ? 1086 TYR A OH  1 
ATOM   999  N N   . ALA A 1 109 ? 10.584  2.405   5.113   1.00 18.22  ? 1087 ALA A N   1 
ATOM   1000 C CA  . ALA A 1 109 ? 12.065  2.348   5.105   1.00 21.17  ? 1087 ALA A CA  1 
ATOM   1001 C C   . ALA A 1 109 ? 12.597  2.050   3.694   1.00 20.78  ? 1087 ALA A C   1 
ATOM   1002 O O   . ALA A 1 109 ? 13.646  2.649   3.278   1.00 20.27  ? 1087 ALA A O   1 
ATOM   1003 C CB  . ALA A 1 109 ? 12.545  1.339   6.106   1.00 22.33  ? 1087 ALA A CB  1 
ATOM   1004 N N   . ILE A 1 110 ? 11.959  1.149   2.941   1.00 18.42  ? 1088 ILE A N   1 
ATOM   1005 C CA  . ILE A 1 110 ? 12.372  0.880   1.526   1.00 17.73  ? 1088 ILE A CA  1 
ATOM   1006 C C   . ILE A 1 110 ? 12.206  2.183   0.731   1.00 17.63  ? 1088 ILE A C   1 
ATOM   1007 O O   . ILE A 1 110 ? 13.158  2.566   -0.004  1.00 18.60  ? 1088 ILE A O   1 
ATOM   1008 C CB  . ILE A 1 110 ? 11.571  -0.265  0.905   1.00 18.19  ? 1088 ILE A CB  1 
ATOM   1009 C CG1 . ILE A 1 110 ? 11.867  -1.607  1.549   1.00 19.76  ? 1088 ILE A CG1 1 
ATOM   1010 C CG2 . ILE A 1 110 ? 11.769  -0.349  -0.618  1.00 19.02  ? 1088 ILE A CG2 1 
ATOM   1011 C CD1 . ILE A 1 110 ? 10.954  -2.741  1.126   1.00 21.14  ? 1088 ILE A CD1 1 
ATOM   1012 N N   . ILE A 1 111 ? 11.102  2.884   0.877   1.00 17.95  ? 1089 ILE A N   1 
ATOM   1013 C CA  . ILE A 1 111 ? 10.827  4.148   0.120   1.00 19.51  ? 1089 ILE A CA  1 
ATOM   1014 C C   . ILE A 1 111 ? 11.830  5.237   0.537   1.00 22.45  ? 1089 ILE A C   1 
ATOM   1015 O O   . ILE A 1 111 ? 12.398  5.945   -0.356  1.00 21.13  ? 1089 ILE A O   1 
ATOM   1016 C CB  . ILE A 1 111 ? 9.339   4.512   0.214   1.00 20.44  ? 1089 ILE A CB  1 
ATOM   1017 C CG1 . ILE A 1 111 ? 8.520   3.548   -0.675  1.00 22.35  ? 1089 ILE A CG1 1 
ATOM   1018 C CG2 . ILE A 1 111 ? 9.121   5.954   -0.132  1.00 25.76  ? 1089 ILE A CG2 1 
ATOM   1019 C CD1 . ILE A 1 111 ? 7.042   3.546   -0.347  1.00 28.48  ? 1089 ILE A CD1 1 
ATOM   1020 N N   . LYS A 1 112 ? 12.175  5.334   1.817   1.00 20.73  ? 1090 LYS A N   1 
ATOM   1021 C CA  . LYS A 1 112 ? 13.135  6.377   2.254   1.00 23.05  ? 1090 LYS A CA  1 
ATOM   1022 C C   . LYS A 1 112 ? 14.497  6.135   1.600   1.00 23.25  ? 1090 LYS A C   1 
ATOM   1023 O O   . LYS A 1 112 ? 15.137  7.124   1.195   1.00 25.36  ? 1090 LYS A O   1 
ATOM   1024 C CB  . LYS A 1 112 ? 13.308  6.359   3.784   1.00 27.59  ? 1090 LYS A CB  1 
ATOM   1025 C CG  . LYS A 1 112 ? 14.169  7.539   4.267   1.00 32.82  ? 1090 LYS A CG  1 
ATOM   1026 C CD  . LYS A 1 112 ? 14.428  7.572   5.741   1.00 45.09  ? 1090 LYS A CD  1 
ATOM   1027 C CE  . LYS A 1 112 ? 15.046  8.907   6.136   1.00 53.83  ? 1090 LYS A CE  1 
ATOM   1028 N NZ  . LYS A 1 112 ? 15.458  8.866   7.552   1.00 61.30  ? 1090 LYS A NZ  1 
ATOM   1029 N N   . GLU A 1 113 ? 14.930  4.900   1.457   1.00 20.05  ? 1091 GLU A N   1 
ATOM   1030 C CA  . GLU A 1 113 ? 16.243  4.522   0.864   1.00 23.43  ? 1091 GLU A CA  1 
ATOM   1031 C C   . GLU A 1 113 ? 16.224  4.612   -0.667  1.00 26.02  ? 1091 GLU A C   1 
ATOM   1032 O O   . GLU A 1 113 ? 17.268  5.025   -1.250  1.00 27.78  ? 1091 GLU A O   1 
ATOM   1033 C CB  . GLU A 1 113 ? 16.707  3.117   1.235   1.00 31.08  ? 1091 GLU A CB  1 
ATOM   1034 C CG  . GLU A 1 113 ? 17.406  2.973   2.564   1.00 46.24  ? 1091 GLU A CG  1 
ATOM   1035 C CD  . GLU A 1 113 ? 18.277  1.711   2.741   1.00 61.89  ? 1091 GLU A CD  1 
ATOM   1036 O OE1 . GLU A 1 113 ? 18.029  0.638   2.058   1.00 56.15  ? 1091 GLU A OE1 1 
ATOM   1037 O OE2 . GLU A 1 113 ? 19.222  1.779   3.580   1.00 61.76  ? 1091 GLU A OE2 1 
ATOM   1038 N N   . GLU A 1 114 ? 15.130  4.255   -1.328  1.00 19.65  ? 1092 GLU A N   1 
ATOM   1039 C CA  . GLU A 1 114 ? 15.184  3.944   -2.792  1.00 19.57  ? 1092 GLU A CA  1 
ATOM   1040 C C   . GLU A 1 114 ? 14.394  4.944   -3.634  1.00 18.98  ? 1092 GLU A C   1 
ATOM   1041 O O   . GLU A 1 114 ? 14.583  4.890   -4.893  1.00 22.95  ? 1092 GLU A O   1 
ATOM   1042 C CB  . GLU A 1 114 ? 14.675  2.523   -3.037  1.00 19.50  ? 1092 GLU A CB  1 
ATOM   1043 C CG  . GLU A 1 114 ? 15.534  1.461   -2.317  1.00 20.13  ? 1092 GLU A CG  1 
ATOM   1044 C CD  . GLU A 1 114 ? 15.132  0.013   -2.446  1.00 20.99  ? 1092 GLU A CD  1 
ATOM   1045 O OE1 . GLU A 1 114 ? 14.546  -0.355  -3.501  1.00 22.29  ? 1092 GLU A OE1 1 
ATOM   1046 O OE2 . GLU A 1 114 ? 15.443  -0.805  -1.510  1.00 21.46  ? 1092 GLU A OE2 1 
ATOM   1047 N N   . LEU A 1 115 ? 13.502  5.727   -3.069  1.00 19.50  ? 1093 LEU A N   1 
ATOM   1048 C CA  . LEU A 1 115 ? 12.761  6.781   -3.838  1.00 19.08  ? 1093 LEU A CA  1 
ATOM   1049 C C   . LEU A 1 115 ? 13.597  8.071   -3.895  1.00 22.89  ? 1093 LEU A C   1 
ATOM   1050 O O   . LEU A 1 115 ? 13.884  8.637   -2.867  1.00 22.15  ? 1093 LEU A O   1 
ATOM   1051 C CB  . LEU A 1 115 ? 11.414  7.043   -3.169  1.00 20.46  ? 1093 LEU A CB  1 
ATOM   1052 C CG  . LEU A 1 115 ? 10.541  8.182   -3.728  1.00 23.23  ? 1093 LEU A CG  1 
ATOM   1053 C CD1 . LEU A 1 115 ? 10.168  7.889   -5.160  1.00 21.33  ? 1093 LEU A CD1 1 
ATOM   1054 C CD2 . LEU A 1 115 ? 9.304   8.474   -2.886  1.00 24.69  ? 1093 LEU A CD2 1 
ATOM   1055 N N   . ASP A 1 116 ? 13.813  8.645   -5.077  1.00 22.31  ? 1094 ASP A N   1 
ATOM   1056 C CA  . ASP A 1 116 ? 14.408  9.997   -5.210  1.00 22.26  ? 1094 ASP A CA  1 
ATOM   1057 C C   . ASP A 1 116 ? 13.317  11.038  -4.921  1.00 21.85  ? 1094 ASP A C   1 
ATOM   1058 O O   . ASP A 1 116 ? 12.266  10.999  -5.564  1.00 20.48  ? 1094 ASP A O   1 
ATOM   1059 C CB  . ASP A 1 116 ? 14.983  10.136  -6.618  1.00 23.69  ? 1094 ASP A CB  1 
ATOM   1060 C CG  . ASP A 1 116 ? 15.845  11.395  -6.760  1.00 30.50  ? 1094 ASP A CG  1 
ATOM   1061 O OD1 . ASP A 1 116 ? 15.361  12.491  -6.468  1.00 29.45  ? 1094 ASP A OD1 1 
ATOM   1062 O OD2 . ASP A 1 116 ? 17.016  11.258  -7.168  1.00 29.37  ? 1094 ASP A OD2 1 
ATOM   1063 N N   A GLU A 1 117 ? 13.570  11.964  -3.993  0.15 21.75  ? 1095 GLU A N   1 
ATOM   1064 N N   B GLU A 1 117 ? 13.583  11.981  -4.011  0.19 20.57  ? 1095 GLU A N   1 
ATOM   1065 N N   C GLU A 1 117 ? 13.570  11.964  -3.993  0.15 21.75  ? 1095 GLU A N   1 
ATOM   1066 C CA  A GLU A 1 117 ? 12.595  13.012  -3.583  0.15 24.26  ? 1095 GLU A CA  1 
ATOM   1067 C CA  B GLU A 1 117 ? 12.598  13.008  -3.572  0.19 22.83  ? 1095 GLU A CA  1 
ATOM   1068 C CA  C GLU A 1 117 ? 12.595  13.012  -3.583  0.15 24.26  ? 1095 GLU A CA  1 
ATOM   1069 C C   A GLU A 1 117 ? 12.195  13.860  -4.798  0.15 22.41  ? 1095 GLU A C   1 
ATOM   1070 C C   B GLU A 1 117 ? 12.221  13.910  -4.759  0.19 21.65  ? 1095 GLU A C   1 
ATOM   1071 C C   C GLU A 1 117 ? 12.195  13.860  -4.798  0.15 22.41  ? 1095 GLU A C   1 
ATOM   1072 O O   A GLU A 1 117 ? 11.030  14.289  -4.854  0.15 22.10  ? 1095 GLU A O   1 
ATOM   1073 O O   B GLU A 1 117 ? 11.092  14.432  -4.753  0.19 21.68  ? 1095 GLU A O   1 
ATOM   1074 O O   C GLU A 1 117 ? 11.030  14.289  -4.854  0.15 22.10  ? 1095 GLU A O   1 
ATOM   1075 C CB  A GLU A 1 117 ? 13.178  13.891  -2.470  0.15 27.90  ? 1095 GLU A CB  1 
ATOM   1076 C CB  B GLU A 1 117 ? 13.126  13.795  -2.360  0.19 25.31  ? 1095 GLU A CB  1 
ATOM   1077 C CB  C GLU A 1 117 ? 13.178  13.891  -2.470  0.15 27.90  ? 1095 GLU A CB  1 
ATOM   1078 C CG  A GLU A 1 117 ? 13.277  13.183  -1.130  0.15 31.03  ? 1095 GLU A CG  1 
ATOM   1079 C CG  B GLU A 1 117 ? 14.423  14.563  -2.599  0.19 26.67  ? 1095 GLU A CG  1 
ATOM   1080 C CG  C GLU A 1 117 ? 13.277  13.183  -1.130  0.15 31.03  ? 1095 GLU A CG  1 
ATOM   1081 C CD  A GLU A 1 117 ? 13.818  14.025  0.021   0.15 34.54  ? 1095 GLU A CD  1 
ATOM   1082 C CD  B GLU A 1 117 ? 15.114  15.114  -1.352  0.19 29.85  ? 1095 GLU A CD  1 
ATOM   1083 C CD  C GLU A 1 117 ? 13.818  14.025  0.021   0.15 34.54  ? 1095 GLU A CD  1 
ATOM   1084 O OE1 A GLU A 1 117 ? 13.861  15.272  -0.112  0.15 34.01  ? 1095 GLU A OE1 1 
ATOM   1085 O OE1 B GLU A 1 117 ? 15.211  14.385  -0.345  0.19 31.67  ? 1095 GLU A OE1 1 
ATOM   1086 O OE1 C GLU A 1 117 ? 13.861  15.272  -0.112  0.15 34.01  ? 1095 GLU A OE1 1 
ATOM   1087 O OE2 A GLU A 1 117 ? 14.203  13.423  1.052   0.15 38.26  ? 1095 GLU A OE2 1 
ATOM   1088 O OE2 B GLU A 1 117 ? 15.587  16.259  -1.394  0.19 29.72  ? 1095 GLU A OE2 1 
ATOM   1089 O OE2 C GLU A 1 117 ? 14.203  13.423  1.052   0.15 38.26  ? 1095 GLU A OE2 1 
ATOM   1090 N N   . ASP A 1 118 ? 13.122  14.100  -5.734  1.00 21.61  ? 1096 ASP A N   1 
ATOM   1091 C CA  . ASP A 1 118 ? 12.808  14.951  -6.924  1.00 21.05  ? 1096 ASP A CA  1 
ATOM   1092 C C   . ASP A 1 118 ? 11.885  14.168  -7.884  1.00 18.06  ? 1096 ASP A C   1 
ATOM   1093 O O   . ASP A 1 118 ? 11.125  14.821  -8.658  1.00 18.81  ? 1096 ASP A O   1 
ATOM   1094 C CB  . ASP A 1 118 ? 14.066  15.487  -7.622  1.00 22.14  ? 1096 ASP A CB  1 
ATOM   1095 C CG  . ASP A 1 118 ? 14.806  16.564  -6.809  1.00 27.36  ? 1096 ASP A CG  1 
ATOM   1096 O OD1 . ASP A 1 118 ? 14.223  17.159  -5.942  1.00 25.75  ? 1096 ASP A OD1 1 
ATOM   1097 O OD2 . ASP A 1 118 ? 15.954  16.664  -7.009  1.00 33.91  ? 1096 ASP A OD2 1 
ATOM   1098 N N   . PHE A 1 119 ? 11.961  12.838  -7.930  1.00 18.70  ? 1097 PHE A N   1 
ATOM   1099 C CA  . PHE A 1 119 ? 11.044  11.980  -8.743  1.00 17.08  ? 1097 PHE A CA  1 
ATOM   1100 C C   . PHE A 1 119 ? 9.626   12.106  -8.154  1.00 18.36  ? 1097 PHE A C   1 
ATOM   1101 O O   . PHE A 1 119 ? 8.614   12.365  -8.936  1.00 19.26  ? 1097 PHE A O   1 
ATOM   1102 C CB  . PHE A 1 119 ? 11.530  10.518  -8.842  1.00 18.61  ? 1097 PHE A CB  1 
ATOM   1103 C CG  . PHE A 1 119 ? 10.619  9.649   -9.658  1.00 19.16  ? 1097 PHE A CG  1 
ATOM   1104 C CD1 . PHE A 1 119 ? 10.751  9.568   -11.043 1.00 19.20  ? 1097 PHE A CD1 1 
ATOM   1105 C CD2 . PHE A 1 119 ? 9.569   8.969   -9.045  1.00 20.12  ? 1097 PHE A CD2 1 
ATOM   1106 C CE1 . PHE A 1 119 ? 9.852   8.811   -11.792 1.00 21.32  ? 1097 PHE A CE1 1 
ATOM   1107 C CE2 . PHE A 1 119 ? 8.685   8.220   -9.807  1.00 19.93  ? 1097 PHE A CE2 1 
ATOM   1108 C CZ  . PHE A 1 119 ? 8.836   8.155   -11.162 1.00 19.24  ? 1097 PHE A CZ  1 
ATOM   1109 N N   . GLU A 1 120 ? 9.514   11.981  -6.844  1.00 17.61  ? 1098 GLU A N   1 
ATOM   1110 C CA  . GLU A 1 120 ? 8.189   12.133  -6.186  1.00 19.57  ? 1098 GLU A CA  1 
ATOM   1111 C C   . GLU A 1 120 ? 7.663   13.564  -6.438  1.00 20.77  ? 1098 GLU A C   1 
ATOM   1112 O O   . GLU A 1 120 ? 6.478   13.712  -6.689  1.00 20.80  ? 1098 GLU A O   1 
ATOM   1113 C CB  . GLU A 1 120 ? 8.269   11.850  -4.688  1.00 21.61  ? 1098 GLU A CB  1 
ATOM   1114 C CG  . GLU A 1 120 ? 6.979   12.071  -3.896  1.00 21.68  ? 1098 GLU A CG  1 
ATOM   1115 C CD  . GLU A 1 120 ? 5.744   11.171  -4.198  1.00 26.19  ? 1098 GLU A CD  1 
ATOM   1116 O OE1 . GLU A 1 120 ? 5.850   10.319  -5.107  1.00 26.84  ? 1098 GLU A OE1 1 
ATOM   1117 O OE2 . GLU A 1 120 ? 4.631   11.307  -3.502  1.00 27.32  ? 1098 GLU A OE2 1 
ATOM   1118 N N   . GLN A 1 121 ? 8.493   14.617  -6.319  1.00 19.17  ? 1099 GLN A N   1 
ATOM   1119 C CA  . GLN A 1 121 ? 7.991   16.020  -6.495  1.00 20.34  ? 1099 GLN A CA  1 
ATOM   1120 C C   . GLN A 1 121 ? 7.500   16.192  -7.947  1.00 19.65  ? 1099 GLN A C   1 
ATOM   1121 O O   . GLN A 1 121 ? 6.459   16.822  -8.133  1.00 20.69  ? 1099 GLN A O   1 
ATOM   1122 C CB  . GLN A 1 121 ? 9.080   17.013  -6.092  1.00 22.11  ? 1099 GLN A CB  1 
ATOM   1123 C CG  . GLN A 1 121 ? 8.629   18.474  -6.194  1.00 23.48  ? 1099 GLN A CG  1 
ATOM   1124 C CD  . GLN A 1 121 ? 7.575   18.745  -5.143  1.00 31.13  ? 1099 GLN A CD  1 
ATOM   1125 O OE1 . GLN A 1 121 ? 7.581   18.122  -4.076  1.00 33.00  ? 1099 GLN A OE1 1 
ATOM   1126 N NE2 . GLN A 1 121 ? 6.642   19.640  -5.462  1.00 28.52  ? 1099 GLN A NE2 1 
ATOM   1127 N N   . LEU A 1 122 ? 8.187   15.603  -8.957  1.00 18.78  ? 1100 LEU A N   1 
ATOM   1128 C CA  . LEU A 1 122 ? 7.743   15.662  -10.377 1.00 19.53  ? 1100 LEU A CA  1 
ATOM   1129 C C   . LEU A 1 122 ? 6.344   15.016  -10.504 1.00 21.70  ? 1100 LEU A C   1 
ATOM   1130 O O   . LEU A 1 122 ? 5.426   15.603  -11.144 1.00 21.11  ? 1100 LEU A O   1 
ATOM   1131 C CB  . LEU A 1 122 ? 8.792   15.039  -11.301 1.00 18.73  ? 1100 LEU A CB  1 
ATOM   1132 C CG  . LEU A 1 122 ? 8.374   14.966  -12.765 1.00 20.93  ? 1100 LEU A CG  1 
ATOM   1133 C CD1 . LEU A 1 122 ? 8.077   16.349  -13.373 1.00 23.35  ? 1100 LEU A CD1 1 
ATOM   1134 C CD2 . LEU A 1 122 ? 9.413   14.198  -13.561 1.00 20.67  ? 1100 LEU A CD2 1 
ATOM   1135 N N   . CYS A 1 123 ? 6.132   13.819  -9.924  1.00 20.30  ? 1101 CYS A N   1 
ATOM   1136 C CA  . CYS A 1 123 ? 4.800   13.158  -9.996  1.00 20.10  ? 1101 CYS A CA  1 
ATOM   1137 C C   . CYS A 1 123 ? 3.726   14.087  -9.370  1.00 20.28  ? 1101 CYS A C   1 
ATOM   1138 O O   . CYS A 1 123 ? 2.679   14.204  -9.981  1.00 20.89  ? 1101 CYS A O   1 
ATOM   1139 C CB  . CYS A 1 123 ? 4.802   11.800  -9.275  1.00 19.20  ? 1101 CYS A CB  1 
ATOM   1140 S SG  . CYS A 1 123 ? 5.831   10.528  -10.034 1.00 20.91  ? 1101 CYS A SG  1 
ATOM   1141 N N   . GLU A 1 124 ? 3.999   14.751  -8.248  1.00 19.80  ? 1102 GLU A N   1 
ATOM   1142 C CA  . GLU A 1 124 ? 3.034   15.611  -7.519  1.00 21.96  ? 1102 GLU A CA  1 
ATOM   1143 C C   . GLU A 1 124 ? 2.698   16.791  -8.446  1.00 26.06  ? 1102 GLU A C   1 
ATOM   1144 O O   . GLU A 1 124 ? 1.498   17.187  -8.534  1.00 25.97  ? 1102 GLU A O   1 
ATOM   1145 C CB  . GLU A 1 124 ? 3.545   15.998  -6.116  1.00 24.93  ? 1102 GLU A CB  1 
ATOM   1146 C CG  . GLU A 1 124 ? 3.600   14.811  -5.142  1.00 35.67  ? 1102 GLU A CG  1 
ATOM   1147 C CD  . GLU A 1 124 ? 3.983   15.061  -3.669  1.00 53.65  ? 1102 GLU A CD  1 
ATOM   1148 O OE1 . GLU A 1 124 ? 4.012   16.260  -3.348  1.00 51.03  ? 1102 GLU A OE1 1 
ATOM   1149 O OE2 . GLU A 1 124 ? 4.290   14.045  -2.808  1.00 43.30  ? 1102 GLU A OE2 1 
ATOM   1150 N N   . GLU A 1 125 ? 3.694   17.374  -9.132  1.00 23.93  ? 1103 GLU A N   1 
ATOM   1151 C CA  . GLU A 1 125 ? 3.475   18.582  -9.980  1.00 23.27  ? 1103 GLU A CA  1 
ATOM   1152 C C   . GLU A 1 125 ? 2.705   18.203  -11.251 1.00 27.82  ? 1103 GLU A C   1 
ATOM   1153 O O   . GLU A 1 125 ? 1.735   18.965  -11.626 1.00 31.60  ? 1103 GLU A O   1 
ATOM   1154 C CB  . GLU A 1 125 ? 4.788   19.358  -10.210 1.00 22.00  ? 1103 GLU A CB  1 
ATOM   1155 C CG  . GLU A 1 125 ? 5.263   20.043  -8.955  1.00 21.77  ? 1103 GLU A CG  1 
ATOM   1156 C CD  . GLU A 1 125 ? 6.541   20.888  -8.951  1.00 22.31  ? 1103 GLU A CD  1 
ATOM   1157 O OE1 . GLU A 1 125 ? 7.093   21.144  -10.068 1.00 23.59  ? 1103 GLU A OE1 1 
ATOM   1158 O OE2 . GLU A 1 125 ? 6.967   21.257  -7.810  1.00 24.25  ? 1103 GLU A OE2 1 
ATOM   1159 N N   . ILE A 1 126 ? 2.989   17.080  -11.884 1.00 24.53  ? 1104 ILE A N   1 
ATOM   1160 C CA  . ILE A 1 126 ? 2.160   16.620  -13.026 1.00 24.10  ? 1104 ILE A CA  1 
ATOM   1161 C C   . ILE A 1 126 ? 0.708   16.410  -12.503 1.00 32.10  ? 1104 ILE A C   1 
ATOM   1162 O O   . ILE A 1 126 ? -0.224  16.942  -13.128 1.00 32.61  ? 1104 ILE A O   1 
ATOM   1163 C CB  . ILE A 1 126 ? 2.716   15.344  -13.657 1.00 24.79  ? 1104 ILE A CB  1 
ATOM   1164 C CG1 . ILE A 1 126 ? 4.141   15.470  -14.195 1.00 23.68  ? 1104 ILE A CG1 1 
ATOM   1165 C CG2 . ILE A 1 126 ? 1.766   14.887  -14.749 1.00 24.04  ? 1104 ILE A CG2 1 
ATOM   1166 C CD1 . ILE A 1 126 ? 4.841   14.183  -14.482 1.00 24.09  ? 1104 ILE A CD1 1 
ATOM   1167 N N   . GLN A 1 127 ? 0.494   15.645  -11.407 1.00 31.44  ? 1105 GLN A N   1 
ATOM   1168 C CA  . GLN A 1 127 ? -0.880  15.360  -10.826 1.00 35.78  ? 1105 GLN A CA  1 
ATOM   1169 C C   . GLN A 1 127 ? -1.650  16.699  -10.622 1.00 38.31  ? 1105 GLN A C   1 
ATOM   1170 O O   . GLN A 1 127 ? -2.813  16.816  -11.073 1.00 35.42  ? 1105 GLN A O   1 
ATOM   1171 C CB  . GLN A 1 127 ? -0.798  14.541  -9.515  1.00 35.66  ? 1105 GLN A CB  1 
ATOM   1172 C CG  . GLN A 1 127 ? -2.151  14.221  -8.845  1.00 41.29  ? 1105 GLN A CG  1 
ATOM   1173 C CD  . GLN A 1 127 ? -1.992  13.484  -7.529  1.00 45.31  ? 1105 GLN A CD  1 
ATOM   1174 O OE1 . GLN A 1 127 ? -1.304  13.942  -6.620  1.00 50.14  ? 1105 GLN A OE1 1 
ATOM   1175 N NE2 . GLN A 1 127 ? -2.624  12.326  -7.388  1.00 46.98  ? 1105 GLN A NE2 1 
ATOM   1176 N N   A GLU A 1 128 ? -1.007  17.671  -9.966  0.15 38.19  ? 1106 GLU A N   1 
ATOM   1177 N N   B GLU A 1 128 ? -1.022  17.672  -9.954  0.20 36.15  ? 1106 GLU A N   1 
ATOM   1178 N N   C GLU A 1 128 ? -1.007  17.671  -9.966  0.15 38.19  ? 1106 GLU A N   1 
ATOM   1179 C CA  A GLU A 1 128 ? -1.579  19.008  -9.642  0.15 40.89  ? 1106 GLU A CA  1 
ATOM   1180 C CA  B GLU A 1 128 ? -1.625  19.000  -9.648  0.20 38.19  ? 1106 GLU A CA  1 
ATOM   1181 C CA  C GLU A 1 128 ? -1.579  19.008  -9.642  0.15 40.89  ? 1106 GLU A CA  1 
ATOM   1182 C C   A GLU A 1 128 ? -1.998  19.738  -10.927 0.15 42.63  ? 1106 GLU A C   1 
ATOM   1183 C C   B GLU A 1 128 ? -2.049  19.690  -10.954 0.20 41.23  ? 1106 GLU A C   1 
ATOM   1184 C C   C GLU A 1 128 ? -1.998  19.738  -10.927 0.15 42.63  ? 1106 GLU A C   1 
ATOM   1185 O O   A GLU A 1 128 ? -3.001  20.483  -10.875 0.15 43.49  ? 1106 GLU A O   1 
ATOM   1186 O O   B GLU A 1 128 ? -3.119  20.341  -10.956 0.20 42.02  ? 1106 GLU A O   1 
ATOM   1187 O O   C GLU A 1 128 ? -3.001  20.483  -10.875 0.15 43.49  ? 1106 GLU A O   1 
ATOM   1188 C CB  A GLU A 1 128 ? -0.569  19.831  -8.836  0.15 42.72  ? 1106 GLU A CB  1 
ATOM   1189 C CB  B GLU A 1 128 ? -0.655  19.869  -8.844  0.20 38.52  ? 1106 GLU A CB  1 
ATOM   1190 C CB  C GLU A 1 128 ? -0.569  19.831  -8.836  0.15 42.72  ? 1106 GLU A CB  1 
ATOM   1191 C CG  A GLU A 1 128 ? -0.820  19.787  -7.339  0.15 44.82  ? 1106 GLU A CG  1 
ATOM   1192 C CG  B GLU A 1 128 ? -1.202  21.252  -8.522  0.20 39.42  ? 1106 GLU A CG  1 
ATOM   1193 C CG  C GLU A 1 128 ? -0.820  19.787  -7.339  0.15 44.82  ? 1106 GLU A CG  1 
ATOM   1194 C CD  A GLU A 1 128 ? 0.425   19.764  -6.468  0.15 47.81  ? 1106 GLU A CD  1 
ATOM   1195 C CD  B GLU A 1 128 ? -2.466  21.259  -7.678  0.20 38.76  ? 1106 GLU A CD  1 
ATOM   1196 C CD  C GLU A 1 128 ? 0.425   19.764  -6.468  0.15 47.81  ? 1106 GLU A CD  1 
ATOM   1197 O OE1 A GLU A 1 128 ? 1.482   20.273  -6.911  0.15 47.17  ? 1106 GLU A OE1 1 
ATOM   1198 O OE1 B GLU A 1 128 ? -3.315  22.132  -7.905  0.20 40.13  ? 1106 GLU A OE1 1 
ATOM   1199 O OE1 C GLU A 1 128 ? 1.482   20.273  -6.911  0.15 47.17  ? 1106 GLU A OE1 1 
ATOM   1200 O OE2 A GLU A 1 128 ? 0.339   19.224  -5.348  0.15 49.17  ? 1106 GLU A OE2 1 
ATOM   1201 O OE2 B GLU A 1 128 ? -2.592  20.398  -6.795  0.20 38.92  ? 1106 GLU A OE2 1 
ATOM   1202 O OE2 C GLU A 1 128 ? 0.339   19.224  -5.348  0.15 49.17  ? 1106 GLU A OE2 1 
ATOM   1203 N N   . SER A 1 129 ? -1.272  19.532  -12.032 1.00 42.01  ? 1107 SER A N   1 
ATOM   1204 C CA  . SER A 1 129 ? -1.556  20.204  -13.338 1.00 44.02  ? 1107 SER A CA  1 
ATOM   1205 C C   . SER A 1 129 ? -2.760  19.597  -14.067 1.00 51.03  ? 1107 SER A C   1 
ATOM   1206 O O   . SER A 1 129 ? -3.121  20.162  -15.112 1.00 50.05  ? 1107 SER A O   1 
ATOM   1207 C CB  . SER A 1 129 ? -0.375  20.166  -14.258 1.00 41.04  ? 1107 SER A CB  1 
ATOM   1208 O OG  . SER A 1 129 ? -0.304  18.894  -14.916 1.00 41.13  ? 1107 SER A OG  1 
ATOM   1209 N N   . ARG A 1 130 ? -3.278  18.438  -13.659 1.00 48.17  ? 1108 ARG A N   1 
ATOM   1210 C CA  . ARG A 1 130 ? -4.294  17.724  -14.476 1.00 57.02  ? 1108 ARG A CA  1 
ATOM   1211 C C   . ARG A 1 130 ? -5.692  18.119  -13.992 1.00 66.09  ? 1108 ARG A C   1 
ATOM   1212 O O   . ARG A 1 130 ? -5.834  18.854  -12.991 1.00 64.48  ? 1108 ARG A O   1 
ATOM   1213 C CB  . ARG A 1 130 ? -4.064  16.213  -14.456 1.00 52.96  ? 1108 ARG A CB  1 
ATOM   1214 C CG  . ARG A 1 130 ? -2.722  15.858  -15.075 1.00 59.31  ? 1108 ARG A CG  1 
ATOM   1215 C CD  . ARG A 1 130 ? -2.672  14.525  -15.780 1.00 56.80  ? 1108 ARG A CD  1 
ATOM   1216 N NE  . ARG A 1 130 ? -1.549  14.511  -16.722 1.00 50.61  ? 1108 ARG A NE  1 
ATOM   1217 C CZ  . ARG A 1 130 ? -1.011  13.410  -17.242 1.00 50.61  ? 1108 ARG A CZ  1 
ATOM   1218 N NH1 . ARG A 1 130 ? -1.518  12.222  -16.925 1.00 60.63  ? 1108 ARG A NH1 1 
ATOM   1219 N NH2 . ARG A 1 130 ? 0.010   13.495  -18.089 1.00 42.52  ? 1108 ARG A NH2 1 
ATOM   1220 O OXT . ARG A 1 130 ? -6.655  17.693  -14.657 1.00 70.45  ? 1108 ARG A OXT 1 
HETATM 1221 C C10 . RHY B 2 .   ? -7.819  -12.957 10.184  0.63 38.36  ? 1201 RHY A C10 1 
HETATM 1222 C C17 . RHY B 2 .   ? -7.040  -11.784 9.370   0.63 35.42  ? 1201 RHY A C17 1 
HETATM 1223 C C01 . RHY B 2 .   ? -5.811  -9.135  8.619   0.63 29.32  ? 1201 RHY A C01 1 
HETATM 1224 C C02 . RHY B 2 .   ? -6.726  -9.238  9.827   0.63 31.60  ? 1201 RHY A C02 1 
HETATM 1225 C C05 . RHY B 2 .   ? -8.232  -10.802 11.290  0.63 34.63  ? 1201 RHY A C05 1 
HETATM 1226 C C06 . RHY B 2 .   ? -8.804  -12.313 10.998  0.63 39.30  ? 1201 RHY A C06 1 
HETATM 1227 C C07 . RHY B 2 .   ? -9.005  -12.962 12.151  0.63 41.99  ? 1201 RHY A C07 1 
HETATM 1228 C C08 . RHY B 2 .   ? -8.236  -14.133 12.197  0.63 42.43  ? 1201 RHY A C08 1 
HETATM 1229 C C11 . RHY B 2 .   ? -8.355  -14.043 9.233   0.63 40.00  ? 1201 RHY A C11 1 
HETATM 1230 C C12 . RHY B 2 .   ? -8.978  -15.215 10.041  0.63 43.10  ? 1201 RHY A C12 1 
HETATM 1231 C C14 . RHY B 2 .   ? -9.963  -17.010 10.783  0.63 45.06  ? 1201 RHY A C14 1 
HETATM 1232 C C16 . RHY B 2 .   ? -8.892  -15.224 11.507  0.63 44.86  ? 1201 RHY A C16 1 
HETATM 1233 N N04 . RHY B 2 .   ? -7.299  -10.513 10.146  0.63 34.39  ? 1201 RHY A N04 1 
HETATM 1234 N N13 . RHY B 2 .   ? -9.625  -16.316 9.637   0.63 44.58  ? 1201 RHY A N13 1 
HETATM 1235 N N15 . RHY B 2 .   ? -9.518  -16.339 11.904  0.63 45.62  ? 1201 RHY A N15 1 
HETATM 1236 O O03 . RHY B 2 .   ? -6.978  -8.299  10.503  0.63 33.00  ? 1201 RHY A O03 1 
HETATM 1237 O O09 . RHY B 2 .   ? -6.939  -13.697 11.279  0.63 43.15  ? 1201 RHY A O09 1 
HETATM 1238 S S   . SO4 C 3 .   ? -1.490  -6.988  30.567  1.00 32.81  ? 1202 SO4 A S   1 
HETATM 1239 O O1  . SO4 C 3 .   ? -1.768  -7.922  31.607  1.00 34.51  ? 1202 SO4 A O1  1 
HETATM 1240 O O2  . SO4 C 3 .   ? -1.296  -5.642  31.023  1.00 34.84  ? 1202 SO4 A O2  1 
HETATM 1241 O O3  . SO4 C 3 .   ? -2.553  -7.198  29.610  1.00 34.06  ? 1202 SO4 A O3  1 
HETATM 1242 O O4  . SO4 C 3 .   ? -0.252  -7.415  29.924  1.00 41.78  ? 1202 SO4 A O4  1 
HETATM 1243 S S   . SO4 D 3 .   ? -11.005 4.413   -5.586  0.50 34.00  ? 1203 SO4 A S   1 
HETATM 1244 O O1  . SO4 D 3 .   ? -11.903 5.551   -5.477  0.50 34.82  ? 1203 SO4 A O1  1 
HETATM 1245 O O2  . SO4 D 3 .   ? -10.837 3.815   -4.282  0.50 33.38  ? 1203 SO4 A O2  1 
HETATM 1246 O O3  . SO4 D 3 .   ? -9.708  4.847   -6.089  0.50 34.78  ? 1203 SO4 A O3  1 
HETATM 1247 O O4  . SO4 D 3 .   ? -11.561 3.443   -6.496  0.50 33.48  ? 1203 SO4 A O4  1 
HETATM 1248 C C1  . EDO E 4 .   ? 12.121  6.153   -7.778  1.00 30.08  ? 1204 EDO A C1  1 
HETATM 1249 O O1  . EDO E 4 .   ? 13.131  7.157   -7.698  1.00 25.82  ? 1204 EDO A O1  1 
HETATM 1250 C C2  . EDO E 4 .   ? 11.571  5.859   -9.164  1.00 24.20  ? 1204 EDO A C2  1 
HETATM 1251 O O2  . EDO E 4 .   ? 12.512  5.124   -9.918  1.00 26.12  ? 1204 EDO A O2  1 
HETATM 1252 C C1  . EDO F 4 .   ? 17.846  5.994   -5.660  1.00 55.95  ? 1205 EDO A C1  1 
HETATM 1253 O O1  . EDO F 4 .   ? 18.944  6.521   -6.386  1.00 60.13  ? 1205 EDO A O1  1 
HETATM 1254 C C2  . EDO F 4 .   ? 17.047  7.064   -5.024  1.00 59.42  ? 1205 EDO A C2  1 
HETATM 1255 O O2  . EDO F 4 .   ? 17.592  7.536   -3.812  1.00 61.97  ? 1205 EDO A O2  1 
HETATM 1256 C C1  . EDO G 4 .   ? -8.680  -3.659  -6.951  1.00 32.79  ? 1206 EDO A C1  1 
HETATM 1257 O O1  . EDO G 4 .   ? -9.207  -3.004  -5.795  1.00 31.87  ? 1206 EDO A O1  1 
HETATM 1258 C C2  . EDO G 4 .   ? -9.561  -3.693  -8.199  1.00 32.87  ? 1206 EDO A C2  1 
HETATM 1259 O O2  . EDO G 4 .   ? -10.749 -4.413  -7.967  1.00 34.38  ? 1206 EDO A O2  1 
HETATM 1260 O O   . HOH H 5 .   ? -16.264 -7.988  15.690  1.00 47.23  ? 1301 HOH A O   1 
HETATM 1261 O O   . HOH H 5 .   ? 0.073   -9.200  32.411  1.00 33.58  ? 1302 HOH A O   1 
HETATM 1262 O O   . HOH H 5 .   ? 6.362   17.078  -20.406 1.00 49.42  ? 1303 HOH A O   1 
HETATM 1263 O O   . HOH H 5 .   ? -9.567  -4.719  23.817  1.00 46.72  ? 1304 HOH A O   1 
HETATM 1264 O O   . HOH H 5 .   ? -0.324  6.987   -17.269 1.00 45.56  ? 1305 HOH A O   1 
HETATM 1265 O O   . HOH H 5 .   ? 16.410  -0.778  0.774   1.00 35.86  ? 1306 HOH A O   1 
HETATM 1266 O O   . HOH H 5 .   ? 11.323  8.755   -20.828 1.00 40.18  ? 1307 HOH A O   1 
HETATM 1267 O O   . HOH H 5 .   ? -1.050  -15.314 -0.105  1.00 48.49  ? 1308 HOH A O   1 
HETATM 1268 O O   . HOH H 5 .   ? -4.609  10.889  -8.053  1.00 62.84  ? 1309 HOH A O   1 
HETATM 1269 O O   . HOH H 5 .   ? 10.746  -7.001  -5.984  1.00 48.28  ? 1310 HOH A O   1 
HETATM 1270 O O   . HOH H 5 .   ? -10.046 -9.247  19.077  1.00 34.86  ? 1311 HOH A O   1 
HETATM 1271 O O   . HOH H 5 .   ? -10.907 -1.411  17.909  1.00 40.92  ? 1312 HOH A O   1 
HETATM 1272 O O   . HOH H 5 .   ? -11.098 4.652   4.306   1.00 32.47  ? 1313 HOH A O   1 
HETATM 1273 O O   . HOH H 5 .   ? -6.868  -13.737 19.130  0.63 44.19  ? 1314 HOH A O   1 
HETATM 1274 O O   . HOH H 5 .   ? 0.652   -7.070  -13.458 1.00 46.61  ? 1315 HOH A O   1 
HETATM 1275 O O   . HOH H 5 .   ? -6.101  2.035   13.705  1.00 43.82  ? 1316 HOH A O   1 
HETATM 1276 O O   . HOH H 5 .   ? -0.833  7.728   4.567   1.00 30.33  ? 1317 HOH A O   1 
HETATM 1277 O O   . HOH H 5 .   ? -4.818  -15.146 10.953  0.63 40.25  ? 1318 HOH A O   1 
HETATM 1278 O O   . HOH H 5 .   ? -2.052  -13.482 15.085  0.63 30.51  ? 1319 HOH A O   1 
HETATM 1279 O O   . HOH H 5 .   ? 2.047   19.025  -16.298 1.00 38.92  ? 1320 HOH A O   1 
HETATM 1280 O O   . HOH H 5 .   ? -11.426 0.668   -1.617  1.00 24.98  ? 1321 HOH A O   1 
HETATM 1281 O O   . HOH H 5 .   ? 2.161   22.170  -8.555  1.00 38.02  ? 1322 HOH A O   1 
HETATM 1282 O O   . HOH H 5 .   ? 8.222   -3.245  -20.064 1.00 27.48  ? 1323 HOH A O   1 
HETATM 1283 O O   . HOH H 5 .   ? -9.494  -14.079 0.396   1.00 45.12  ? 1324 HOH A O   1 
HETATM 1284 O O   . HOH H 5 .   ? 8.187   -2.288  12.995  1.00 40.55  ? 1325 HOH A O   1 
HETATM 1285 O O   . HOH H 5 .   ? 1.981   3.764   -20.290 1.00 71.30  ? 1326 HOH A O   1 
HETATM 1286 O O   . HOH H 5 .   ? -0.567  16.827  -17.441 1.00 51.95  ? 1327 HOH A O   1 
HETATM 1287 O O   . HOH H 5 .   ? -4.717  6.103   -2.297  1.00 37.53  ? 1328 HOH A O   1 
HETATM 1288 O O   . HOH H 5 .   ? -13.123 -3.289  -7.644  1.00 26.73  ? 1329 HOH A O   1 
HETATM 1289 O O   . HOH H 5 .   ? -7.463  -5.892  9.376   0.63 23.83  ? 1330 HOH A O   1 
HETATM 1290 O O   . HOH H 5 .   ? -0.091  16.238  -6.100  1.00 57.28  ? 1331 HOH A O   1 
HETATM 1291 O O   . HOH H 5 .   ? -17.033 -9.787  6.936   0.51 37.15  ? 1332 HOH A O   1 
HETATM 1292 O O   . HOH H 5 .   ? 14.433  8.017   -12.097 1.00 24.32  ? 1333 HOH A O   1 
HETATM 1293 O O   . HOH H 5 .   ? 1.846   21.616  -11.484 1.00 34.36  ? 1334 HOH A O   1 
HETATM 1294 O O   . HOH H 5 .   ? 10.247  2.937   8.774   1.00 25.36  ? 1335 HOH A O   1 
HETATM 1295 O O   . HOH H 5 .   ? -16.820 -3.242  4.630   1.00 34.04  ? 1336 HOH A O   1 
HETATM 1296 O O   . HOH H 5 .   ? -13.393 1.602   -5.837  1.00 21.72  ? 1337 HOH A O   1 
HETATM 1297 O O   . HOH H 5 .   ? -5.436  -1.322  18.537  1.00 31.27  ? 1338 HOH A O   1 
HETATM 1298 O O   . HOH H 5 .   ? -15.082 -5.894  0.884   1.00 47.23  ? 1339 HOH A O   1 
HETATM 1299 O O   . HOH H 5 .   ? -4.741  5.488   5.131   1.00 23.06  ? 1340 HOH A O   1 
HETATM 1300 O O   . HOH H 5 .   ? -8.579  3.440   -13.154 1.00 54.01  ? 1341 HOH A O   1 
HETATM 1301 O O   . HOH H 5 .   ? -9.114  -6.382  1.025   1.00 25.17  ? 1342 HOH A O   1 
HETATM 1302 O O   . HOH H 5 .   ? 11.162  -9.580  1.036   1.00 32.87  ? 1343 HOH A O   1 
HETATM 1303 O O   . HOH H 5 .   ? -5.373  7.367   -13.482 1.00 51.70  ? 1344 HOH A O   1 
HETATM 1304 O O   . HOH H 5 .   ? 1.761   -12.725 20.725  1.00 25.72  ? 1345 HOH A O   1 
HETATM 1305 O O   . HOH H 5 .   ? -10.732 3.336   -11.879 1.00 49.97  ? 1346 HOH A O   1 
HETATM 1306 O O   . HOH H 5 .   ? 15.303  3.721   5.130   1.00 30.31  ? 1347 HOH A O   1 
HETATM 1307 O O   . HOH H 5 .   ? 11.634  -5.495  7.796   1.00 33.08  ? 1348 HOH A O   1 
HETATM 1308 O O   . HOH H 5 .   ? -7.948  -11.081 24.863  1.00 44.42  ? 1349 HOH A O   1 
HETATM 1309 O O   . HOH H 5 .   ? 3.671   -16.804 7.810   1.00 41.53  ? 1350 HOH A O   1 
HETATM 1310 O O   . HOH H 5 .   ? -0.215  12.896  -3.733  1.00 34.58  ? 1351 HOH A O   1 
HETATM 1311 O O   . HOH H 5 .   ? 4.253   -6.838  -7.320  1.00 42.17  ? 1352 HOH A O   1 
HETATM 1312 O O   . HOH H 5 .   ? 12.069  18.237  -4.661  1.00 39.30  ? 1353 HOH A O   1 
HETATM 1313 O O   . HOH H 5 .   ? 6.514   21.559  -12.703 1.00 25.30  ? 1354 HOH A O   1 
HETATM 1314 O O   . HOH H 5 .   ? -8.287  3.094   -1.110  1.00 23.44  ? 1355 HOH A O   1 
HETATM 1315 O O   . HOH H 5 .   ? -3.480  -6.605  -12.465 1.00 27.24  ? 1356 HOH A O   1 
HETATM 1316 O O   . HOH H 5 .   ? -9.152  -10.665 16.499  0.63 30.73  ? 1357 HOH A O   1 
HETATM 1317 O O   . HOH H 5 .   ? -7.378  5.019   -4.647  1.00 30.95  ? 1358 HOH A O   1 
HETATM 1318 O O   . HOH H 5 .   ? -8.342  -5.288  5.236   0.63 20.68  ? 1359 HOH A O   1 
HETATM 1319 O O   . HOH H 5 .   ? 6.316   23.473  -6.313  1.00 36.09  ? 1360 HOH A O   1 
HETATM 1320 O O   . HOH H 5 .   ? 3.138   -13.961 -1.505  1.00 36.92  ? 1361 HOH A O   1 
HETATM 1321 O O   . HOH H 5 .   ? -19.992 -2.193  6.549   1.00 50.63  ? 1362 HOH A O   1 
HETATM 1322 O O   . HOH H 5 .   ? -2.306  -16.390 6.377   0.63 36.65  ? 1363 HOH A O   1 
HETATM 1323 O O   . HOH H 5 .   ? 10.652  11.128  -15.364 1.00 26.43  ? 1364 HOH A O   1 
HETATM 1324 O O   . HOH H 5 .   ? -8.639  1.732   9.417   1.00 23.82  ? 1365 HOH A O   1 
HETATM 1325 O O   . HOH H 5 .   ? -7.384  5.100   11.522  1.00 57.85  ? 1366 HOH A O   1 
HETATM 1326 O O   . HOH H 5 .   ? -4.484  -13.076 27.449  1.00 28.46  ? 1367 HOH A O   1 
HETATM 1327 O O   . HOH H 5 .   ? 8.421   -3.847  -11.168 1.00 17.01  ? 1368 HOH A O   1 
HETATM 1328 O O   . HOH H 5 .   ? -5.859  -9.333  4.729   1.00 31.51  ? 1369 HOH A O   1 
HETATM 1329 O O   . HOH H 5 .   ? -5.080  -2.056  21.172  1.00 38.86  ? 1370 HOH A O   1 
HETATM 1330 O O   . HOH H 5 .   ? 6.578   -0.051  15.150  1.00 61.73  ? 1371 HOH A O   1 
HETATM 1331 O O   . HOH H 5 .   ? -5.003  -6.916  4.898   0.63 19.11  ? 1372 HOH A O   1 
HETATM 1332 O O   . HOH H 5 .   ? 13.439  2.613   -9.116  1.00 18.26  ? 1373 HOH A O   1 
HETATM 1333 O O   . HOH H 5 .   ? -5.222  4.572   7.628   1.00 25.62  ? 1374 HOH A O   1 
HETATM 1334 O O   . HOH H 5 .   ? 14.912  2.973   -6.905  1.00 22.95  ? 1375 HOH A O   1 
HETATM 1335 O O   . HOH H 5 .   ? -7.639  -7.754  -6.954  1.00 34.78  ? 1376 HOH A O   1 
HETATM 1336 O O   . HOH H 5 .   ? 0.170   -3.666  29.670  1.00 51.24  ? 1377 HOH A O   1 
HETATM 1337 O O   . HOH H 5 .   ? -10.639 5.479   -10.302 1.00 46.17  ? 1378 HOH A O   1 
HETATM 1338 O O   . HOH H 5 .   ? 6.711   -4.338  14.644  1.00 28.25  ? 1379 HOH A O   1 
HETATM 1339 O O   . HOH H 5 .   ? 9.298   14.762  -2.609  1.00 35.87  ? 1380 HOH A O   1 
HETATM 1340 O O   . HOH H 5 .   ? 11.514  -0.552  -6.425  1.00 35.48  ? 1381 HOH A O   1 
HETATM 1341 O O   . HOH H 5 .   ? -16.801 0.089   12.807  1.00 45.40  ? 1382 HOH A O   1 
HETATM 1342 O O   . HOH H 5 .   ? 3.878   -13.516 2.694   1.00 25.23  ? 1383 HOH A O   1 
HETATM 1343 O O   . HOH H 5 .   ? 1.808   6.060   -18.199 1.00 29.10  ? 1384 HOH A O   1 
HETATM 1344 O O   . HOH H 5 .   ? -7.706  -8.638  -4.511  1.00 41.97  ? 1385 HOH A O   1 
HETATM 1345 O O   . HOH H 5 .   ? -12.271 -6.604  20.883  1.00 36.70  ? 1386 HOH A O   1 
HETATM 1346 O O   . HOH H 5 .   ? 10.415  -12.922 7.137   1.00 48.26  ? 1387 HOH A O   1 
HETATM 1347 O O   . HOH H 5 .   ? 17.794  8.786   -8.328  1.00 33.41  ? 1388 HOH A O   1 
HETATM 1348 O O   . HOH H 5 .   ? -9.974  -0.322  -6.333  1.00 27.01  ? 1389 HOH A O   1 
HETATM 1349 O O   . HOH H 5 .   ? 9.664   7.077   3.932   1.00 30.75  ? 1390 HOH A O   1 
HETATM 1350 O O   . HOH H 5 .   ? 1.278   -13.322 8.479   1.00 26.91  ? 1391 HOH A O   1 
HETATM 1351 O O   . HOH H 5 .   ? -5.315  -5.629  7.525   0.63 20.92  ? 1392 HOH A O   1 
HETATM 1352 O O   . HOH H 5 .   ? -18.313 -0.525  3.863   1.00 30.00  ? 1393 HOH A O   1 
HETATM 1353 O O   . HOH H 5 .   ? -2.360  -2.422  -16.797 1.00 41.21  ? 1394 HOH A O   1 
HETATM 1354 O O   . HOH H 5 .   ? -4.314  -15.676 21.482  1.00 41.85  ? 1395 HOH A O   1 
HETATM 1355 O O   . HOH H 5 .   ? 2.020   -5.975  19.531  1.00 34.01  ? 1396 HOH A O   1 
HETATM 1356 O O   . HOH H 5 .   ? -5.142  -4.529  24.445  1.00 34.24  ? 1397 HOH A O   1 
HETATM 1357 O O   . HOH H 5 .   ? -6.944  -13.523 3.884   1.00 43.82  ? 1398 HOH A O   1 
HETATM 1358 O O   . HOH H 5 .   ? 8.610   3.594   -20.133 0.50 36.51  ? 1399 HOH A O   1 
HETATM 1359 O O   . HOH H 5 .   ? -0.296  -10.533 -2.350  1.00 35.67  ? 1400 HOH A O   1 
HETATM 1360 O O   . HOH H 5 .   ? 2.345   5.907   8.935   1.00 34.88  ? 1401 HOH A O   1 
HETATM 1361 O O   . HOH H 5 .   ? -1.183  3.132   9.518   1.00 32.33  ? 1402 HOH A O   1 
HETATM 1362 O O   . HOH H 5 .   ? 0.388   9.007   2.412   1.00 27.90  ? 1403 HOH A O   1 
HETATM 1363 O O   . HOH H 5 .   ? -11.321 8.176   -4.446  1.00 41.93  ? 1404 HOH A O   1 
HETATM 1364 O O   . HOH H 5 .   ? 16.114  11.900  -2.639  1.00 33.36  ? 1405 HOH A O   1 
HETATM 1365 O O   . HOH H 5 .   ? -3.480  -8.949  -7.801  1.00 29.76  ? 1406 HOH A O   1 
HETATM 1366 O O   . HOH H 5 .   ? 7.084   15.503  -2.959  1.00 42.95  ? 1407 HOH A O   1 
HETATM 1367 O O   . HOH H 5 .   ? -11.589 0.734   7.058   1.00 20.08  ? 1408 HOH A O   1 
HETATM 1368 O O   . HOH H 5 .   ? -6.407  4.974   1.252   1.00 33.11  ? 1409 HOH A O   1 
HETATM 1369 O O   . HOH H 5 .   ? -0.969  3.160   -10.354 1.00 18.91  ? 1410 HOH A O   1 
HETATM 1370 O O   . HOH H 5 .   ? -5.879  -12.988 6.214   0.63 34.00  ? 1411 HOH A O   1 
HETATM 1371 O O   . HOH H 5 .   ? -9.470  -14.717 6.081   1.00 40.47  ? 1412 HOH A O   1 
HETATM 1372 O O   . HOH H 5 .   ? -6.911  7.525   -8.920  1.00 41.38  ? 1413 HOH A O   1 
HETATM 1373 O O   . HOH H 5 .   ? -2.456  -5.219  24.460  1.00 29.57  ? 1414 HOH A O   1 
HETATM 1374 O O   . HOH H 5 .   ? -0.300  -11.644 25.094  1.00 26.43  ? 1415 HOH A O   1 
HETATM 1375 O O   . HOH H 5 .   ? 15.417  4.500   -12.823 1.00 19.50  ? 1416 HOH A O   1 
HETATM 1376 O O   . HOH H 5 .   ? -5.377  6.650   -5.190  1.00 27.91  ? 1417 HOH A O   1 
HETATM 1377 O O   . HOH H 5 .   ? 6.682   -16.314 0.888   1.00 54.98  ? 1418 HOH A O   1 
HETATM 1378 O O   . HOH H 5 .   ? -5.128  0.427   -16.774 1.00 40.70  ? 1419 HOH A O   1 
HETATM 1379 O O   . HOH H 5 .   ? -5.557  -4.645  -12.442 1.00 26.25  ? 1420 HOH A O   1 
HETATM 1380 O O   . HOH H 5 .   ? 2.734   9.102   3.678   1.00 33.33  ? 1421 HOH A O   1 
HETATM 1381 O O   . HOH H 5 .   ? -5.099  -6.641  30.977  1.00 38.94  ? 1422 HOH A O   1 
HETATM 1382 O O   . HOH H 5 .   ? 0.018   12.798  -21.404 1.00 54.74  ? 1423 HOH A O   1 
HETATM 1383 O O   . HOH H 5 .   ? 2.948   19.117  -20.030 1.00 45.52  ? 1424 HOH A O   1 
HETATM 1384 O O   . HOH H 5 .   ? 11.168  -5.379  11.360  1.00 44.62  ? 1425 HOH A O   1 
HETATM 1385 O O   . HOH H 5 .   ? 3.927   1.644   16.216  1.00 47.82  ? 1426 HOH A O   1 
HETATM 1386 O O   . HOH H 5 .   ? 4.420   14.490  -26.129 1.00 55.38  ? 1427 HOH A O   1 
HETATM 1387 O O   . HOH H 5 .   ? -3.991  6.631   -17.164 1.00 55.21  ? 1428 HOH A O   1 
HETATM 1388 O O   . HOH H 5 .   ? -11.391 -9.491  16.741  1.00 50.03  ? 1429 HOH A O   1 
HETATM 1389 O O   . HOH H 5 .   ? 15.563  7.465   -9.389  1.00 37.94  ? 1430 HOH A O   1 
HETATM 1390 O O   . HOH H 5 .   ? 14.270  -5.061  1.092   1.00 48.56  ? 1431 HOH A O   1 
HETATM 1391 O O   . HOH H 5 .   ? -4.095  -13.111 3.288   1.00 40.55  ? 1432 HOH A O   1 
HETATM 1392 O O   . HOH H 5 .   ? 17.785  14.174  -7.144  1.00 47.91  ? 1433 HOH A O   1 
HETATM 1393 O O   . HOH H 5 .   ? -0.284  5.403   -12.934 1.00 24.39  ? 1434 HOH A O   1 
HETATM 1394 O O   . HOH H 5 .   ? 9.133   -8.291  12.948  1.00 24.40  ? 1435 HOH A O   1 
HETATM 1395 O O   . HOH H 5 .   ? -8.919  5.556   1.463   1.00 58.46  ? 1436 HOH A O   1 
HETATM 1396 O O   . HOH H 5 .   ? -0.932  -12.797 12.294  0.63 26.55  ? 1437 HOH A O   1 
HETATM 1397 O O   . HOH H 5 .   ? 10.483  -14.241 4.617   1.00 34.72  ? 1438 HOH A O   1 
HETATM 1398 O O   . HOH H 5 .   ? 13.589  -6.777  -0.011  1.00 32.44  ? 1439 HOH A O   1 
HETATM 1399 O O   . HOH H 5 .   ? -3.262  -3.340  30.682  1.00 46.17  ? 1440 HOH A O   1 
HETATM 1400 O O   . HOH H 5 .   ? -21.867 1.256   7.356   1.00 34.81  ? 1441 HOH A O   1 
HETATM 1401 O O   . HOH H 5 .   ? 12.493  9.371   -0.230  1.00 48.26  ? 1442 HOH A O   1 
HETATM 1402 O O   . HOH H 5 .   ? -13.231 0.960   9.339   1.00 27.57  ? 1443 HOH A O   1 
HETATM 1403 O O   . HOH H 5 .   ? -10.081 -7.396  -8.356  1.00 35.71  ? 1444 HOH A O   1 
HETATM 1404 O O   . HOH H 5 .   ? 7.298   4.225   9.690   1.00 52.73  ? 1445 HOH A O   1 
HETATM 1405 O O   . HOH H 5 .   ? -0.689  3.125   11.894  1.00 42.42  ? 1446 HOH A O   1 
HETATM 1406 O O   . HOH H 5 .   ? 0.778   -8.592  -3.938  1.00 42.06  ? 1447 HOH A O   1 
HETATM 1407 O O   . HOH H 5 .   ? 9.968   -7.296  3.231   1.00 35.18  ? 1448 HOH A O   1 
HETATM 1408 O O   . HOH H 5 .   ? -3.444  -15.798 2.691   1.00 62.32  ? 1449 HOH A O   1 
HETATM 1409 O O   . HOH H 5 .   ? 10.402  12.035  -18.071 1.00 41.11  ? 1450 HOH A O   1 
HETATM 1410 O O   . HOH H 5 .   ? 7.824   14.502  -17.121 1.00 45.87  ? 1451 HOH A O   1 
HETATM 1411 O O   . HOH H 5 .   ? 1.333   8.124   8.055   1.00 67.51  ? 1452 HOH A O   1 
HETATM 1412 O O   . HOH H 5 .   ? -4.181  11.999  -15.111 1.00 53.89  ? 1453 HOH A O   1 
HETATM 1413 O O   . HOH H 5 .   ? 2.143   -17.740 12.517  1.00 46.28  ? 1454 HOH A O   1 
HETATM 1414 O O   . HOH H 5 .   ? -9.103  -7.340  3.663   1.00 27.66  ? 1455 HOH A O   1 
HETATM 1415 O O   . HOH H 5 .   ? 9.882   -3.219  10.493  1.00 40.26  ? 1456 HOH A O   1 
HETATM 1416 O O   . HOH H 5 .   ? -8.147  -7.230  26.335  1.00 25.24  ? 1457 HOH A O   1 
HETATM 1417 O O   . HOH H 5 .   ? -13.204 4.922   -9.541  1.00 35.58  ? 1458 HOH A O   1 
HETATM 1418 O O   . HOH H 5 .   ? 16.555  0.986   5.465   1.00 57.04  ? 1459 HOH A O   1 
HETATM 1419 O O   . HOH H 5 .   ? -0.138  -1.875  18.434  1.00 42.67  ? 1460 HOH A O   1 
HETATM 1420 O O   . HOH H 5 .   ? 7.406   19.690  -1.102  1.00 63.55  ? 1461 HOH A O   1 
HETATM 1421 O O   . HOH H 5 .   ? 19.079  -2.285  0.700   1.00 47.60  ? 1462 HOH A O   1 
HETATM 1422 O O   . HOH H 5 .   ? 8.305   6.820   -25.085 1.00 68.26  ? 1463 HOH A O   1 
HETATM 1423 O O   . HOH H 5 .   ? 14.974  -0.495  3.784   1.00 45.42  ? 1464 HOH A O   1 
HETATM 1424 O O   . HOH H 5 .   ? 7.958   -6.221  -9.656  1.00 28.78  ? 1465 HOH A O   1 
HETATM 1425 O O   . HOH H 5 .   ? -0.328  -1.955  21.387  1.00 69.33  ? 1466 HOH A O   1 
HETATM 1426 O O   . HOH H 5 .   ? -3.461  -8.519  -10.636 1.00 36.96  ? 1467 HOH A O   1 
HETATM 1427 O O   . HOH H 5 .   ? -0.445  22.983  -12.288 1.00 46.56  ? 1468 HOH A O   1 
HETATM 1428 O O   . HOH H 5 .   ? -1.371  7.125   -14.934 1.00 32.44  ? 1469 HOH A O   1 
HETATM 1429 O O   . HOH H 5 .   ? -5.353  -3.807  -15.101 1.00 27.47  ? 1470 HOH A O   1 
HETATM 1430 O O   . HOH H 5 .   ? 2.509   -3.672  18.027  1.00 43.96  ? 1471 HOH A O   1 
HETATM 1431 O O   . HOH H 5 .   ? 11.685  -1.251  9.450   1.00 39.19  ? 1472 HOH A O   1 
HETATM 1432 O O   . HOH H 5 .   ? -0.990  -10.292 -6.588  1.00 64.78  ? 1473 HOH A O   1 
HETATM 1433 O O   . HOH H 5 .   ? -7.706  0.239   18.585  1.00 58.31  ? 1474 HOH A O   1 
HETATM 1434 O O   . HOH H 5 .   ? 11.571  5.099   7.483   1.00 32.29  ? 1475 HOH A O   1 
HETATM 1435 O O   . HOH H 5 .   ? 1.273   -16.434 8.861   0.63 45.00  ? 1476 HOH A O   1 
HETATM 1436 O O   . HOH H 5 .   ? -6.507  -15.788 23.633  1.00 50.27  ? 1477 HOH A O   1 
HETATM 1437 O O   . HOH H 5 .   ? 17.398  5.638   4.216   1.00 40.84  ? 1478 HOH A O   1 
HETATM 1438 O O   . HOH H 5 .   ? 13.224  -6.366  11.281  1.00 66.50  ? 1479 HOH A O   1 
HETATM 1439 O O   . HOH H 5 .   ? 10.756  8.846   2.119   1.00 54.47  ? 1480 HOH A O   1 
HETATM 1440 O O   . HOH H 5 .   ? 11.580  -12.337 2.052   1.00 48.43  ? 1481 HOH A O   1 
HETATM 1441 O O   . HOH H 5 .   ? 9.533   -5.898  13.933  1.00 32.56  ? 1482 HOH A O   1 
HETATM 1442 O O   . HOH H 5 .   ? 5.033   5.380   9.556   1.00 52.92  ? 1483 HOH A O   1 
HETATM 1443 O O   . HOH H 5 .   ? 11.827  1.735   10.391  1.00 36.12  ? 1484 HOH A O   1 
HETATM 1444 O O   . HOH H 5 .   ? 13.583  -2.090  5.043   1.00 57.86  ? 1485 HOH A O   1 
HETATM 1445 O O   . HOH H 5 .   ? -2.710  -0.289  18.467  1.00 44.16  ? 1486 HOH A O   1 
HETATM 1446 O O   . HOH H 5 .   ? -7.940  5.440   7.866   1.00 48.29  ? 1487 HOH A O   1 
HETATM 1447 O O   . HOH H 5 .   ? -7.027  6.001   3.782   1.00 39.66  ? 1488 HOH A O   1 
HETATM 1448 O O   . HOH H 5 .   ? 5.901   -17.270 9.769   1.00 48.18  ? 1489 HOH A O   1 
HETATM 1449 O O   . HOH H 5 .   ? -11.519 -3.124  23.342  1.00 56.01  ? 1490 HOH A O   1 
HETATM 1450 O O   . HOH H 5 .   ? 6.467   -2.651  16.659  1.00 57.34  ? 1491 HOH A O   1 
HETATM 1451 O O   . HOH H 5 .   ? 12.170  0.015   -9.042  1.00 21.00  ? 1492 HOH A O   1 
HETATM 1452 O O   . HOH H 5 .   ? -3.232  7.781   5.618   1.00 30.62  ? 1493 HOH A O   1 
HETATM 1453 O O   . HOH H 5 .   ? 10.356  7.394   6.718   1.00 38.37  ? 1494 HOH A O   1 
HETATM 1454 O O   . HOH H 5 .   ? 12.894  -6.176  5.261   1.00 59.03  ? 1495 HOH A O   1 
HETATM 1455 O O   . HOH H 5 .   ? -0.523  3.205   -20.589 1.00 54.47  ? 1496 HOH A O   1 
HETATM 1456 O O   . HOH H 5 .   ? -3.010  5.714   9.411   1.00 47.54  ? 1497 HOH A O   1 
HETATM 1457 O O   . HOH H 5 .   ? 4.188   -9.475  -6.553  1.00 47.05  ? 1498 HOH A O   1 
HETATM 1458 O O   . HOH H 5 .   ? -11.743 3.419   6.554   1.00 28.33  ? 1499 HOH A O   1 
HETATM 1459 O O   . HOH H 5 .   ? 9.638   -14.621 9.409   1.00 49.70  ? 1500 HOH A O   1 
HETATM 1460 O O   . HOH H 5 .   ? -6.787  -2.491  -16.796 1.00 33.19  ? 1501 HOH A O   1 
HETATM 1461 O O   . HOH H 5 .   ? -9.706  4.071   8.489   1.00 31.47  ? 1502 HOH A O   1 
HETATM 1462 O O   . HOH H 5 .   ? 13.261  -1.861  7.652   1.00 45.42  ? 1503 HOH A O   1 
HETATM 1463 O O   . HOH H 5 .   ? -9.589  1.997   -15.810 1.00 48.38  ? 1504 HOH A O   1 
HETATM 1464 O O   . HOH H 5 .   ? 3.013   -6.737  -9.843  1.00 38.20  ? 1505 HOH A O   1 
HETATM 1465 O O   . HOH H 5 .   ? 0.843   -12.956 -2.705  1.00 44.01  ? 1506 HOH A O   1 
HETATM 1466 O O   . HOH H 5 .   ? 10.111  11.847  -1.161  1.00 44.56  ? 1507 HOH A O   1 
HETATM 1467 O O   . HOH H 5 .   ? 4.283   -16.077 2.496   1.00 40.00  ? 1508 HOH A O   1 
HETATM 1468 O O   . HOH H 5 .   ? -14.312 3.158   9.765   1.00 60.15  ? 1509 HOH A O   1 
HETATM 1469 O O   . HOH H 5 .   ? 1.786   -11.474 23.360  1.00 25.38  ? 1510 HOH A O   1 
HETATM 1470 O O   . HOH H 5 .   ? 19.819  9.198   -10.045 1.00 52.33  ? 1511 HOH A O   1 
HETATM 1471 O O   . HOH H 5 .   ? -0.410  -9.609  -11.281 1.00 57.20  ? 1512 HOH A O   1 
HETATM 1472 O O   . HOH H 5 .   ? 14.381  4.437   7.593   1.00 34.73  ? 1513 HOH A O   1 
HETATM 1473 O O   . HOH H 5 .   ? -9.029  5.884   5.304   1.00 46.05  ? 1514 HOH A O   1 
HETATM 1474 O O   . HOH H 5 .   ? -3.371  3.335   13.062  1.00 55.96  ? 1515 HOH A O   1 
HETATM 1475 O O   . HOH H 5 .   ? 12.136  -6.062  2.803   1.00 41.00  ? 1516 HOH A O   1 
HETATM 1476 O O   . HOH H 5 .   ? -5.097  -15.601 7.335   1.00 52.41  ? 1517 HOH A O   1 
HETATM 1477 O O   . HOH H 5 .   ? -4.467  5.613   12.191  1.00 58.42  ? 1518 HOH A O   1 
HETATM 1478 O O   . HOH H 5 .   ? -5.366  12.895  -13.095 1.00 53.63  ? 1519 HOH A O   1 
HETATM 1479 O O   . HOH H 5 .   ? 0.433   0.264   17.515  1.00 58.14  ? 1520 HOH A O   1 
HETATM 1480 O O   . HOH H 5 .   ? -14.052 4.625   7.549   1.00 40.02  ? 1521 HOH A O   1 
HETATM 1481 O O   . HOH H 5 .   ? 14.426  2.130   9.543   1.00 45.14  ? 1522 HOH A O   1 
HETATM 1482 O O   . HOH H 5 .   ? 15.473  0.134   8.159   1.00 48.33  ? 1523 HOH A O   1 
HETATM 1483 O O   . HOH H 5 .   ? 0.985   -10.120 -8.484  1.00 61.25  ? 1524 HOH A O   1 
# 
